data_9GF0
#
_entry.id   9GF0
#
_cell.length_a   1.00
_cell.length_b   1.00
_cell.length_c   1.00
_cell.angle_alpha   90.00
_cell.angle_beta   90.00
_cell.angle_gamma   90.00
#
_symmetry.space_group_name_H-M   'P 1'
#
loop_
_entity.id
_entity.type
_entity.pdbx_description
1 polymer 'Major outer membrane protein'
2 water water
#
_entity_poly.entity_id   1
_entity_poly.type   'polypeptide(L)'
_entity_poly.pdbx_seq_one_letter_code
;SKARVEALANSRHVLDFQTAFDRPYQFMALSEQATIEWGNTGDANPHAEGGFVKRHGDDSAFGAYFGRRSADFSEAVQTV
RDASSHHHHHHGSSNPAFADLMFEQNGLNLFYASKMGEWTWGVTAKYSNGKNEDPTVGTKATSAGVAVAASNGTWDFELV
QGFTGKSELDNGTVTAEVESKGLTNVTVGYHMSPEMEVYGNVKMSKVEADLNGTPIEVETTSYKVGMVNTLAKSEEGNFF
YGVEVASTKVKDDSESLLLPVYMGVEHNAASWLVLRASVAQNVILNETKDDATGNKTDEDSTRMAAGAGIKFGKSVIDAS
FAGSTTGVINANNLFSQVAYTYTF
;
_entity_poly.pdbx_strand_id   A,B,C,D,E
#
# COMPACT_ATOMS: atom_id res chain seq x y z
N SER A 1 -3.24 26.86 1.49
CA SER A 1 -2.68 25.61 1.01
C SER A 1 -2.37 25.71 -0.47
N LYS A 2 -1.11 25.54 -0.84
CA LYS A 2 -0.70 25.64 -2.25
C LYS A 2 -1.50 24.62 -3.08
N ALA A 3 -1.63 23.40 -2.59
CA ALA A 3 -2.36 22.33 -3.29
C ALA A 3 -3.85 22.64 -3.37
N ARG A 4 -4.37 23.59 -2.60
CA ARG A 4 -5.80 23.98 -2.75
C ARG A 4 -5.86 24.96 -3.90
N VAL A 5 -5.10 26.03 -3.80
CA VAL A 5 -5.12 27.04 -4.86
C VAL A 5 -4.74 26.42 -6.19
N GLU A 6 -4.00 25.31 -6.19
CA GLU A 6 -3.67 24.64 -7.44
C GLU A 6 -4.82 23.80 -7.98
N ALA A 7 -5.63 23.22 -7.10
CA ALA A 7 -6.77 22.42 -7.53
C ALA A 7 -7.93 23.26 -8.03
N LEU A 8 -7.90 24.56 -7.78
CA LEU A 8 -8.92 25.47 -8.28
C LEU A 8 -8.40 26.34 -9.41
N ALA A 9 -7.32 25.91 -10.06
CA ALA A 9 -6.76 26.57 -11.24
C ALA A 9 -6.36 28.02 -10.96
N ASN A 10 -5.95 28.29 -9.72
CA ASN A 10 -5.49 29.62 -9.31
C ASN A 10 -6.53 30.69 -9.64
N SER A 11 -7.81 30.33 -9.46
CA SER A 11 -8.89 31.24 -9.78
C SER A 11 -8.84 32.47 -8.89
N ARG A 12 -9.25 33.61 -9.45
CA ARG A 12 -9.18 34.86 -8.70
C ARG A 12 -10.22 34.93 -7.58
N HIS A 13 -11.19 34.05 -7.58
CA HIS A 13 -12.30 34.10 -6.62
C HIS A 13 -12.00 33.39 -5.31
N VAL A 14 -10.85 32.74 -5.18
CA VAL A 14 -10.54 31.94 -4.01
C VAL A 14 -9.84 32.80 -2.97
N LEU A 15 -10.01 32.41 -1.71
CA LEU A 15 -9.45 33.12 -0.56
C LEU A 15 -8.62 32.14 0.24
N ASP A 16 -7.31 32.31 0.21
CA ASP A 16 -6.37 31.39 0.84
C ASP A 16 -5.21 32.20 1.41
N PHE A 17 -4.18 31.51 1.91
CA PHE A 17 -3.04 32.20 2.50
C PHE A 17 -2.15 32.84 1.45
N GLN A 18 -1.86 32.14 0.35
CA GLN A 18 -0.97 32.70 -0.67
C GLN A 18 -1.67 33.76 -1.50
N THR A 19 -2.95 33.52 -1.82
CA THR A 19 -3.76 34.54 -2.46
C THR A 19 -3.79 35.81 -1.61
N ALA A 20 -3.72 35.67 -0.30
CA ALA A 20 -3.58 36.83 0.58
C ALA A 20 -2.16 37.37 0.59
N PHE A 21 -1.17 36.51 0.37
CA PHE A 21 0.21 37.01 0.25
C PHE A 21 0.32 38.06 -0.82
N ASP A 22 -0.21 37.78 -2.00
CA ASP A 22 -0.12 38.77 -3.07
C ASP A 22 -1.24 39.79 -3.06
N ARG A 23 -2.27 39.60 -2.23
CA ARG A 23 -3.37 40.54 -2.08
C ARG A 23 -3.58 40.77 -0.58
N PRO A 24 -2.78 41.66 0.02
CA PRO A 24 -2.77 41.75 1.50
C PRO A 24 -4.06 42.23 2.12
N TYR A 25 -4.96 42.83 1.34
CA TYR A 25 -6.26 43.21 1.89
C TYR A 25 -7.09 41.99 2.31
N GLN A 26 -6.71 40.79 1.87
CA GLN A 26 -7.43 39.58 2.21
C GLN A 26 -7.09 39.02 3.58
N PHE A 27 -6.01 39.49 4.21
CA PHE A 27 -5.65 39.01 5.54
C PHE A 27 -6.67 39.45 6.58
N MET A 28 -7.34 40.59 6.35
CA MET A 28 -8.40 41.02 7.25
C MET A 28 -9.67 40.20 7.07
N ALA A 29 -9.86 39.59 5.90
CA ALA A 29 -11.00 38.74 5.65
C ALA A 29 -10.74 37.27 5.94
N LEU A 30 -9.47 36.88 6.07
CA LEU A 30 -9.14 35.52 6.45
C LEU A 30 -9.48 35.29 7.92
N SER A 31 -9.93 34.08 8.24
CA SER A 31 -10.10 33.71 9.62
C SER A 31 -8.73 33.50 10.27
N GLU A 32 -8.69 33.64 11.59
CA GLU A 32 -7.45 33.41 12.33
C GLU A 32 -7.03 31.96 12.18
N GLN A 33 -5.75 31.75 11.84
CA GLN A 33 -5.28 30.41 11.51
C GLN A 33 -3.77 30.42 11.48
N ALA A 34 -3.20 29.21 11.44
CA ALA A 34 -1.79 28.98 11.21
C ALA A 34 -1.64 27.75 10.33
N THR A 35 -0.72 27.82 9.36
CA THR A 35 -0.58 26.77 8.36
C THR A 35 0.88 26.38 8.22
N ILE A 36 1.12 25.08 8.07
CA ILE A 36 2.47 24.54 7.87
C ILE A 36 2.48 23.76 6.57
N GLU A 37 3.42 24.09 5.68
CA GLU A 37 3.57 23.43 4.39
C GLU A 37 4.71 22.42 4.48
N TRP A 38 4.39 21.15 4.20
CA TRP A 38 5.35 20.08 4.42
C TRP A 38 6.43 20.08 3.35
N GLY A 39 7.67 19.81 3.77
CA GLY A 39 8.76 19.74 2.83
C GLY A 39 10.08 19.59 3.55
N ASN A 40 11.16 19.71 2.78
CA ASN A 40 12.52 19.60 3.28
C ASN A 40 13.17 20.98 3.37
N THR A 41 14.46 20.97 3.68
CA THR A 41 15.22 22.25 3.77
C THR A 41 16.14 22.35 2.56
N GLY A 42 16.53 23.56 2.19
CA GLY A 42 17.52 23.72 1.11
C GLY A 42 16.88 23.88 -0.25
N ASP A 43 17.65 23.60 -1.30
CA ASP A 43 17.08 23.66 -2.67
C ASP A 43 16.29 22.37 -2.89
N ALA A 44 15.12 22.27 -2.29
CA ALA A 44 14.31 21.03 -2.42
C ALA A 44 12.88 21.38 -2.80
N ASN A 45 12.18 20.48 -3.48
CA ASN A 45 10.78 20.70 -3.78
C ASN A 45 9.99 19.45 -3.41
N PRO A 46 9.00 19.54 -2.52
CA PRO A 46 8.52 20.75 -1.82
C PRO A 46 9.44 21.26 -0.72
N HIS A 47 9.31 22.54 -0.41
CA HIS A 47 10.07 23.21 0.62
C HIS A 47 9.20 23.38 1.86
N ALA A 48 9.84 23.43 3.02
CA ALA A 48 9.12 23.56 4.28
C ALA A 48 8.81 25.03 4.55
N GLU A 49 7.52 25.33 4.76
CA GLU A 49 7.08 26.69 5.01
C GLU A 49 5.91 26.69 5.99
N GLY A 50 5.75 27.80 6.70
CA GLY A 50 4.68 27.93 7.67
C GLY A 50 4.54 29.32 8.27
N GLY A 51 3.35 29.67 8.73
CA GLY A 51 3.10 30.99 9.27
C GLY A 51 1.71 31.09 9.87
N PHE A 52 1.40 32.26 10.42
CA PHE A 52 0.10 32.44 11.13
C PHE A 52 -0.53 33.80 10.80
N VAL A 53 -1.81 33.98 11.14
CA VAL A 53 -2.50 35.29 10.98
C VAL A 53 -3.41 35.47 12.20
N LYS A 54 -3.25 36.57 12.95
CA LYS A 54 -4.04 36.80 14.18
C LYS A 54 -4.65 38.21 14.15
N ARG A 55 -5.81 38.40 14.78
CA ARG A 55 -6.50 39.72 14.79
C ARG A 55 -6.02 40.55 15.98
N HIS A 56 -5.66 41.81 15.75
CA HIS A 56 -5.12 42.69 16.83
C HIS A 56 -6.26 43.42 17.53
N GLY A 57 -7.47 43.33 16.96
CA GLY A 57 -8.65 43.96 17.57
C GLY A 57 -9.88 43.48 16.85
N ASP A 58 -10.75 44.39 16.41
CA ASP A 58 -11.90 43.98 15.56
C ASP A 58 -11.67 44.56 14.16
N ASP A 59 -10.66 45.41 13.99
CA ASP A 59 -10.37 46.03 12.69
C ASP A 59 -8.86 46.08 12.46
N SER A 60 -8.16 44.95 12.64
CA SER A 60 -6.71 44.90 12.35
C SER A 60 -6.26 43.43 12.28
N ALA A 61 -5.09 43.17 11.72
CA ALA A 61 -4.56 41.80 11.61
C ALA A 61 -3.09 41.84 11.24
N PHE A 62 -2.32 40.83 11.63
CA PHE A 62 -0.89 40.78 11.40
C PHE A 62 -0.44 39.33 11.45
N GLY A 63 0.80 39.10 11.04
CA GLY A 63 1.33 37.75 11.05
C GLY A 63 2.72 37.71 10.47
N ALA A 64 3.22 36.49 10.30
CA ALA A 64 4.53 36.24 9.71
C ALA A 64 4.52 34.88 9.03
N TYR A 65 5.46 34.69 8.12
CA TYR A 65 5.57 33.46 7.35
C TYR A 65 7.03 33.13 7.14
N PHE A 66 7.36 31.84 7.21
CA PHE A 66 8.73 31.37 7.06
C PHE A 66 8.85 30.53 5.80
N GLY A 67 9.85 30.85 4.97
CA GLY A 67 10.26 29.96 3.91
C GLY A 67 9.60 30.17 2.56
N ARG A 68 8.83 31.23 2.37
CA ARG A 68 8.22 31.49 1.08
C ARG A 68 9.28 31.91 0.06
N ARG A 69 9.16 31.38 -1.16
CA ARG A 69 10.10 31.64 -2.23
C ARG A 69 9.36 32.21 -3.43
N SER A 70 9.88 33.31 -3.97
CA SER A 70 9.27 33.95 -5.13
C SER A 70 9.57 33.16 -6.39
N ALA A 71 8.58 33.14 -7.31
CA ALA A 71 8.70 32.33 -8.52
C ALA A 71 9.60 32.97 -9.56
N ASP A 72 9.66 34.30 -9.65
CA ASP A 72 10.54 34.95 -10.60
C ASP A 72 12.00 34.66 -10.27
N PHE A 73 12.36 34.71 -8.99
CA PHE A 73 13.71 34.36 -8.55
C PHE A 73 14.01 32.91 -8.87
N SER A 74 13.09 32.01 -8.52
CA SER A 74 13.26 30.58 -8.72
C SER A 74 13.22 30.17 -10.18
N GLU A 75 12.79 31.06 -11.07
CA GLU A 75 12.87 30.80 -12.51
C GLU A 75 14.13 31.37 -13.14
N ALA A 76 14.53 32.59 -12.75
CA ALA A 76 15.75 33.17 -13.28
C ALA A 76 16.97 32.36 -12.85
N VAL A 77 17.04 31.98 -11.56
CA VAL A 77 18.18 31.20 -11.10
C VAL A 77 18.17 29.83 -11.77
N GLN A 78 16.99 29.26 -11.99
CA GLN A 78 16.93 27.95 -12.65
C GLN A 78 17.40 28.01 -14.09
N THR A 79 16.99 29.04 -14.85
CA THR A 79 17.44 29.10 -16.24
C THR A 79 18.92 29.42 -16.32
N VAL A 80 19.46 30.17 -15.35
CA VAL A 80 20.91 30.40 -15.34
C VAL A 80 21.64 29.10 -15.03
N ARG A 81 21.09 28.27 -14.13
CA ARG A 81 21.69 26.97 -13.84
C ARG A 81 21.65 26.07 -15.07
N ASP A 82 20.56 26.10 -15.82
CA ASP A 82 20.41 25.26 -17.00
C ASP A 82 21.28 25.70 -18.18
N ALA A 83 21.88 26.88 -18.13
CA ALA A 83 22.72 27.35 -19.23
C ALA A 83 24.19 27.24 -18.88
N ALA A 97 28.63 22.78 -14.27
CA ALA A 97 28.97 24.12 -13.84
C ALA A 97 27.71 24.94 -13.55
N PHE A 98 27.87 26.00 -12.78
CA PHE A 98 26.80 26.92 -12.38
C PHE A 98 25.70 26.23 -11.58
N ALA A 99 25.98 25.07 -10.98
CA ALA A 99 24.95 24.35 -10.23
C ALA A 99 24.84 24.81 -8.78
N ASP A 100 25.75 25.65 -8.30
CA ASP A 100 25.74 26.13 -6.94
C ASP A 100 25.03 27.46 -6.77
N LEU A 101 24.45 28.00 -7.84
CA LEU A 101 23.75 29.29 -7.75
C LEU A 101 22.64 29.21 -6.72
N MET A 102 22.56 30.22 -5.87
CA MET A 102 21.76 30.16 -4.66
C MET A 102 20.33 30.59 -4.92
N PHE A 103 19.38 29.83 -4.40
CA PHE A 103 17.97 30.23 -4.44
C PHE A 103 17.75 31.17 -3.27
N GLU A 104 16.50 31.56 -3.04
CA GLU A 104 16.21 32.42 -1.90
C GLU A 104 16.45 31.66 -0.60
N GLN A 105 17.18 32.28 0.32
CA GLN A 105 17.57 31.66 1.58
C GLN A 105 16.85 32.36 2.72
N ASN A 106 16.13 31.58 3.54
CA ASN A 106 15.50 32.08 4.76
C ASN A 106 14.55 33.23 4.48
N GLY A 107 13.48 32.93 3.74
CA GLY A 107 12.53 33.96 3.37
C GLY A 107 11.59 34.30 4.53
N LEU A 108 11.48 35.61 4.79
CA LEU A 108 10.62 36.10 5.90
C LEU A 108 9.58 37.07 5.34
N ASN A 109 8.31 36.92 5.87
CA ASN A 109 7.18 37.73 5.40
C ASN A 109 6.46 38.36 6.58
N LEU A 110 6.17 39.65 6.52
CA LEU A 110 5.45 40.36 7.60
C LEU A 110 4.25 41.08 6.99
N PHE A 111 3.06 40.91 7.56
CA PHE A 111 1.83 41.44 6.94
C PHE A 111 1.01 42.24 7.95
N TYR A 112 0.33 43.30 7.48
CA TYR A 112 -0.58 44.06 8.35
C TYR A 112 -1.84 44.38 7.54
N ALA A 113 -3.02 44.27 8.13
CA ALA A 113 -4.28 44.64 7.45
C ALA A 113 -5.15 45.43 8.42
N SER A 114 -6.02 46.30 7.90
CA SER A 114 -6.85 47.18 8.77
C SER A 114 -8.11 47.63 8.03
N LYS A 115 -9.25 47.60 8.62
CA LYS A 115 -10.53 48.02 7.98
C LYS A 115 -10.71 49.51 8.19
N MET A 116 -9.89 50.31 7.46
CA MET A 116 -9.94 51.79 7.54
C MET A 116 -11.21 52.30 6.86
N GLY A 117 -12.09 52.97 7.64
CA GLY A 117 -13.34 53.48 7.08
C GLY A 117 -14.13 52.36 6.41
N GLU A 118 -14.58 52.62 5.19
CA GLU A 118 -15.23 51.61 4.37
C GLU A 118 -14.25 50.82 3.52
N TRP A 119 -12.97 51.21 3.50
CA TRP A 119 -11.94 50.51 2.76
C TRP A 119 -11.23 49.50 3.64
N THR A 120 -10.41 48.66 3.01
CA THR A 120 -9.67 47.61 3.70
C THR A 120 -8.32 47.44 3.00
N TRP A 121 -7.30 48.09 3.51
CA TRP A 121 -5.98 48.04 2.90
C TRP A 121 -5.15 46.96 3.56
N GLY A 122 -3.87 46.90 3.19
CA GLY A 122 -2.97 45.91 3.74
C GLY A 122 -1.65 45.88 2.99
N VAL A 123 -0.57 45.54 3.67
CA VAL A 123 0.77 45.58 3.10
C VAL A 123 1.52 44.32 3.50
N THR A 124 2.24 43.74 2.56
CA THR A 124 3.10 42.58 2.79
C THR A 124 4.52 42.95 2.44
N ALA A 125 5.46 42.59 3.31
CA ALA A 125 6.88 42.81 3.07
C ALA A 125 7.59 41.46 3.01
N LYS A 126 8.64 41.41 2.19
CA LYS A 126 9.41 40.19 2.01
C LYS A 126 10.89 40.51 2.09
N TYR A 127 11.64 39.61 2.71
CA TYR A 127 13.08 39.76 2.86
C TYR A 127 13.72 38.38 2.87
N SER A 128 14.93 38.30 2.32
CA SER A 128 15.68 37.06 2.32
C SER A 128 17.16 37.39 2.15
N ASN A 129 18.00 36.53 2.70
CA ASN A 129 19.45 36.71 2.61
C ASN A 129 20.14 35.39 2.92
N GLY A 130 21.31 35.19 2.31
CA GLY A 130 22.08 33.96 2.53
C GLY A 130 23.50 34.08 2.00
N LYS A 131 24.35 33.08 2.23
CA LYS A 131 25.77 33.10 1.77
C LYS A 131 26.42 31.75 2.01
N ASN A 132 27.66 31.57 1.56
CA ASN A 132 28.43 30.33 1.80
C ASN A 132 29.88 30.76 2.04
N GLU A 133 30.29 31.89 1.47
CA GLU A 133 31.64 32.46 1.74
C GLU A 133 32.72 31.37 1.76
N ASP A 134 32.39 30.13 1.40
CA ASP A 134 33.42 29.07 1.31
C ASP A 134 34.15 29.23 -0.03
N PRO A 135 35.51 29.41 -0.09
CA PRO A 135 36.20 29.70 -1.37
C PRO A 135 35.88 28.86 -2.62
N THR A 136 35.36 27.64 -2.46
CA THR A 136 35.06 26.75 -3.61
C THR A 136 33.54 26.67 -3.82
N VAL A 137 32.76 27.58 -3.14
CA VAL A 137 31.31 27.77 -3.48
C VAL A 137 31.13 29.27 -3.72
N GLY A 138 31.52 30.10 -2.76
CA GLY A 138 31.44 31.57 -2.92
C GLY A 138 30.09 32.02 -3.46
N THR A 139 29.01 31.84 -2.69
CA THR A 139 27.66 32.20 -3.17
C THR A 139 27.12 33.40 -2.38
N LYS A 140 26.01 33.99 -2.83
CA LYS A 140 25.34 35.11 -2.12
C LYS A 140 23.98 35.29 -2.79
N ALA A 141 22.92 35.58 -2.03
CA ALA A 141 21.55 35.70 -2.57
C ALA A 141 20.72 36.64 -1.69
N THR A 142 20.40 37.83 -2.20
CA THR A 142 19.61 38.78 -1.44
C THR A 142 18.34 39.11 -2.20
N SER A 143 17.27 39.41 -1.46
CA SER A 143 15.98 39.71 -2.06
C SER A 143 15.15 40.56 -1.10
N ALA A 144 14.36 41.48 -1.66
CA ALA A 144 13.51 42.35 -0.87
C ALA A 144 12.38 42.87 -1.74
N GLY A 145 11.19 42.99 -1.17
CA GLY A 145 10.05 43.50 -1.92
C GLY A 145 8.88 43.77 -1.00
N VAL A 146 7.89 44.47 -1.56
CA VAL A 146 6.70 44.89 -0.83
C VAL A 146 5.48 44.66 -1.72
N ALA A 147 4.31 44.66 -1.08
CA ALA A 147 3.05 44.51 -1.79
C ALA A 147 1.99 45.30 -1.06
N VAL A 148 1.31 46.20 -1.78
CA VAL A 148 0.28 47.06 -1.21
C VAL A 148 -1.03 46.80 -1.96
N ALA A 149 -2.14 46.82 -1.24
CA ALA A 149 -3.43 46.56 -1.86
C ALA A 149 -4.53 47.25 -1.06
N ALA A 150 -5.69 47.39 -1.70
CA ALA A 150 -6.86 47.96 -1.05
C ALA A 150 -8.10 47.46 -1.78
N SER A 151 -9.23 47.52 -1.08
CA SER A 151 -10.49 47.06 -1.65
C SER A 151 -11.64 47.55 -0.78
N ASN A 152 -12.65 48.15 -1.40
CA ASN A 152 -13.85 48.55 -0.67
C ASN A 152 -15.00 47.57 -0.81
N GLY A 153 -14.82 46.48 -1.54
CA GLY A 153 -15.87 45.51 -1.73
C GLY A 153 -16.19 45.28 -3.19
N THR A 154 -16.09 46.34 -4.00
CA THR A 154 -16.31 46.25 -5.44
C THR A 154 -15.07 46.53 -6.27
N TRP A 155 -14.20 47.41 -5.81
CA TRP A 155 -12.99 47.80 -6.54
C TRP A 155 -11.78 47.25 -5.80
N ASP A 156 -10.87 46.62 -6.54
CA ASP A 156 -9.62 46.12 -5.98
C ASP A 156 -8.45 46.82 -6.68
N PHE A 157 -7.44 47.17 -5.90
CA PHE A 157 -6.22 47.77 -6.43
C PHE A 157 -5.03 47.09 -5.78
N GLU A 158 -4.24 46.38 -6.58
CA GLU A 158 -3.11 45.63 -6.09
C GLU A 158 -1.85 46.04 -6.83
N LEU A 159 -0.77 46.26 -6.08
CA LEU A 159 0.51 46.64 -6.63
C LEU A 159 1.60 45.81 -5.97
N VAL A 160 2.53 45.30 -6.78
CA VAL A 160 3.62 44.45 -6.29
C VAL A 160 4.93 45.00 -6.84
N GLN A 161 5.86 45.33 -5.96
CA GLN A 161 7.13 45.93 -6.34
C GLN A 161 8.29 45.16 -5.72
N GLY A 162 9.32 44.92 -6.52
CA GLY A 162 10.51 44.23 -6.06
C GLY A 162 11.70 45.18 -6.07
N PHE A 163 12.46 45.18 -4.97
CA PHE A 163 13.56 46.11 -4.78
C PHE A 163 14.90 45.51 -5.20
N THR A 164 15.24 44.34 -4.67
CA THR A 164 16.52 43.71 -4.92
C THR A 164 16.31 42.25 -5.30
N GLY A 165 17.13 41.74 -6.21
CA GLY A 165 17.03 40.36 -6.63
C GLY A 165 18.35 39.71 -7.00
N LYS A 166 19.45 40.19 -6.44
CA LYS A 166 20.77 39.72 -6.83
C LYS A 166 20.98 38.27 -6.38
N SER A 167 21.82 37.56 -7.13
CA SER A 167 22.19 36.19 -6.79
C SER A 167 23.50 35.86 -7.49
N GLU A 168 24.59 35.79 -6.71
CA GLU A 168 25.93 35.67 -7.26
C GLU A 168 26.47 34.25 -7.10
N LEU A 169 27.64 34.04 -7.71
CA LEU A 169 28.37 32.78 -7.60
C LEU A 169 29.80 33.02 -8.06
N ASP A 170 30.77 32.86 -7.16
CA ASP A 170 32.17 33.09 -7.48
C ASP A 170 33.03 32.01 -6.82
N ASN A 171 33.22 30.89 -7.51
CA ASN A 171 34.14 29.86 -7.06
C ASN A 171 35.50 30.07 -7.73
N GLY A 172 36.35 29.06 -7.67
CA GLY A 172 37.71 29.21 -8.17
C GLY A 172 37.77 29.43 -9.68
N THR A 173 36.87 28.80 -10.43
CA THR A 173 36.97 28.76 -11.88
C THR A 173 35.90 29.60 -12.57
N VAL A 174 34.62 29.35 -12.31
CA VAL A 174 33.56 30.02 -13.04
C VAL A 174 33.01 31.17 -12.22
N THR A 175 32.21 32.02 -12.86
CA THR A 175 31.68 33.21 -12.20
C THR A 175 30.33 33.56 -12.84
N ALA A 176 29.25 33.18 -12.16
CA ALA A 176 27.90 33.49 -12.61
C ALA A 176 27.32 34.64 -11.79
N GLU A 177 26.22 35.19 -12.29
CA GLU A 177 25.59 36.33 -11.64
C GLU A 177 24.23 36.58 -12.26
N VAL A 178 23.24 36.87 -11.40
CA VAL A 178 21.91 37.26 -11.83
C VAL A 178 21.54 38.53 -11.07
N GLU A 179 20.59 39.28 -11.63
CA GLU A 179 20.17 40.53 -11.01
C GLU A 179 18.78 40.88 -11.55
N SER A 180 17.96 41.47 -10.69
CA SER A 180 16.63 41.93 -11.07
C SER A 180 16.66 43.45 -11.18
N LYS A 181 16.41 43.97 -12.38
CA LYS A 181 16.36 45.40 -12.62
C LYS A 181 14.93 45.92 -12.69
N GLY A 182 14.04 45.37 -11.88
CA GLY A 182 12.68 45.85 -11.82
C GLY A 182 11.65 44.75 -11.91
N LEU A 183 10.58 44.88 -11.13
CA LEU A 183 9.46 43.95 -11.18
C LEU A 183 8.23 44.66 -10.66
N THR A 184 7.29 44.97 -11.55
CA THR A 184 6.08 45.68 -11.19
C THR A 184 4.88 44.88 -11.66
N ASN A 185 3.85 44.83 -10.84
CA ASN A 185 2.64 44.05 -11.13
C ASN A 185 1.45 44.82 -10.56
N VAL A 186 0.65 45.40 -11.45
CA VAL A 186 -0.53 46.17 -11.08
C VAL A 186 -1.76 45.40 -11.56
N THR A 187 -2.75 45.26 -10.68
CA THR A 187 -3.98 44.56 -11.02
C THR A 187 -5.16 45.37 -10.50
N VAL A 188 -6.19 45.51 -11.31
CA VAL A 188 -7.43 46.16 -10.93
C VAL A 188 -8.57 45.18 -11.16
N GLY A 189 -9.45 45.06 -10.18
CA GLY A 189 -10.58 44.15 -10.28
C GLY A 189 -11.87 44.84 -9.90
N TYR A 190 -12.94 44.41 -10.57
CA TYR A 190 -14.27 44.98 -10.34
C TYR A 190 -15.26 43.86 -10.10
N HIS A 191 -16.13 44.06 -9.10
CA HIS A 191 -17.10 43.03 -8.70
C HIS A 191 -18.52 43.55 -8.97
N MET A 192 -19.12 43.11 -10.09
CA MET A 192 -20.49 43.54 -10.45
C MET A 192 -21.48 42.84 -9.52
N SER A 193 -21.28 41.54 -9.29
CA SER A 193 -22.15 40.78 -8.37
C SER A 193 -21.25 39.92 -7.48
N PRO A 194 -21.74 39.37 -6.34
CA PRO A 194 -20.93 38.45 -5.54
C PRO A 194 -20.43 37.27 -6.38
N GLU A 195 -21.07 37.00 -7.53
CA GLU A 195 -20.70 35.82 -8.37
C GLU A 195 -19.74 36.24 -9.49
N MET A 196 -20.09 37.26 -10.27
CA MET A 196 -19.25 37.65 -11.44
C MET A 196 -18.19 38.68 -11.04
N GLU A 197 -17.00 38.59 -11.64
CA GLU A 197 -15.93 39.57 -11.35
C GLU A 197 -15.01 39.68 -12.57
N VAL A 198 -14.47 40.87 -12.83
CA VAL A 198 -13.52 41.08 -13.93
C VAL A 198 -12.23 41.63 -13.34
N TYR A 199 -11.16 41.51 -14.10
CA TYR A 199 -9.86 41.98 -13.63
C TYR A 199 -8.95 42.24 -14.81
N GLY A 200 -7.99 43.14 -14.59
CA GLY A 200 -6.96 43.39 -15.58
C GLY A 200 -5.62 43.53 -14.89
N ASN A 201 -4.56 43.12 -15.57
CA ASN A 201 -3.26 43.01 -14.93
C ASN A 201 -2.14 43.28 -15.92
N VAL A 202 -1.17 44.09 -15.48
CA VAL A 202 0.01 44.42 -16.28
C VAL A 202 1.24 44.08 -15.46
N LYS A 203 2.20 43.37 -16.07
CA LYS A 203 3.44 43.00 -15.40
C LYS A 203 4.62 43.26 -16.32
N MET A 204 5.62 43.97 -15.81
CA MET A 204 6.85 44.25 -16.54
C MET A 204 8.03 43.87 -15.65
N SER A 205 8.90 43.00 -16.15
CA SER A 205 10.05 42.54 -15.38
C SER A 205 11.26 42.38 -16.29
N LYS A 206 12.40 42.88 -15.83
CA LYS A 206 13.66 42.80 -16.57
C LYS A 206 14.70 42.12 -15.70
N VAL A 207 15.36 41.10 -16.26
CA VAL A 207 16.38 40.34 -15.56
C VAL A 207 17.65 40.34 -16.38
N GLU A 208 18.76 40.76 -15.78
CA GLU A 208 20.04 40.86 -16.46
C GLU A 208 21.03 39.92 -15.79
N ALA A 209 21.54 38.96 -16.54
CA ALA A 209 22.48 37.98 -16.04
C ALA A 209 23.84 38.21 -16.66
N ASP A 210 24.85 37.52 -16.12
CA ASP A 210 26.23 37.61 -16.61
C ASP A 210 26.87 36.24 -16.44
N LEU A 211 26.80 35.42 -17.50
CA LEU A 211 27.30 34.05 -17.44
C LEU A 211 28.76 34.04 -17.89
N ASN A 212 29.66 34.19 -16.92
CA ASN A 212 31.10 34.16 -17.17
C ASN A 212 31.51 35.21 -18.20
N GLY A 213 31.18 36.46 -17.90
CA GLY A 213 31.49 37.59 -18.75
C GLY A 213 30.48 37.86 -19.85
N THR A 214 29.95 36.82 -20.46
CA THR A 214 28.97 36.96 -21.52
C THR A 214 27.65 37.48 -20.94
N PRO A 215 27.15 38.63 -21.36
CA PRO A 215 25.93 39.17 -20.76
C PRO A 215 24.68 38.60 -21.42
N ILE A 216 23.66 38.36 -20.58
CA ILE A 216 22.35 37.91 -21.03
C ILE A 216 21.31 38.87 -20.47
N GLU A 217 20.39 39.31 -21.31
CA GLU A 217 19.33 40.21 -20.90
C GLU A 217 17.98 39.61 -21.26
N VAL A 218 17.05 39.63 -20.31
CA VAL A 218 15.69 39.15 -20.50
C VAL A 218 14.73 40.27 -20.14
N GLU A 219 13.78 40.55 -21.02
CA GLU A 219 12.75 41.54 -20.75
C GLU A 219 11.40 40.93 -21.07
N THR A 220 10.46 41.02 -20.13
CA THR A 220 9.15 40.42 -20.27
C THR A 220 8.08 41.46 -19.99
N THR A 221 7.02 41.43 -20.79
CA THR A 221 5.86 42.27 -20.57
C THR A 221 4.61 41.42 -20.76
N SER A 222 3.61 41.63 -19.90
CA SER A 222 2.41 40.83 -19.91
C SER A 222 1.19 41.72 -19.83
N TYR A 223 0.08 41.23 -20.37
CA TYR A 223 -1.21 41.97 -20.27
C TYR A 223 -2.29 40.91 -20.19
N LYS A 224 -2.97 40.90 -18.97
CA LYS A 224 -4.00 39.86 -18.76
C LYS A 224 -5.31 40.58 -18.45
N VAL A 225 -6.45 40.09 -19.10
CA VAL A 225 -7.78 40.67 -18.78
C VAL A 225 -8.73 39.48 -18.73
N GLY A 226 -9.58 39.38 -17.70
CA GLY A 226 -10.43 38.19 -17.62
C GLY A 226 -11.60 38.35 -16.69
N MET A 227 -12.51 37.27 -16.79
CA MET A 227 -13.69 37.28 -15.90
C MET A 227 -13.75 35.99 -15.09
N VAL A 228 -14.44 36.06 -13.89
CA VAL A 228 -14.71 34.79 -13.15
C VAL A 228 -16.18 34.82 -12.76
N ASN A 229 -16.97 33.87 -13.25
CA ASN A 229 -18.40 33.78 -12.86
C ASN A 229 -18.68 32.38 -12.34
N THR A 230 -19.78 32.20 -11.60
CA THR A 230 -20.19 30.87 -11.09
C THR A 230 -21.30 30.32 -11.98
N LEU A 231 -21.06 29.20 -12.67
CA LEU A 231 -22.07 28.62 -13.54
C LEU A 231 -23.27 28.14 -12.72
N ALA A 232 -23.03 27.20 -11.81
CA ALA A 232 -24.07 26.68 -10.94
C ALA A 232 -23.90 27.26 -9.54
N LYS A 233 -25.03 27.38 -8.83
CA LYS A 233 -25.05 27.94 -7.49
C LYS A 233 -25.56 26.88 -6.51
N SER A 234 -24.83 26.66 -5.44
CA SER A 234 -25.22 25.72 -4.41
C SER A 234 -24.62 26.18 -3.09
N GLU A 235 -24.94 25.44 -2.02
CA GLU A 235 -24.48 25.77 -0.68
C GLU A 235 -23.21 25.02 -0.29
N GLU A 236 -23.23 23.69 -0.37
CA GLU A 236 -22.04 22.91 -0.04
C GLU A 236 -20.92 23.15 -1.06
N GLY A 237 -21.27 23.21 -2.34
CA GLY A 237 -20.31 23.46 -3.39
C GLY A 237 -20.70 24.66 -4.23
N ASN A 238 -19.82 24.98 -5.18
CA ASN A 238 -20.08 26.08 -6.12
C ASN A 238 -19.27 25.81 -7.37
N PHE A 239 -19.96 25.59 -8.49
CA PHE A 239 -19.32 25.37 -9.77
C PHE A 239 -18.97 26.71 -10.39
N PHE A 240 -17.69 26.93 -10.67
CA PHE A 240 -17.21 28.20 -11.19
C PHE A 240 -16.55 27.99 -12.54
N TYR A 241 -16.34 29.10 -13.26
CA TYR A 241 -15.64 29.10 -14.53
C TYR A 241 -15.11 30.50 -14.78
N GLY A 242 -14.18 30.61 -15.72
CA GLY A 242 -13.59 31.90 -16.03
C GLY A 242 -12.93 31.89 -17.39
N VAL A 243 -12.93 33.06 -18.03
CA VAL A 243 -12.36 33.25 -19.36
C VAL A 243 -11.34 34.38 -19.27
N GLU A 244 -10.16 34.16 -19.85
CA GLU A 244 -9.05 35.11 -19.74
C GLU A 244 -8.34 35.22 -21.07
N VAL A 245 -7.80 36.41 -21.34
CA VAL A 245 -6.97 36.67 -22.51
C VAL A 245 -5.60 37.11 -22.02
N ALA A 246 -4.55 36.41 -22.47
CA ALA A 246 -3.19 36.66 -22.00
C ALA A 246 -2.27 36.90 -23.18
N SER A 247 -1.51 37.98 -23.12
CA SER A 247 -0.50 38.30 -24.11
C SER A 247 0.83 38.54 -23.41
N THR A 248 1.91 38.04 -24.03
CA THR A 248 3.22 38.13 -23.41
C THR A 248 4.27 38.33 -24.50
N LYS A 249 5.04 39.40 -24.37
CA LYS A 249 6.05 39.79 -25.36
C LYS A 249 7.42 39.78 -24.70
N VAL A 250 8.17 38.69 -24.90
CA VAL A 250 9.57 38.65 -24.48
C VAL A 250 10.38 39.36 -25.56
N LYS A 251 11.13 40.38 -25.15
CA LYS A 251 11.78 41.28 -26.11
C LYS A 251 12.76 40.52 -27.00
N ASP A 252 12.43 40.47 -28.28
CA ASP A 252 13.30 39.90 -29.32
C ASP A 252 13.59 38.42 -29.07
N ASP A 253 12.66 37.74 -28.42
CA ASP A 253 12.81 36.31 -28.21
C ASP A 253 11.58 35.52 -28.64
N SER A 254 10.39 36.05 -28.36
CA SER A 254 9.16 35.32 -28.61
C SER A 254 7.97 36.27 -28.46
N GLU A 255 6.77 35.74 -28.67
CA GLU A 255 5.53 36.49 -28.51
C GLU A 255 4.38 35.51 -28.48
N SER A 256 3.53 35.60 -27.46
CA SER A 256 2.42 34.67 -27.29
C SER A 256 1.12 35.43 -27.08
N LEU A 257 0.02 34.75 -27.38
CA LEU A 257 -1.32 35.29 -27.16
C LEU A 257 -2.26 34.11 -26.96
N LEU A 258 -2.72 33.92 -25.72
CA LEU A 258 -3.50 32.75 -25.34
C LEU A 258 -4.85 33.18 -24.80
N LEU A 259 -5.79 32.22 -24.77
CA LEU A 259 -7.12 32.42 -24.21
C LEU A 259 -7.42 31.25 -23.28
N PRO A 260 -6.94 31.28 -22.04
CA PRO A 260 -7.24 30.20 -21.10
C PRO A 260 -8.66 30.29 -20.57
N VAL A 261 -9.34 29.14 -20.70
CA VAL A 261 -10.71 28.99 -20.16
C VAL A 261 -10.60 27.78 -19.23
N TYR A 262 -11.21 27.84 -18.07
CA TYR A 262 -11.15 26.83 -17.03
C TYR A 262 -12.52 26.69 -16.36
N MET A 263 -12.71 25.57 -15.68
CA MET A 263 -13.88 25.32 -14.85
C MET A 263 -13.47 24.40 -13.72
N GLY A 264 -14.23 24.42 -12.64
CA GLY A 264 -13.86 23.62 -11.49
C GLY A 264 -14.89 23.71 -10.40
N VAL A 265 -14.65 22.94 -9.33
CA VAL A 265 -15.57 22.90 -8.20
C VAL A 265 -14.77 22.54 -6.95
N GLU A 266 -15.39 22.94 -5.82
CA GLU A 266 -14.92 22.60 -4.44
C GLU A 266 -16.19 22.20 -3.67
N HIS A 267 -16.42 20.91 -3.38
CA HIS A 267 -17.59 20.31 -2.76
C HIS A 267 -17.27 19.85 -1.34
N ASN A 268 -18.15 20.17 -0.39
CA ASN A 268 -18.12 19.59 0.94
C ASN A 268 -18.73 18.20 0.85
N ALA A 269 -17.92 17.25 0.41
CA ALA A 269 -18.43 15.91 0.11
C ALA A 269 -19.03 15.25 1.34
N ALA A 270 -18.35 15.37 2.47
CA ALA A 270 -18.84 14.83 3.74
C ALA A 270 -18.38 15.76 4.85
N SER A 271 -18.68 15.38 6.09
CA SER A 271 -18.25 16.19 7.23
C SER A 271 -16.76 16.11 7.46
N TRP A 272 -16.07 15.16 6.83
CA TRP A 272 -14.63 15.01 6.98
C TRP A 272 -13.87 15.20 5.67
N LEU A 273 -14.56 15.49 4.57
CA LEU A 273 -13.96 15.49 3.25
C LEU A 273 -14.35 16.74 2.47
N VAL A 274 -13.40 17.27 1.73
CA VAL A 274 -13.63 18.30 0.72
C VAL A 274 -12.94 17.85 -0.56
N LEU A 275 -13.67 17.85 -1.66
CA LEU A 275 -13.14 17.45 -2.96
C LEU A 275 -13.02 18.67 -3.85
N ARG A 276 -11.89 18.81 -4.52
CA ARG A 276 -11.64 19.91 -5.46
C ARG A 276 -11.12 19.34 -6.77
N ALA A 277 -11.52 19.97 -7.87
CA ALA A 277 -11.06 19.56 -9.20
C ALA A 277 -11.25 20.71 -10.17
N SER A 278 -10.53 20.66 -11.28
CA SER A 278 -10.66 21.65 -12.33
C SER A 278 -10.08 21.11 -13.63
N VAL A 279 -10.44 21.76 -14.74
CA VAL A 279 -9.91 21.45 -16.06
C VAL A 279 -9.76 22.76 -16.83
N ALA A 280 -8.75 22.83 -17.68
CA ALA A 280 -8.45 24.04 -18.43
C ALA A 280 -8.00 23.70 -19.84
N GLN A 281 -8.06 24.70 -20.72
CA GLN A 281 -7.60 24.58 -22.10
C GLN A 281 -7.51 25.97 -22.71
N ASN A 282 -6.73 26.07 -23.79
CA ASN A 282 -6.53 27.35 -24.51
C ASN A 282 -7.44 27.33 -25.73
N VAL A 283 -8.63 27.91 -25.64
CA VAL A 283 -9.64 27.76 -26.72
C VAL A 283 -9.44 28.73 -27.89
N ILE A 284 -9.16 28.21 -29.09
CA ILE A 284 -8.96 28.99 -30.36
C ILE A 284 -7.65 29.75 -30.40
N LEU A 285 -7.43 30.69 -29.49
CA LEU A 285 -6.17 31.47 -29.45
C LEU A 285 -5.22 30.70 -28.53
N ASN A 286 -4.10 30.23 -29.06
CA ASN A 286 -3.14 29.42 -28.30
C ASN A 286 -1.77 29.63 -28.92
N GLU A 287 -1.59 30.69 -29.73
CA GLU A 287 -0.33 30.84 -30.53
C GLU A 287 0.90 31.37 -29.79
N THR A 288 2.09 30.92 -30.20
CA THR A 288 3.40 31.41 -29.72
C THR A 288 4.33 31.61 -30.91
N LYS A 289 4.60 32.85 -31.31
CA LYS A 289 5.35 33.10 -32.53
C LYS A 289 6.77 33.53 -32.19
N ASP A 290 7.75 32.89 -32.82
CA ASP A 290 9.14 33.27 -32.65
C ASP A 290 9.41 34.61 -33.33
N ASP A 291 10.21 35.45 -32.67
CA ASP A 291 10.46 36.79 -33.20
C ASP A 291 11.41 36.76 -34.38
N ALA A 292 12.45 35.92 -34.33
CA ALA A 292 13.43 35.91 -35.41
C ALA A 292 12.96 35.06 -36.59
N THR A 293 12.73 33.77 -36.35
CA THR A 293 12.34 32.89 -37.45
C THR A 293 10.93 33.18 -37.94
N GLY A 294 10.00 33.47 -37.04
CA GLY A 294 8.63 33.74 -37.40
C GLY A 294 7.70 32.55 -37.33
N ASN A 295 8.18 31.39 -36.88
CA ASN A 295 7.37 30.19 -36.78
C ASN A 295 6.43 30.28 -35.57
N LYS A 296 5.35 29.50 -35.64
CA LYS A 296 4.35 29.46 -34.58
C LYS A 296 4.13 28.01 -34.15
N THR A 297 3.74 27.83 -32.89
CA THR A 297 3.49 26.50 -32.33
C THR A 297 2.09 26.47 -31.72
N ASP A 298 1.33 25.42 -32.05
CA ASP A 298 -0.01 25.19 -31.51
C ASP A 298 -0.07 23.73 -31.07
N GLU A 299 0.31 23.47 -29.84
CA GLU A 299 0.32 22.11 -29.30
C GLU A 299 -0.82 21.94 -28.31
N ASP A 300 -1.02 20.70 -27.87
CA ASP A 300 -2.09 20.38 -26.95
C ASP A 300 -1.86 21.07 -25.60
N SER A 301 -2.93 21.64 -25.04
CA SER A 301 -2.82 22.38 -23.79
C SER A 301 -3.92 22.02 -22.80
N THR A 302 -4.49 20.82 -22.90
CA THR A 302 -5.52 20.40 -21.97
C THR A 302 -4.87 19.91 -20.68
N ARG A 303 -5.45 20.28 -19.55
CA ARG A 303 -4.85 19.95 -18.26
C ARG A 303 -5.94 19.91 -17.21
N MET A 304 -5.69 19.16 -16.14
CA MET A 304 -6.62 19.07 -15.02
C MET A 304 -5.85 19.04 -13.70
N ALA A 305 -6.58 19.24 -12.61
CA ALA A 305 -6.03 19.19 -11.27
C ALA A 305 -7.08 18.65 -10.31
N ALA A 306 -6.63 17.91 -9.30
CA ALA A 306 -7.50 17.35 -8.28
C ALA A 306 -6.81 17.46 -6.92
N GLY A 307 -7.61 17.41 -5.87
CA GLY A 307 -7.08 17.51 -4.53
C GLY A 307 -8.18 17.30 -3.52
N ALA A 308 -7.76 17.05 -2.28
CA ALA A 308 -8.67 16.74 -1.20
C ALA A 308 -8.27 17.50 0.04
N GLY A 309 -9.25 17.74 0.91
CA GLY A 309 -8.98 18.31 2.22
C GLY A 309 -9.68 17.54 3.31
N ILE A 310 -8.91 16.94 4.22
CA ILE A 310 -9.46 16.13 5.30
C ILE A 310 -9.67 17.03 6.51
N LYS A 311 -10.93 17.18 6.91
CA LYS A 311 -11.32 18.07 8.01
C LYS A 311 -11.42 17.27 9.30
N PHE A 312 -10.81 17.79 10.35
CA PHE A 312 -10.87 17.22 11.69
C PHE A 312 -11.34 18.27 12.69
N GLY A 313 -12.27 19.12 12.28
CA GLY A 313 -12.71 20.20 13.14
C GLY A 313 -11.94 21.48 12.89
N LYS A 314 -10.99 21.80 13.76
CA LYS A 314 -10.14 22.97 13.58
C LYS A 314 -8.87 22.66 12.81
N SER A 315 -8.60 21.39 12.51
CA SER A 315 -7.41 20.98 11.79
C SER A 315 -7.84 20.41 10.43
N VAL A 316 -7.19 20.88 9.36
CA VAL A 316 -7.51 20.44 8.01
C VAL A 316 -6.22 20.05 7.31
N ILE A 317 -6.19 18.86 6.76
CA ILE A 317 -5.02 18.34 6.04
C ILE A 317 -5.33 18.46 4.56
N ASP A 318 -4.86 19.52 3.93
CA ASP A 318 -5.06 19.72 2.50
C ASP A 318 -3.99 18.98 1.70
N ALA A 319 -4.44 18.28 0.66
CA ALA A 319 -3.54 17.45 -0.12
C ALA A 319 -3.90 17.56 -1.59
N SER A 320 -3.00 17.10 -2.44
CA SER A 320 -3.18 17.02 -3.88
C SER A 320 -3.10 15.57 -4.31
N PHE A 321 -4.11 15.09 -5.04
CA PHE A 321 -4.12 13.71 -5.49
C PHE A 321 -2.91 13.45 -6.38
N ALA A 322 -2.00 12.60 -5.91
CA ALA A 322 -0.74 12.39 -6.63
C ALA A 322 -0.94 11.67 -7.95
N GLY A 323 -1.98 10.84 -8.06
CA GLY A 323 -2.18 10.06 -9.26
C GLY A 323 -3.10 10.71 -10.28
N SER A 324 -3.29 12.03 -10.17
CA SER A 324 -4.14 12.71 -11.12
C SER A 324 -3.57 12.67 -12.53
N THR A 325 -2.27 12.91 -12.66
CA THR A 325 -1.63 12.99 -13.97
C THR A 325 -1.59 11.65 -14.69
N THR A 326 -1.91 10.56 -14.00
CA THR A 326 -1.97 9.23 -14.60
C THR A 326 -3.32 8.57 -14.42
N GLY A 327 -4.24 9.18 -13.68
CA GLY A 327 -5.53 8.59 -13.42
C GLY A 327 -5.50 7.34 -12.55
N VAL A 328 -4.73 7.38 -11.47
CA VAL A 328 -4.63 6.24 -10.56
C VAL A 328 -4.89 6.71 -9.14
N ILE A 329 -5.44 5.81 -8.32
CA ILE A 329 -5.54 5.98 -6.87
C ILE A 329 -5.09 4.66 -6.26
N ASN A 330 -3.85 4.60 -5.80
CA ASN A 330 -3.32 3.36 -5.24
C ASN A 330 -2.45 3.62 -4.02
N ALA A 331 -1.65 2.63 -3.64
CA ALA A 331 -0.83 2.75 -2.44
C ALA A 331 0.22 3.85 -2.56
N ASN A 332 0.93 3.90 -3.68
CA ASN A 332 2.01 4.85 -3.85
C ASN A 332 1.54 6.21 -4.35
N ASN A 333 0.27 6.36 -4.67
CA ASN A 333 -0.27 7.53 -5.34
C ASN A 333 -1.57 7.98 -4.66
N LEU A 334 -1.53 8.17 -3.35
CA LEU A 334 -2.71 8.67 -2.66
C LEU A 334 -2.68 10.20 -2.52
N PHE A 335 -1.70 10.73 -1.81
CA PHE A 335 -1.64 12.15 -1.50
C PHE A 335 -0.25 12.69 -1.81
N SER A 336 -0.19 13.99 -2.05
CA SER A 336 1.07 14.67 -2.30
C SER A 336 0.84 16.16 -2.06
N GLN A 337 1.94 16.89 -1.92
CA GLN A 337 1.89 18.34 -1.67
C GLN A 337 1.04 18.65 -0.45
N VAL A 338 1.28 17.92 0.64
CA VAL A 338 0.43 17.98 1.82
C VAL A 338 0.78 19.21 2.64
N ALA A 339 -0.24 19.81 3.26
CA ALA A 339 -0.08 20.92 4.18
C ALA A 339 -1.04 20.73 5.34
N TYR A 340 -0.74 21.41 6.45
CA TYR A 340 -1.53 21.34 7.65
C TYR A 340 -1.93 22.75 8.06
N THR A 341 -3.22 22.93 8.37
CA THR A 341 -3.75 24.23 8.78
C THR A 341 -4.53 24.04 10.06
N TYR A 342 -4.24 24.88 11.06
CA TYR A 342 -4.96 24.88 12.33
C TYR A 342 -5.65 26.23 12.47
N THR A 343 -6.97 26.22 12.46
CA THR A 343 -7.75 27.44 12.59
C THR A 343 -8.13 27.64 14.04
N PHE A 344 -7.65 28.77 14.58
CA PHE A 344 -7.85 29.06 16.01
C PHE A 344 -9.35 29.14 16.29
N SER B 1 -18.56 8.65 -17.48
CA SER B 1 -17.20 8.24 -17.18
C SER B 1 -16.76 7.12 -18.11
N LYS B 2 -15.53 7.22 -18.63
CA LYS B 2 -15.02 6.18 -19.50
C LYS B 2 -14.91 4.85 -18.79
N ALA B 3 -14.49 4.88 -17.52
CA ALA B 3 -14.39 3.67 -16.72
C ALA B 3 -15.76 3.04 -16.49
N ARG B 4 -16.79 3.87 -16.35
CA ARG B 4 -18.15 3.34 -16.18
C ARG B 4 -18.64 2.67 -17.45
N VAL B 5 -18.38 3.29 -18.61
CA VAL B 5 -18.85 2.74 -19.87
C VAL B 5 -18.08 1.47 -20.22
N GLU B 6 -16.78 1.43 -19.94
CA GLU B 6 -15.99 0.24 -20.23
C GLU B 6 -16.36 -0.93 -19.33
N ALA B 7 -16.61 -0.66 -18.05
CA ALA B 7 -16.94 -1.73 -17.12
C ALA B 7 -18.25 -2.42 -17.48
N LEU B 8 -19.16 -1.70 -18.12
CA LEU B 8 -20.45 -2.22 -18.53
C LEU B 8 -20.47 -2.67 -19.99
N ALA B 9 -19.30 -2.97 -20.56
CA ALA B 9 -19.17 -3.65 -21.85
C ALA B 9 -19.64 -2.79 -23.02
N ASN B 10 -19.65 -1.47 -22.85
CA ASN B 10 -20.01 -0.53 -23.91
C ASN B 10 -21.39 -0.84 -24.47
N SER B 11 -22.32 -1.20 -23.60
CA SER B 11 -23.64 -1.57 -24.06
C SER B 11 -24.42 -0.34 -24.52
N ARG B 12 -25.45 -0.59 -25.32
CA ARG B 12 -26.29 0.46 -25.86
C ARG B 12 -27.43 0.85 -24.92
N HIS B 13 -27.51 0.23 -23.75
CA HIS B 13 -28.52 0.57 -22.76
C HIS B 13 -28.03 1.57 -21.72
N VAL B 14 -26.79 2.04 -21.84
CA VAL B 14 -26.17 2.88 -20.82
C VAL B 14 -26.39 4.34 -21.19
N LEU B 15 -26.81 5.14 -20.22
CA LEU B 15 -26.98 6.58 -20.38
C LEU B 15 -25.88 7.27 -19.59
N ASP B 16 -24.79 7.60 -20.27
CA ASP B 16 -23.64 8.24 -19.65
C ASP B 16 -23.26 9.47 -20.45
N PHE B 17 -22.55 10.38 -19.80
CA PHE B 17 -22.04 11.56 -20.50
C PHE B 17 -21.21 11.17 -21.72
N GLN B 18 -20.46 10.08 -21.62
CA GLN B 18 -19.57 9.67 -22.70
C GLN B 18 -20.32 8.99 -23.84
N THR B 19 -21.53 8.50 -23.62
CA THR B 19 -22.31 7.91 -24.70
C THR B 19 -23.20 8.91 -25.41
N ALA B 20 -23.26 10.15 -24.92
CA ALA B 20 -24.12 11.17 -25.51
C ALA B 20 -23.43 11.98 -26.59
N PHE B 21 -22.12 11.78 -26.79
CA PHE B 21 -21.43 12.48 -27.86
C PHE B 21 -21.90 12.00 -29.23
N ASP B 22 -22.05 10.69 -29.40
CA ASP B 22 -22.54 10.14 -30.65
C ASP B 22 -24.05 9.98 -30.69
N ARG B 23 -24.73 10.22 -29.56
CA ARG B 23 -26.19 10.21 -29.49
C ARG B 23 -26.64 11.48 -28.79
N PRO B 24 -26.53 12.63 -29.45
CA PRO B 24 -26.69 13.91 -28.75
C PRO B 24 -28.10 14.17 -28.23
N TYR B 25 -29.08 13.34 -28.56
CA TYR B 25 -30.40 13.51 -27.96
C TYR B 25 -30.41 13.10 -26.49
N GLN B 26 -29.36 12.42 -26.02
CA GLN B 26 -29.27 12.01 -24.62
C GLN B 26 -28.81 13.15 -23.70
N PHE B 27 -28.33 14.25 -24.26
CA PHE B 27 -27.92 15.38 -23.44
C PHE B 27 -29.10 16.06 -22.77
N MET B 28 -30.32 15.79 -23.23
CA MET B 28 -31.52 16.29 -22.57
C MET B 28 -32.04 15.33 -21.51
N ALA B 29 -31.59 14.08 -21.51
CA ALA B 29 -31.96 13.13 -20.48
C ALA B 29 -30.99 13.15 -19.30
N LEU B 30 -29.72 13.47 -19.56
CA LEU B 30 -28.74 13.58 -18.50
C LEU B 30 -29.11 14.71 -17.55
N SER B 31 -28.81 14.53 -16.27
CA SER B 31 -28.92 15.63 -15.32
C SER B 31 -27.77 16.61 -15.55
N GLU B 32 -27.99 17.85 -15.14
CA GLU B 32 -26.96 18.87 -15.23
C GLU B 32 -25.75 18.45 -14.42
N GLN B 33 -24.61 18.28 -15.09
CA GLN B 33 -23.45 17.73 -14.42
C GLN B 33 -22.17 18.23 -15.08
N ALA B 34 -21.08 18.15 -14.33
CA ALA B 34 -19.74 18.50 -14.81
C ALA B 34 -18.83 17.31 -14.58
N THR B 35 -18.05 16.99 -15.61
CA THR B 35 -17.19 15.80 -15.53
C THR B 35 -15.76 16.18 -15.85
N ILE B 36 -14.81 15.64 -15.10
CA ILE B 36 -13.38 15.82 -15.31
C ILE B 36 -12.74 14.45 -15.35
N GLU B 37 -11.92 14.19 -16.36
CA GLU B 37 -11.20 12.94 -16.50
C GLU B 37 -9.73 13.16 -16.15
N TRP B 38 -9.21 12.37 -15.22
CA TRP B 38 -7.84 12.55 -14.77
C TRP B 38 -6.88 12.08 -15.85
N GLY B 39 -5.84 12.87 -16.10
CA GLY B 39 -4.88 12.48 -17.11
C GLY B 39 -3.87 13.59 -17.33
N ASN B 40 -3.03 13.38 -18.34
CA ASN B 40 -1.91 14.26 -18.63
C ASN B 40 -2.16 15.03 -19.92
N THR B 41 -1.24 15.94 -20.22
CA THR B 41 -1.29 16.73 -21.44
C THR B 41 -0.39 16.10 -22.50
N GLY B 42 -0.92 15.98 -23.71
CA GLY B 42 -0.13 15.50 -24.82
C GLY B 42 -0.56 14.15 -25.34
N ASP B 43 0.38 13.39 -25.89
CA ASP B 43 0.07 12.05 -26.39
C ASP B 43 0.08 11.05 -25.26
N ALA B 44 -0.64 11.35 -24.18
CA ALA B 44 -0.63 10.55 -22.98
C ALA B 44 -1.85 9.63 -22.97
N ASN B 45 -1.88 8.74 -21.98
CA ASN B 45 -3.00 7.83 -21.78
C ASN B 45 -3.11 7.51 -20.30
N PRO B 46 -4.19 7.92 -19.63
CA PRO B 46 -5.36 8.63 -20.15
C PRO B 46 -5.09 10.10 -20.43
N HIS B 47 -5.94 10.76 -21.20
CA HIS B 47 -5.77 12.16 -21.53
C HIS B 47 -6.73 13.02 -20.71
N ALA B 48 -6.29 14.23 -20.37
CA ALA B 48 -7.10 15.15 -19.60
C ALA B 48 -8.30 15.61 -20.41
N GLU B 49 -9.47 15.61 -19.78
CA GLU B 49 -10.72 15.91 -20.47
C GLU B 49 -11.70 16.49 -19.46
N GLY B 50 -12.61 17.32 -19.94
CA GLY B 50 -13.61 17.89 -19.07
C GLY B 50 -14.68 18.69 -19.76
N GLY B 51 -15.87 18.76 -19.17
CA GLY B 51 -16.97 19.47 -19.78
C GLY B 51 -18.16 19.55 -18.85
N PHE B 52 -19.25 20.09 -19.38
CA PHE B 52 -20.46 20.29 -18.61
C PHE B 52 -21.65 20.25 -19.54
N VAL B 53 -22.83 20.03 -18.96
CA VAL B 53 -24.10 20.16 -19.67
C VAL B 53 -25.07 20.88 -18.77
N LYS B 54 -25.77 21.88 -19.31
CA LYS B 54 -26.66 22.72 -18.54
C LYS B 54 -28.00 22.83 -19.25
N ARG B 55 -29.06 23.03 -18.47
CA ARG B 55 -30.40 23.19 -19.01
C ARG B 55 -30.68 24.64 -19.30
N HIS B 56 -31.14 24.93 -20.52
CA HIS B 56 -31.44 26.28 -20.98
C HIS B 56 -32.97 26.40 -21.05
N GLY B 57 -33.57 26.79 -19.94
CA GLY B 57 -35.01 26.83 -19.84
C GLY B 57 -35.54 25.53 -19.27
N ASP B 58 -36.56 24.97 -19.92
CA ASP B 58 -37.14 23.71 -19.51
C ASP B 58 -37.07 22.62 -20.57
N ASP B 59 -36.71 22.95 -21.81
CA ASP B 59 -36.69 21.96 -22.88
C ASP B 59 -35.46 22.13 -23.77
N SER B 60 -34.35 22.58 -23.22
CA SER B 60 -33.13 22.72 -23.99
C SER B 60 -31.93 22.40 -23.11
N ALA B 61 -30.83 22.03 -23.75
CA ALA B 61 -29.61 21.67 -23.05
C ALA B 61 -28.42 22.00 -23.92
N PHE B 62 -27.35 22.47 -23.30
CA PHE B 62 -26.16 22.90 -24.02
C PHE B 62 -24.94 22.69 -23.14
N GLY B 63 -23.78 22.65 -23.77
CA GLY B 63 -22.54 22.51 -23.03
C GLY B 63 -21.37 22.43 -23.97
N ALA B 64 -20.20 22.20 -23.39
CA ALA B 64 -18.97 22.04 -24.14
C ALA B 64 -18.14 20.93 -23.51
N TYR B 65 -17.06 20.56 -24.18
CA TYR B 65 -16.16 19.52 -23.72
C TYR B 65 -14.77 19.81 -24.23
N PHE B 66 -13.78 19.42 -23.43
CA PHE B 66 -12.38 19.70 -23.73
C PHE B 66 -11.62 18.39 -23.94
N GLY B 67 -10.68 18.41 -24.88
CA GLY B 67 -9.69 17.36 -24.99
C GLY B 67 -10.15 16.03 -25.51
N ARG B 68 -11.36 15.93 -26.05
CA ARG B 68 -11.83 14.67 -26.61
C ARG B 68 -11.08 14.36 -27.89
N ARG B 69 -10.84 13.06 -28.11
CA ARG B 69 -10.14 12.60 -29.31
C ARG B 69 -10.91 11.45 -29.94
N SER B 70 -10.82 11.36 -31.27
CA SER B 70 -11.59 10.39 -32.03
C SER B 70 -10.81 9.09 -32.18
N ALA B 71 -11.54 7.97 -32.09
CA ALA B 71 -10.90 6.66 -32.20
C ALA B 71 -10.31 6.44 -33.58
N ASP B 72 -11.05 6.81 -34.62
CA ASP B 72 -10.57 6.59 -35.98
C ASP B 72 -9.32 7.42 -36.29
N PHE B 73 -9.33 8.69 -35.87
CA PHE B 73 -8.17 9.56 -36.07
C PHE B 73 -6.95 8.99 -35.37
N SER B 74 -7.11 8.59 -34.11
CA SER B 74 -5.99 8.04 -33.35
C SER B 74 -5.49 6.76 -33.98
N GLU B 75 -6.39 5.88 -34.42
CA GLU B 75 -5.97 4.62 -35.03
C GLU B 75 -5.21 4.86 -36.33
N ALA B 76 -5.72 5.77 -37.17
CA ALA B 76 -5.06 6.05 -38.43
C ALA B 76 -3.68 6.65 -38.22
N VAL B 77 -3.54 7.55 -37.25
CA VAL B 77 -2.23 8.13 -36.97
C VAL B 77 -1.29 7.10 -36.37
N GLN B 78 -1.81 6.24 -35.49
CA GLN B 78 -0.99 5.22 -34.87
C GLN B 78 -0.46 4.22 -35.89
N THR B 79 -1.30 3.82 -36.84
CA THR B 79 -0.88 2.86 -37.86
C THR B 79 0.34 3.36 -38.63
N VAL B 80 0.40 4.66 -38.88
CA VAL B 80 1.55 5.23 -39.57
C VAL B 80 2.72 5.42 -38.61
N ARG B 81 2.44 5.72 -37.34
CA ARG B 81 3.52 5.96 -36.37
C ARG B 81 4.38 4.72 -36.17
N ASP B 82 3.76 3.55 -36.05
CA ASP B 82 4.53 2.33 -35.78
C ASP B 82 5.04 1.66 -37.05
N ALA B 83 4.68 2.15 -38.22
CA ALA B 83 5.13 1.56 -39.47
C ALA B 83 5.73 2.61 -40.39
N ALA B 97 11.34 7.74 -37.87
CA ALA B 97 11.24 9.17 -38.17
C ALA B 97 9.78 9.58 -38.33
N PHE B 98 8.88 8.63 -38.11
CA PHE B 98 7.44 8.86 -38.26
C PHE B 98 6.72 8.85 -36.92
N ALA B 99 7.44 9.01 -35.82
CA ALA B 99 6.88 9.01 -34.49
C ALA B 99 6.47 10.40 -34.01
N ASP B 100 6.49 11.39 -34.90
CA ASP B 100 6.10 12.75 -34.55
C ASP B 100 4.79 13.16 -35.18
N LEU B 101 4.07 12.24 -35.80
CA LEU B 101 2.77 12.54 -36.40
C LEU B 101 1.79 12.99 -35.33
N MET B 102 1.07 14.07 -35.62
CA MET B 102 0.21 14.69 -34.62
C MET B 102 -1.08 13.89 -34.43
N PHE B 103 -1.55 13.88 -33.20
CA PHE B 103 -2.90 13.39 -32.88
C PHE B 103 -3.86 14.58 -32.98
N GLU B 104 -5.08 14.40 -32.50
CA GLU B 104 -6.02 15.52 -32.42
C GLU B 104 -5.64 16.42 -31.26
N GLN B 105 -5.34 17.68 -31.56
CA GLN B 105 -4.83 18.62 -30.56
C GLN B 105 -5.87 19.67 -30.26
N ASN B 106 -6.08 19.92 -28.96
CA ASN B 106 -7.04 20.91 -28.48
C ASN B 106 -8.43 20.63 -29.02
N GLY B 107 -8.87 19.38 -28.90
CA GLY B 107 -10.19 19.02 -29.37
C GLY B 107 -11.26 19.81 -28.64
N LEU B 108 -12.24 20.31 -29.39
CA LEU B 108 -13.34 21.08 -28.85
C LEU B 108 -14.65 20.48 -29.30
N ASN B 109 -15.56 20.28 -28.35
CA ASN B 109 -16.89 19.78 -28.63
C ASN B 109 -17.89 20.80 -28.14
N LEU B 110 -18.90 21.08 -28.96
CA LEU B 110 -20.02 21.91 -28.57
C LEU B 110 -21.29 21.16 -28.92
N PHE B 111 -22.24 21.11 -27.99
CA PHE B 111 -23.45 20.35 -28.22
C PHE B 111 -24.67 21.15 -27.78
N TYR B 112 -25.82 20.77 -28.35
CA TYR B 112 -27.09 21.37 -28.04
C TYR B 112 -28.16 20.31 -28.27
N ALA B 113 -29.25 20.42 -27.51
CA ALA B 113 -30.33 19.45 -27.61
C ALA B 113 -31.64 20.12 -27.22
N SER B 114 -32.73 19.69 -27.86
CA SER B 114 -34.02 20.31 -27.61
C SER B 114 -35.13 19.27 -27.81
N LYS B 115 -36.27 19.57 -27.21
CA LYS B 115 -37.45 18.71 -27.29
C LYS B 115 -38.43 19.33 -28.29
N MET B 116 -38.63 18.66 -29.41
CA MET B 116 -39.50 19.16 -30.48
C MET B 116 -40.87 18.50 -30.38
N GLY B 117 -41.56 18.79 -29.28
CA GLY B 117 -42.87 18.21 -29.04
C GLY B 117 -42.77 16.81 -28.45
N GLU B 118 -43.02 15.80 -29.28
CA GLU B 118 -42.86 14.41 -28.86
C GLU B 118 -41.51 13.84 -29.23
N TRP B 119 -40.67 14.57 -29.94
CA TRP B 119 -39.36 14.11 -30.37
C TRP B 119 -38.27 14.89 -29.66
N THR B 120 -37.14 14.22 -29.42
CA THR B 120 -35.95 14.84 -28.86
C THR B 120 -34.83 14.73 -29.88
N TRP B 121 -34.17 15.85 -30.17
CA TRP B 121 -33.10 15.89 -31.16
C TRP B 121 -31.91 16.64 -30.59
N GLY B 122 -30.74 16.34 -31.11
CA GLY B 122 -29.52 16.99 -30.64
C GLY B 122 -28.45 16.98 -31.70
N VAL B 123 -27.53 17.94 -31.57
CA VAL B 123 -26.38 18.08 -32.45
C VAL B 123 -25.13 18.20 -31.60
N THR B 124 -24.04 17.59 -32.07
CA THR B 124 -22.71 17.82 -31.50
C THR B 124 -21.75 18.16 -32.63
N ALA B 125 -20.78 19.01 -32.33
CA ALA B 125 -19.79 19.47 -33.30
C ALA B 125 -18.40 19.29 -32.72
N LYS B 126 -17.48 18.80 -33.54
CA LYS B 126 -16.12 18.52 -33.11
C LYS B 126 -15.15 19.35 -33.92
N TYR B 127 -14.25 20.06 -33.23
N TYR B 127 -14.24 20.04 -33.23
CA TYR B 127 -13.19 20.83 -33.90
CA TYR B 127 -13.19 20.84 -33.89
C TYR B 127 -11.86 20.56 -33.20
C TYR B 127 -11.85 20.57 -33.19
N SER B 128 -10.76 20.44 -33.96
CA SER B 128 -9.43 20.16 -33.41
C SER B 128 -8.40 20.75 -34.37
N ASN B 129 -7.61 21.72 -33.92
CA ASN B 129 -6.56 22.31 -34.77
C ASN B 129 -5.27 22.39 -33.97
N GLY B 130 -4.13 22.25 -34.64
CA GLY B 130 -2.83 22.31 -33.96
C GLY B 130 -1.72 22.34 -34.98
N LYS B 131 -0.55 22.85 -34.60
CA LYS B 131 0.55 22.96 -35.54
C LYS B 131 1.86 23.08 -34.77
N ASN B 132 2.97 22.82 -35.48
CA ASN B 132 4.32 22.96 -34.96
C ASN B 132 5.22 23.25 -36.16
N GLU B 133 5.46 24.53 -36.43
CA GLU B 133 6.20 24.88 -37.67
C GLU B 133 7.70 24.97 -37.42
N ASP B 134 8.22 24.33 -36.38
CA ASP B 134 9.70 24.34 -36.23
C ASP B 134 10.26 23.53 -37.39
N PRO B 135 11.42 23.90 -37.98
CA PRO B 135 11.94 23.21 -39.18
C PRO B 135 12.21 21.70 -39.03
N THR B 136 12.57 21.24 -37.82
CA THR B 136 12.93 19.81 -37.64
C THR B 136 11.72 19.00 -37.17
N VAL B 137 10.53 19.60 -37.13
CA VAL B 137 9.31 18.81 -36.78
C VAL B 137 8.29 19.01 -37.91
N GLY B 138 7.87 20.25 -38.13
CA GLY B 138 6.96 20.56 -39.22
C GLY B 138 5.73 19.66 -39.28
N THR B 139 4.87 19.76 -38.27
CA THR B 139 3.66 18.96 -38.19
C THR B 139 2.44 19.86 -38.11
N LYS B 140 1.33 19.38 -38.65
CA LYS B 140 0.07 20.11 -38.61
C LYS B 140 -1.08 19.11 -38.62
N ALA B 141 -2.09 19.37 -37.80
CA ALA B 141 -3.24 18.48 -37.69
C ALA B 141 -4.51 19.32 -37.64
N THR B 142 -5.59 18.77 -38.20
CA THR B 142 -6.86 19.46 -38.18
C THR B 142 -7.99 18.42 -38.23
N SER B 143 -9.15 18.81 -37.73
CA SER B 143 -10.28 17.89 -37.61
C SER B 143 -11.58 18.68 -37.62
N ALA B 144 -12.65 18.01 -38.01
CA ALA B 144 -13.98 18.60 -38.06
C ALA B 144 -15.00 17.50 -38.30
N GLY B 145 -16.18 17.66 -37.71
CA GLY B 145 -17.26 16.72 -37.92
C GLY B 145 -18.43 17.10 -37.06
N VAL B 146 -19.61 16.61 -37.45
CA VAL B 146 -20.83 16.79 -36.68
C VAL B 146 -21.53 15.45 -36.53
N ALA B 147 -22.41 15.39 -35.54
CA ALA B 147 -23.23 14.21 -35.28
C ALA B 147 -24.62 14.67 -34.93
N VAL B 148 -25.61 14.27 -35.73
CA VAL B 148 -26.99 14.68 -35.56
C VAL B 148 -27.80 13.43 -35.23
N ALA B 149 -28.60 13.51 -34.18
CA ALA B 149 -29.43 12.38 -33.78
C ALA B 149 -30.77 12.88 -33.26
N ALA B 150 -31.80 12.08 -33.46
CA ALA B 150 -33.13 12.37 -32.96
C ALA B 150 -33.71 11.11 -32.36
N SER B 151 -34.61 11.30 -31.38
CA SER B 151 -35.24 10.17 -30.74
C SER B 151 -36.65 10.55 -30.32
N ASN B 152 -37.49 9.54 -30.21
CA ASN B 152 -38.88 9.66 -29.83
C ASN B 152 -39.15 9.01 -28.49
N GLY B 153 -38.55 7.85 -28.25
CA GLY B 153 -38.81 7.06 -27.06
C GLY B 153 -38.89 5.60 -27.45
N THR B 154 -39.33 5.37 -28.69
CA THR B 154 -39.35 4.04 -29.29
C THR B 154 -38.46 3.94 -30.51
N TRP B 155 -38.08 5.05 -31.13
CA TRP B 155 -37.23 5.05 -32.33
C TRP B 155 -36.03 5.93 -32.08
N ASP B 156 -34.85 5.46 -32.48
CA ASP B 156 -33.62 6.22 -32.39
C ASP B 156 -33.00 6.33 -33.77
N PHE B 157 -32.62 7.55 -34.16
CA PHE B 157 -31.95 7.79 -35.43
C PHE B 157 -30.68 8.57 -35.15
N GLU B 158 -29.56 8.06 -35.63
CA GLU B 158 -28.26 8.66 -35.35
C GLU B 158 -27.43 8.69 -36.63
N LEU B 159 -26.72 9.80 -36.85
CA LEU B 159 -25.87 9.95 -38.01
C LEU B 159 -24.62 10.72 -37.61
N VAL B 160 -23.45 10.13 -37.89
CA VAL B 160 -22.16 10.73 -37.58
C VAL B 160 -21.43 10.93 -38.89
N GLN B 161 -21.01 12.18 -39.16
CA GLN B 161 -20.46 12.55 -40.46
C GLN B 161 -19.18 13.35 -40.25
N GLY B 162 -18.04 12.67 -40.26
CA GLY B 162 -16.77 13.36 -40.21
C GLY B 162 -16.54 14.17 -41.47
N PHE B 163 -16.22 15.45 -41.30
CA PHE B 163 -16.01 16.35 -42.43
C PHE B 163 -14.58 16.37 -42.93
N THR B 164 -13.61 16.54 -42.03
CA THR B 164 -12.20 16.60 -42.41
C THR B 164 -11.39 15.93 -41.32
N GLY B 165 -10.18 15.52 -41.69
CA GLY B 165 -9.22 14.98 -40.75
C GLY B 165 -7.90 14.83 -41.46
N LYS B 166 -6.82 15.37 -40.89
CA LYS B 166 -5.54 15.35 -41.58
C LYS B 166 -4.42 15.41 -40.55
N SER B 167 -3.26 14.92 -40.96
CA SER B 167 -2.06 14.97 -40.13
C SER B 167 -0.86 14.91 -41.05
N GLU B 168 -0.24 16.06 -41.32
CA GLU B 168 0.93 16.12 -42.18
C GLU B 168 2.20 16.13 -41.34
N LEU B 169 3.34 16.00 -42.04
CA LEU B 169 4.64 16.00 -41.38
C LEU B 169 5.70 16.32 -42.41
N ASP B 170 6.36 17.46 -42.26
CA ASP B 170 7.47 17.86 -43.14
C ASP B 170 8.72 17.98 -42.27
N ASN B 171 9.38 16.86 -42.05
CA ASN B 171 10.59 16.82 -41.22
C ASN B 171 11.77 17.48 -41.88
N GLY B 172 11.71 17.75 -43.18
CA GLY B 172 12.85 18.18 -43.94
C GLY B 172 13.68 17.06 -44.52
N THR B 173 13.46 15.82 -44.07
CA THR B 173 14.15 14.65 -44.62
C THR B 173 13.13 13.59 -45.02
N VAL B 174 12.00 13.55 -44.30
CA VAL B 174 10.92 12.62 -44.62
C VAL B 174 9.62 13.41 -44.70
N THR B 175 8.63 12.81 -45.36
CA THR B 175 7.31 13.40 -45.51
C THR B 175 6.26 12.34 -45.20
N ALA B 176 5.14 12.78 -44.65
CA ALA B 176 4.02 11.89 -44.35
C ALA B 176 2.75 12.71 -44.27
N GLU B 177 1.62 12.07 -44.54
CA GLU B 177 0.32 12.75 -44.44
C GLU B 177 -0.78 11.69 -44.38
N VAL B 178 -1.62 11.78 -43.36
CA VAL B 178 -2.79 10.93 -43.22
C VAL B 178 -4.03 11.77 -43.43
N GLU B 179 -4.93 11.29 -44.29
CA GLU B 179 -6.11 12.08 -44.64
C GLU B 179 -7.35 11.20 -44.52
N SER B 180 -8.43 11.80 -44.04
CA SER B 180 -9.73 11.16 -44.01
C SER B 180 -10.49 11.49 -45.28
N LYS B 181 -10.96 10.46 -45.98
CA LYS B 181 -11.71 10.63 -47.22
C LYS B 181 -13.16 10.18 -47.07
N GLY B 182 -13.67 10.13 -45.85
CA GLY B 182 -15.05 9.74 -45.63
C GLY B 182 -15.29 9.11 -44.29
N LEU B 183 -16.48 9.31 -43.73
CA LEU B 183 -16.90 8.67 -42.49
C LEU B 183 -18.41 8.75 -42.40
N THR B 184 -19.03 7.62 -42.11
CA THR B 184 -20.50 7.54 -42.10
C THR B 184 -20.92 6.53 -41.05
N ASN B 185 -21.78 6.95 -40.12
CA ASN B 185 -22.27 6.09 -39.05
C ASN B 185 -23.78 6.29 -38.95
N VAL B 186 -24.53 5.43 -39.61
CA VAL B 186 -25.98 5.41 -39.47
C VAL B 186 -26.36 4.36 -38.45
N THR B 187 -27.31 4.67 -37.59
CA THR B 187 -27.76 3.74 -36.56
C THR B 187 -29.24 3.92 -36.32
N VAL B 188 -29.98 2.82 -36.46
CA VAL B 188 -31.44 2.86 -36.17
C VAL B 188 -31.69 1.93 -34.98
N GLY B 189 -32.39 2.43 -33.97
CA GLY B 189 -32.70 1.62 -32.79
C GLY B 189 -34.17 1.60 -32.46
N TYR B 190 -34.67 0.46 -32.00
CA TYR B 190 -36.10 0.31 -31.63
C TYR B 190 -36.19 -0.17 -30.18
N HIS B 191 -37.29 0.13 -29.50
CA HIS B 191 -37.48 -0.28 -28.10
C HIS B 191 -38.73 -1.14 -28.03
N MET B 192 -38.48 -2.51 -28.18
CA MET B 192 -39.61 -3.48 -28.12
C MET B 192 -40.27 -3.42 -26.74
N SER B 193 -39.71 -2.66 -25.81
CA SER B 193 -40.18 -2.62 -24.40
C SER B 193 -39.26 -1.66 -23.64
N PRO B 194 -39.56 -1.25 -22.39
CA PRO B 194 -38.61 -0.46 -21.63
C PRO B 194 -37.33 -1.25 -21.32
N GLU B 195 -37.57 -2.68 -21.33
CA GLU B 195 -36.46 -3.62 -20.99
C GLU B 195 -35.68 -4.05 -22.23
N MET B 196 -36.25 -4.56 -23.20
CA MET B 196 -35.64 -5.06 -24.46
C MET B 196 -35.40 -3.92 -25.44
N GLU B 197 -34.38 -4.07 -26.28
CA GLU B 197 -33.99 -3.03 -27.22
C GLU B 197 -33.22 -3.67 -28.36
N VAL B 198 -33.49 -3.23 -29.58
CA VAL B 198 -32.86 -3.77 -30.79
C VAL B 198 -32.29 -2.61 -31.59
N TYR B 199 -31.11 -2.81 -32.17
CA TYR B 199 -30.43 -1.75 -32.91
C TYR B 199 -29.76 -2.32 -34.15
N GLY B 200 -29.47 -1.43 -35.09
CA GLY B 200 -28.68 -1.76 -36.27
C GLY B 200 -27.75 -0.61 -36.60
N ASN B 201 -26.70 -0.94 -37.35
CA ASN B 201 -25.65 0.05 -37.58
C ASN B 201 -24.89 -0.28 -38.86
N VAL B 202 -24.59 0.76 -39.63
CA VAL B 202 -23.74 0.66 -40.83
C VAL B 202 -22.65 1.71 -40.72
N LYS B 203 -21.41 1.30 -40.96
CA LYS B 203 -20.27 2.19 -40.83
C LYS B 203 -19.39 2.10 -42.07
N MET B 204 -18.97 3.25 -42.59
CA MET B 204 -18.07 3.34 -43.72
C MET B 204 -16.93 4.29 -43.38
N SER B 205 -15.74 3.99 -43.90
CA SER B 205 -14.57 4.81 -43.62
C SER B 205 -13.57 4.66 -44.75
N LYS B 206 -12.69 5.66 -44.87
CA LYS B 206 -11.66 5.66 -45.91
C LYS B 206 -10.52 6.53 -45.46
N VAL B 207 -9.31 5.98 -45.41
CA VAL B 207 -8.12 6.70 -45.00
C VAL B 207 -7.05 6.52 -46.06
N GLU B 208 -6.50 7.62 -46.54
CA GLU B 208 -5.46 7.62 -47.55
C GLU B 208 -4.20 8.23 -46.96
N ALA B 209 -3.06 7.57 -47.16
CA ALA B 209 -1.80 8.00 -46.60
C ALA B 209 -0.74 8.08 -47.70
N ASP B 210 0.26 8.92 -47.48
CA ASP B 210 1.40 9.06 -48.39
C ASP B 210 2.66 8.81 -47.56
N LEU B 211 3.09 7.56 -47.50
CA LEU B 211 4.20 7.14 -46.65
C LEU B 211 5.50 7.32 -47.44
N ASN B 212 6.00 8.55 -47.43
CA ASN B 212 7.23 8.93 -48.13
C ASN B 212 7.16 8.56 -49.61
N GLY B 213 6.02 8.84 -50.24
CA GLY B 213 5.85 8.54 -51.64
C GLY B 213 5.27 7.18 -51.94
N THR B 214 4.75 6.47 -50.94
CA THR B 214 4.12 5.17 -51.13
C THR B 214 2.66 5.26 -50.71
N PRO B 215 1.73 5.44 -51.64
CA PRO B 215 0.31 5.60 -51.26
C PRO B 215 -0.24 4.33 -50.62
N ILE B 216 -0.67 4.47 -49.37
CA ILE B 216 -1.31 3.39 -48.61
C ILE B 216 -2.74 3.79 -48.34
N GLU B 217 -3.68 2.90 -48.67
CA GLU B 217 -5.09 3.18 -48.57
C GLU B 217 -5.82 2.03 -47.89
N VAL B 218 -6.72 2.36 -46.97
CA VAL B 218 -7.58 1.38 -46.32
C VAL B 218 -9.04 1.76 -46.57
N GLU B 219 -9.90 0.75 -46.62
CA GLU B 219 -11.33 0.95 -46.85
C GLU B 219 -12.09 -0.01 -45.96
N THR B 220 -12.72 0.51 -44.92
CA THR B 220 -13.37 -0.30 -43.90
C THR B 220 -14.88 -0.22 -44.04
N THR B 221 -15.52 -1.38 -44.16
CA THR B 221 -16.97 -1.49 -44.21
C THR B 221 -17.41 -2.44 -43.10
N SER B 222 -18.42 -2.03 -42.33
CA SER B 222 -18.87 -2.83 -41.21
C SER B 222 -20.35 -2.60 -40.95
N TYR B 223 -21.00 -3.68 -40.50
CA TYR B 223 -22.45 -3.67 -40.19
C TYR B 223 -22.65 -4.37 -38.85
N LYS B 224 -23.57 -3.91 -38.02
CA LYS B 224 -23.85 -4.52 -36.73
C LYS B 224 -25.36 -4.65 -36.55
N VAL B 225 -25.78 -5.83 -36.09
CA VAL B 225 -27.16 -6.06 -35.66
C VAL B 225 -27.10 -6.66 -34.27
N GLY B 226 -27.90 -6.14 -33.35
CA GLY B 226 -27.80 -6.61 -31.98
C GLY B 226 -29.07 -6.40 -31.19
N MET B 227 -29.05 -6.90 -29.97
CA MET B 227 -30.12 -6.71 -29.01
C MET B 227 -29.52 -6.53 -27.62
N VAL B 228 -30.28 -5.85 -26.76
CA VAL B 228 -29.93 -5.70 -25.35
C VAL B 228 -31.19 -6.01 -24.56
N ASN B 229 -31.07 -6.89 -23.57
CA ASN B 229 -32.22 -7.34 -22.80
C ASN B 229 -31.89 -7.34 -21.32
N THR B 230 -32.91 -7.19 -20.47
CA THR B 230 -32.73 -7.31 -18.99
C THR B 230 -33.50 -8.53 -18.49
N LEU B 231 -32.80 -9.55 -17.96
CA LEU B 231 -33.44 -10.82 -17.52
C LEU B 231 -33.66 -10.84 -16.00
N ALA B 232 -32.93 -10.03 -15.24
CA ALA B 232 -33.18 -9.92 -13.79
C ALA B 232 -33.49 -8.46 -13.48
N LYS B 233 -34.67 -8.20 -12.90
CA LYS B 233 -35.10 -6.80 -12.62
C LYS B 233 -34.93 -6.52 -11.13
N SER B 234 -34.37 -5.36 -10.78
CA SER B 234 -34.16 -4.98 -9.36
C SER B 234 -34.02 -3.46 -9.25
N GLU B 235 -34.26 -2.90 -8.07
CA GLU B 235 -34.24 -1.43 -7.92
C GLU B 235 -32.90 -1.00 -7.32
N GLU B 236 -32.11 -1.97 -6.87
CA GLU B 236 -30.77 -1.66 -6.33
C GLU B 236 -29.77 -1.75 -7.49
N GLY B 237 -29.94 -2.74 -8.36
CA GLY B 237 -29.07 -2.87 -9.53
C GLY B 237 -29.73 -3.67 -10.63
N ASN B 238 -29.34 -3.42 -11.87
CA ASN B 238 -30.00 -4.11 -13.02
C ASN B 238 -29.02 -5.07 -13.70
N PHE B 239 -29.48 -6.28 -13.95
CA PHE B 239 -28.65 -7.27 -14.63
C PHE B 239 -29.08 -7.40 -16.08
N PHE B 240 -28.11 -7.31 -17.00
CA PHE B 240 -28.40 -7.21 -18.42
C PHE B 240 -27.53 -8.18 -19.21
N TYR B 241 -27.98 -8.47 -20.43
CA TYR B 241 -27.19 -9.25 -21.37
C TYR B 241 -27.54 -8.80 -22.78
N GLY B 242 -26.64 -9.10 -23.72
CA GLY B 242 -26.84 -8.70 -25.10
C GLY B 242 -26.11 -9.52 -26.14
N VAL B 243 -26.78 -9.82 -27.25
CA VAL B 243 -26.22 -10.58 -28.36
C VAL B 243 -26.07 -9.65 -29.54
N GLU B 244 -25.07 -9.92 -30.37
CA GLU B 244 -24.76 -9.02 -31.49
C GLU B 244 -24.03 -9.77 -32.58
N VAL B 245 -24.40 -9.51 -33.83
CA VAL B 245 -23.69 -10.01 -35.01
C VAL B 245 -22.96 -8.83 -35.65
N ALA B 246 -21.65 -8.95 -35.78
CA ALA B 246 -20.82 -7.87 -36.32
C ALA B 246 -19.99 -8.40 -37.47
N SER B 247 -20.14 -7.80 -38.63
CA SER B 247 -19.34 -8.12 -39.80
C SER B 247 -18.44 -6.94 -40.15
N THR B 248 -17.19 -7.23 -40.45
CA THR B 248 -16.22 -6.19 -40.78
C THR B 248 -15.41 -6.63 -41.98
N LYS B 249 -15.29 -5.75 -42.96
CA LYS B 249 -14.55 -6.02 -44.18
C LYS B 249 -13.55 -4.90 -44.45
N VAL B 250 -12.31 -5.28 -44.71
CA VAL B 250 -11.26 -4.28 -45.08
C VAL B 250 -10.84 -4.60 -46.52
N LYS B 251 -11.22 -3.75 -47.48
CA LYS B 251 -10.97 -4.02 -48.92
C LYS B 251 -9.58 -4.63 -49.17
N ASP B 252 -9.54 -5.76 -49.88
CA ASP B 252 -8.26 -6.42 -50.24
C ASP B 252 -7.32 -6.51 -49.03
N ASP B 253 -7.71 -7.24 -47.99
CA ASP B 253 -6.82 -7.42 -46.81
C ASP B 253 -7.45 -8.42 -45.83
N SER B 254 -8.61 -8.11 -45.27
CA SER B 254 -9.18 -8.98 -44.21
C SER B 254 -10.70 -9.06 -44.22
N GLU B 255 -11.26 -10.08 -43.58
CA GLU B 255 -12.70 -10.28 -43.45
C GLU B 255 -12.97 -10.97 -42.14
N SER B 256 -13.85 -10.41 -41.32
CA SER B 256 -14.15 -10.95 -40.00
C SER B 256 -15.65 -11.00 -39.78
N LEU B 257 -16.11 -12.11 -39.22
CA LEU B 257 -17.49 -12.26 -38.77
C LEU B 257 -17.47 -12.76 -37.34
N LEU B 258 -18.20 -12.07 -36.46
CA LEU B 258 -18.18 -12.36 -35.04
C LEU B 258 -19.61 -12.40 -34.50
N LEU B 259 -19.76 -12.99 -33.31
CA LEU B 259 -21.02 -12.99 -32.58
C LEU B 259 -20.73 -12.67 -31.11
N PRO B 260 -20.32 -11.44 -30.81
CA PRO B 260 -19.96 -11.10 -29.43
C PRO B 260 -21.19 -11.07 -28.52
N VAL B 261 -21.16 -11.91 -27.49
CA VAL B 261 -22.21 -12.00 -26.49
C VAL B 261 -21.64 -11.51 -25.17
N TYR B 262 -22.39 -10.67 -24.46
CA TYR B 262 -21.92 -10.12 -23.20
C TYR B 262 -23.04 -10.16 -22.17
N MET B 263 -22.64 -10.04 -20.91
CA MET B 263 -23.56 -9.92 -19.80
C MET B 263 -22.88 -9.12 -18.70
N GLY B 264 -23.69 -8.51 -17.84
CA GLY B 264 -23.10 -7.66 -16.82
C GLY B 264 -24.15 -7.14 -15.87
N VAL B 265 -23.69 -6.40 -14.87
CA VAL B 265 -24.57 -5.84 -13.84
C VAL B 265 -23.93 -4.58 -13.29
N GLU B 266 -24.76 -3.62 -12.92
CA GLU B 266 -24.34 -2.46 -12.14
C GLU B 266 -25.22 -2.39 -10.90
N HIS B 267 -24.61 -2.54 -9.73
CA HIS B 267 -25.33 -2.66 -8.48
C HIS B 267 -24.93 -1.54 -7.52
N ASN B 268 -25.92 -0.96 -6.86
CA ASN B 268 -25.68 0.01 -5.79
C ASN B 268 -25.54 -0.77 -4.49
N ALA B 269 -24.32 -1.20 -4.21
CA ALA B 269 -24.06 -2.07 -3.07
C ALA B 269 -24.33 -1.37 -1.75
N ALA B 270 -23.89 -0.13 -1.62
CA ALA B 270 -24.01 0.63 -0.38
C ALA B 270 -24.42 2.05 -0.72
N SER B 271 -24.51 2.88 0.32
CA SER B 271 -24.80 4.30 0.12
C SER B 271 -23.61 5.08 -0.39
N TRP B 272 -22.44 4.46 -0.42
CA TRP B 272 -21.22 5.10 -0.88
C TRP B 272 -20.52 4.35 -2.00
N LEU B 273 -21.11 3.26 -2.51
CA LEU B 273 -20.43 2.37 -3.44
C LEU B 273 -21.37 1.91 -4.53
N VAL B 274 -20.85 1.89 -5.77
CA VAL B 274 -21.48 1.25 -6.91
C VAL B 274 -20.48 0.24 -7.47
N LEU B 275 -20.98 -0.93 -7.86
CA LEU B 275 -20.13 -2.00 -8.36
C LEU B 275 -20.57 -2.42 -9.76
N ARG B 276 -19.61 -2.49 -10.68
CA ARG B 276 -19.85 -2.81 -12.08
C ARG B 276 -18.96 -3.96 -12.51
N ALA B 277 -19.53 -4.91 -13.26
CA ALA B 277 -18.78 -6.06 -13.74
C ALA B 277 -19.47 -6.61 -14.98
N SER B 278 -18.67 -7.20 -15.88
CA SER B 278 -19.22 -7.74 -17.12
C SER B 278 -18.25 -8.78 -17.68
N VAL B 279 -18.80 -9.70 -18.48
CA VAL B 279 -18.02 -10.73 -19.15
C VAL B 279 -18.54 -10.90 -20.57
N ALA B 280 -17.63 -11.10 -21.51
CA ALA B 280 -17.99 -11.18 -22.94
C ALA B 280 -17.16 -12.24 -23.64
N GLN B 281 -17.73 -12.80 -24.71
CA GLN B 281 -17.06 -13.82 -25.51
C GLN B 281 -17.77 -13.96 -26.85
N ASN B 282 -17.00 -14.19 -27.91
CA ASN B 282 -17.56 -14.45 -29.23
C ASN B 282 -17.97 -15.91 -29.33
N VAL B 283 -19.27 -16.17 -29.42
CA VAL B 283 -19.76 -17.57 -29.37
C VAL B 283 -20.05 -18.16 -30.75
N ILE B 284 -19.44 -19.29 -31.08
CA ILE B 284 -19.66 -20.00 -32.37
C ILE B 284 -19.01 -19.26 -33.54
N LEU B 285 -19.27 -17.96 -33.68
CA LEU B 285 -18.70 -17.18 -34.81
C LEU B 285 -17.54 -16.34 -34.28
N ASN B 286 -16.32 -16.74 -34.62
CA ASN B 286 -15.12 -16.06 -34.15
C ASN B 286 -14.06 -15.98 -35.24
N GLU B 287 -14.41 -16.28 -36.48
CA GLU B 287 -13.42 -16.46 -37.54
C GLU B 287 -13.05 -15.13 -38.19
N THR B 288 -11.75 -14.89 -38.32
CA THR B 288 -11.21 -13.76 -39.06
C THR B 288 -10.46 -14.33 -40.26
N LYS B 289 -11.00 -14.12 -41.46
CA LYS B 289 -10.42 -14.67 -42.68
C LYS B 289 -9.50 -13.64 -43.32
N ASP B 290 -8.34 -14.10 -43.76
CA ASP B 290 -7.38 -13.25 -44.45
C ASP B 290 -7.64 -13.39 -45.95
N ASP B 291 -7.88 -12.26 -46.61
CA ASP B 291 -8.19 -12.28 -48.05
C ASP B 291 -6.91 -12.13 -48.88
N ALA B 292 -5.89 -12.91 -48.54
CA ALA B 292 -4.71 -13.05 -49.37
C ALA B 292 -4.24 -14.49 -49.51
N THR B 293 -4.59 -15.38 -48.58
CA THR B 293 -4.24 -16.78 -48.65
C THR B 293 -5.40 -17.71 -48.31
N GLY B 294 -6.49 -17.20 -47.73
CA GLY B 294 -7.58 -18.02 -47.28
C GLY B 294 -7.45 -18.53 -45.87
N ASN B 295 -6.32 -18.29 -45.21
CA ASN B 295 -6.12 -18.78 -43.85
C ASN B 295 -7.01 -18.03 -42.87
N LYS B 296 -7.63 -18.77 -41.96
CA LYS B 296 -8.54 -18.20 -40.98
C LYS B 296 -7.87 -18.12 -39.61
N THR B 297 -8.63 -17.69 -38.62
CA THR B 297 -8.11 -17.52 -37.27
C THR B 297 -9.27 -17.55 -36.29
N ASP B 298 -9.10 -18.28 -35.19
CA ASP B 298 -10.15 -18.44 -34.19
C ASP B 298 -9.46 -18.76 -32.86
N GLU B 299 -9.16 -17.71 -32.10
CA GLU B 299 -8.41 -17.91 -30.83
C GLU B 299 -9.35 -17.71 -29.64
N ASP B 300 -8.82 -17.32 -28.48
CA ASP B 300 -9.63 -17.17 -27.26
C ASP B 300 -10.14 -15.73 -27.18
N SER B 301 -11.42 -15.54 -26.86
CA SER B 301 -12.02 -14.18 -26.84
C SER B 301 -12.47 -13.79 -25.43
N THR B 302 -12.69 -14.75 -24.53
CA THR B 302 -13.27 -14.41 -23.19
C THR B 302 -12.55 -13.20 -22.57
N ARG B 303 -13.30 -12.17 -22.18
CA ARG B 303 -12.72 -10.94 -21.60
C ARG B 303 -13.60 -10.50 -20.42
N MET B 304 -13.02 -9.81 -19.42
CA MET B 304 -13.84 -9.32 -18.32
C MET B 304 -13.43 -7.89 -18.00
N ALA B 305 -14.31 -7.06 -17.39
CA ALA B 305 -13.95 -5.76 -16.86
C ALA B 305 -14.75 -5.51 -15.59
N ALA B 306 -14.20 -4.63 -14.74
CA ALA B 306 -14.83 -4.33 -13.46
C ALA B 306 -14.47 -2.89 -13.08
N GLY B 307 -15.29 -2.31 -12.20
CA GLY B 307 -15.06 -0.95 -11.76
C GLY B 307 -15.99 -0.59 -10.62
N ALA B 308 -15.70 0.55 -10.00
CA ALA B 308 -16.43 1.01 -8.83
C ALA B 308 -16.69 2.50 -8.91
N GLY B 309 -17.70 2.94 -8.17
CA GLY B 309 -17.98 4.36 -8.03
C GLY B 309 -18.21 4.76 -6.59
N ILE B 310 -17.50 5.79 -6.11
CA ILE B 310 -17.55 6.21 -4.73
C ILE B 310 -18.46 7.43 -4.65
N LYS B 311 -19.71 7.23 -4.23
CA LYS B 311 -20.72 8.28 -4.22
C LYS B 311 -20.61 9.08 -2.93
N PHE B 312 -20.07 10.29 -3.00
CA PHE B 312 -19.91 11.16 -1.81
C PHE B 312 -20.95 12.25 -1.92
N GLY B 313 -22.15 11.91 -2.39
CA GLY B 313 -23.25 12.88 -2.48
C GLY B 313 -23.45 13.38 -3.90
N LYS B 314 -23.30 14.67 -4.13
CA LYS B 314 -23.38 15.25 -5.49
C LYS B 314 -22.03 15.06 -6.16
N SER B 315 -21.07 14.45 -5.46
CA SER B 315 -19.74 14.15 -6.02
C SER B 315 -19.58 12.64 -6.10
N VAL B 316 -19.26 12.10 -7.27
CA VAL B 316 -19.04 10.68 -7.49
C VAL B 316 -17.73 10.51 -8.22
N ILE B 317 -16.89 9.60 -7.72
CA ILE B 317 -15.62 9.27 -8.34
C ILE B 317 -15.75 7.88 -8.94
N ASP B 318 -15.75 7.80 -10.27
CA ASP B 318 -15.81 6.55 -10.98
C ASP B 318 -14.41 6.11 -11.37
N ALA B 319 -14.15 4.81 -11.27
CA ALA B 319 -12.86 4.26 -11.64
C ALA B 319 -13.07 2.82 -12.08
N SER B 320 -11.98 2.22 -12.54
CA SER B 320 -11.95 0.82 -12.91
C SER B 320 -10.90 0.11 -12.06
N PHE B 321 -11.23 -1.10 -11.61
CA PHE B 321 -10.30 -1.88 -10.81
C PHE B 321 -9.04 -2.19 -11.61
N ALA B 322 -7.91 -1.63 -11.18
CA ALA B 322 -6.67 -1.73 -11.94
C ALA B 322 -6.14 -3.14 -12.05
N GLY B 323 -6.53 -4.04 -11.15
CA GLY B 323 -5.99 -5.38 -11.15
C GLY B 323 -6.91 -6.43 -11.73
N SER B 324 -7.90 -6.02 -12.52
CA SER B 324 -8.86 -6.98 -13.06
C SER B 324 -8.18 -8.02 -13.93
N THR B 325 -7.20 -7.60 -14.73
CA THR B 325 -6.52 -8.51 -15.64
C THR B 325 -5.73 -9.59 -14.91
N THR B 326 -5.22 -9.31 -13.72
CA THR B 326 -4.50 -10.29 -12.94
C THR B 326 -5.29 -10.77 -11.73
N GLY B 327 -6.49 -10.25 -11.52
CA GLY B 327 -7.35 -10.69 -10.43
C GLY B 327 -6.78 -10.42 -9.05
N VAL B 328 -6.20 -9.24 -8.85
CA VAL B 328 -5.60 -8.88 -7.57
C VAL B 328 -6.14 -7.53 -7.14
N ILE B 329 -6.88 -7.49 -6.04
CA ILE B 329 -7.21 -6.24 -5.38
C ILE B 329 -6.21 -5.96 -4.27
N ASN B 330 -5.06 -5.40 -4.63
CA ASN B 330 -4.11 -4.97 -3.61
C ASN B 330 -3.90 -3.46 -3.72
N ALA B 331 -3.29 -2.89 -2.68
CA ALA B 331 -3.18 -1.44 -2.59
C ALA B 331 -2.34 -0.85 -3.70
N ASN B 332 -1.41 -1.62 -4.28
CA ASN B 332 -0.65 -1.15 -5.44
C ASN B 332 -1.45 -1.25 -6.74
N ASN B 333 -2.61 -1.91 -6.71
CA ASN B 333 -3.44 -2.12 -7.89
C ASN B 333 -4.91 -1.84 -7.55
N LEU B 334 -5.18 -0.70 -6.92
CA LEU B 334 -6.55 -0.44 -6.49
C LEU B 334 -7.41 0.17 -7.60
N PHE B 335 -7.11 1.39 -8.02
CA PHE B 335 -8.01 2.14 -8.89
C PHE B 335 -7.26 2.72 -10.08
N SER B 336 -7.96 2.84 -11.20
CA SER B 336 -7.39 3.36 -12.42
C SER B 336 -8.52 3.94 -13.27
N GLN B 337 -8.14 4.77 -14.24
CA GLN B 337 -9.09 5.44 -15.13
C GLN B 337 -10.08 6.27 -14.31
N VAL B 338 -9.55 7.14 -13.46
CA VAL B 338 -10.36 7.89 -12.52
C VAL B 338 -11.04 9.04 -13.24
N ALA B 339 -12.28 9.34 -12.83
CA ALA B 339 -13.03 10.46 -13.36
C ALA B 339 -13.92 11.00 -12.25
N TYR B 340 -13.96 12.33 -12.13
CA TYR B 340 -14.75 13.00 -11.11
C TYR B 340 -15.99 13.62 -11.76
N THR B 341 -17.15 13.39 -11.16
CA THR B 341 -18.41 13.90 -11.68
C THR B 341 -19.13 14.67 -10.60
N TYR B 342 -19.49 15.91 -10.89
CA TYR B 342 -20.29 16.74 -9.99
C TYR B 342 -21.63 17.01 -10.65
N THR B 343 -22.72 16.77 -9.91
CA THR B 343 -24.07 16.97 -10.41
C THR B 343 -24.66 18.20 -9.76
N PHE B 344 -25.07 19.18 -10.57
CA PHE B 344 -25.56 20.47 -10.04
C PHE B 344 -26.99 20.30 -9.53
N SER C 1 -16.99 -19.50 -5.86
CA SER C 1 -15.81 -19.02 -6.60
C SER C 1 -14.73 -20.06 -6.48
N LYS C 2 -13.69 -19.97 -7.31
CA LYS C 2 -12.56 -20.91 -7.23
C LYS C 2 -11.84 -20.64 -5.90
N ALA C 3 -11.64 -19.38 -5.56
CA ALA C 3 -11.03 -19.01 -4.27
C ALA C 3 -11.81 -19.66 -3.12
N ARG C 4 -13.12 -19.51 -3.06
CA ARG C 4 -13.87 -20.06 -1.93
C ARG C 4 -13.68 -21.57 -1.82
N VAL C 5 -13.78 -22.28 -2.93
CA VAL C 5 -13.63 -23.73 -2.90
C VAL C 5 -12.21 -24.10 -2.49
N GLU C 6 -11.23 -23.28 -2.87
CA GLU C 6 -9.84 -23.58 -2.53
C GLU C 6 -9.59 -23.41 -1.05
N ALA C 7 -10.05 -22.29 -0.48
CA ALA C 7 -9.89 -22.03 0.94
C ALA C 7 -10.69 -22.97 1.82
N LEU C 8 -11.61 -23.73 1.24
CA LEU C 8 -12.36 -24.76 1.95
C LEU C 8 -11.84 -26.15 1.62
N ALA C 9 -10.64 -26.25 1.04
CA ALA C 9 -9.92 -27.50 0.81
C ALA C 9 -10.66 -28.45 -0.13
N ASN C 10 -11.28 -27.87 -1.16
CA ASN C 10 -11.94 -28.69 -2.21
C ASN C 10 -12.72 -29.77 -1.49
N SER C 11 -13.25 -29.35 -0.30
CA SER C 11 -14.11 -30.24 0.52
C SER C 11 -15.33 -30.65 -0.29
N ARG C 12 -15.81 -31.89 -0.06
CA ARG C 12 -16.99 -32.35 -0.84
C ARG C 12 -18.27 -32.00 -0.10
N HIS C 13 -18.26 -30.93 0.68
CA HIS C 13 -19.51 -30.52 1.36
C HIS C 13 -19.87 -29.10 0.90
N VAL C 14 -18.93 -28.42 0.22
CA VAL C 14 -19.18 -27.01 -0.15
C VAL C 14 -20.03 -26.97 -1.43
N LEU C 15 -21.24 -26.40 -1.36
CA LEU C 15 -22.06 -26.21 -2.57
C LEU C 15 -21.68 -24.84 -3.12
N ASP C 16 -21.18 -24.81 -4.35
CA ASP C 16 -20.77 -23.53 -4.96
C ASP C 16 -21.03 -23.65 -6.45
N PHE C 17 -21.03 -22.53 -7.15
CA PHE C 17 -21.18 -22.57 -8.61
C PHE C 17 -20.13 -23.46 -9.24
N GLN C 18 -18.89 -23.39 -8.74
CA GLN C 18 -17.79 -24.13 -9.36
C GLN C 18 -17.84 -25.63 -9.07
N THR C 19 -18.49 -26.03 -7.99
CA THR C 19 -18.62 -27.45 -7.68
C THR C 19 -19.83 -28.09 -8.34
N ALA C 20 -20.70 -27.30 -8.95
CA ALA C 20 -21.91 -27.81 -9.59
C ALA C 20 -21.70 -28.15 -11.06
N PHE C 21 -20.55 -27.81 -11.63
CA PHE C 21 -20.26 -28.18 -13.01
C PHE C 21 -20.17 -29.69 -13.17
N ASP C 22 -19.51 -30.36 -12.23
CA ASP C 22 -19.40 -31.82 -12.24
C ASP C 22 -20.47 -32.50 -11.40
N ARG C 23 -21.31 -31.74 -10.71
CA ARG C 23 -22.44 -32.27 -9.95
C ARG C 23 -23.69 -31.49 -10.31
N PRO C 24 -24.22 -31.70 -11.52
CA PRO C 24 -25.25 -30.80 -12.06
C PRO C 24 -26.60 -30.87 -11.36
N TYR C 25 -26.82 -31.75 -10.39
CA TYR C 25 -28.03 -31.61 -9.59
C TYR C 25 -27.94 -30.45 -8.61
N GLN C 26 -26.74 -29.91 -8.40
CA GLN C 26 -26.52 -28.81 -7.46
C GLN C 26 -26.94 -27.47 -8.02
N PHE C 27 -27.24 -27.38 -9.32
CA PHE C 27 -27.71 -26.13 -9.91
C PHE C 27 -29.15 -25.84 -9.49
N MET C 28 -29.90 -26.85 -9.07
CA MET C 28 -31.25 -26.63 -8.57
C MET C 28 -31.27 -26.18 -7.11
N ALA C 29 -30.17 -26.35 -6.38
CA ALA C 29 -30.09 -25.95 -4.99
C ALA C 29 -29.47 -24.57 -4.80
N LEU C 30 -28.64 -24.13 -5.74
CA LEU C 30 -28.13 -22.78 -5.69
C LEU C 30 -29.25 -21.78 -5.89
N SER C 31 -29.05 -20.57 -5.36
CA SER C 31 -29.94 -19.47 -5.69
C SER C 31 -29.60 -18.94 -7.08
N GLU C 32 -30.48 -18.09 -7.59
CA GLU C 32 -30.19 -17.43 -8.86
C GLU C 32 -29.05 -16.45 -8.68
N GLN C 33 -28.00 -16.65 -9.49
CA GLN C 33 -26.80 -15.81 -9.35
C GLN C 33 -26.03 -15.69 -10.66
N ALA C 34 -25.16 -14.69 -10.73
CA ALA C 34 -24.28 -14.48 -11.88
C ALA C 34 -22.87 -14.22 -11.32
N THR C 35 -21.86 -14.91 -11.82
CA THR C 35 -20.50 -14.81 -11.24
C THR C 35 -19.50 -14.43 -12.34
N ILE C 36 -18.53 -13.57 -12.03
CA ILE C 36 -17.47 -13.20 -13.00
C ILE C 36 -16.11 -13.41 -12.33
N GLU C 37 -15.27 -14.28 -12.88
CA GLU C 37 -13.93 -14.54 -12.32
C GLU C 37 -12.95 -13.63 -13.05
N TRP C 38 -12.24 -12.81 -12.31
CA TRP C 38 -11.32 -11.83 -12.88
C TRP C 38 -10.15 -12.52 -13.57
N GLY C 39 -9.69 -11.94 -14.67
CA GLY C 39 -8.57 -12.50 -15.39
C GLY C 39 -8.38 -11.83 -16.73
N ASN C 40 -7.45 -12.37 -17.51
CA ASN C 40 -7.11 -11.89 -18.84
C ASN C 40 -7.52 -12.90 -19.91
N THR C 41 -7.17 -12.59 -21.15
CA THR C 41 -7.50 -13.41 -22.31
C THR C 41 -6.31 -14.25 -22.72
N GLY C 42 -6.57 -15.48 -23.14
CA GLY C 42 -5.53 -16.35 -23.63
C GLY C 42 -5.03 -17.31 -22.57
N ASP C 43 -3.76 -17.72 -22.70
CA ASP C 43 -3.13 -18.61 -21.72
C ASP C 43 -2.52 -17.76 -20.60
N ALA C 44 -3.40 -17.20 -19.79
CA ALA C 44 -3.01 -16.35 -18.67
C ALA C 44 -3.73 -16.82 -17.42
N ASN C 45 -3.02 -16.79 -16.30
CA ASN C 45 -3.55 -17.24 -15.02
C ASN C 45 -3.64 -16.07 -14.05
N PRO C 46 -4.83 -15.72 -13.55
CA PRO C 46 -6.13 -16.36 -13.79
C PRO C 46 -6.74 -16.00 -15.13
N HIS C 47 -7.53 -16.88 -15.72
CA HIS C 47 -8.23 -16.61 -16.97
C HIS C 47 -9.59 -15.99 -16.69
N ALA C 48 -10.12 -15.29 -17.69
CA ALA C 48 -11.42 -14.65 -17.57
C ALA C 48 -12.53 -15.68 -17.73
N GLU C 49 -13.52 -15.62 -16.84
CA GLU C 49 -14.63 -16.55 -16.86
C GLU C 49 -15.86 -15.84 -16.33
N GLY C 50 -17.02 -16.39 -16.63
CA GLY C 50 -18.26 -15.85 -16.11
C GLY C 50 -19.45 -16.58 -16.67
N GLY C 51 -20.57 -16.44 -15.98
CA GLY C 51 -21.79 -17.10 -16.38
C GLY C 51 -22.89 -16.83 -15.38
N PHE C 52 -24.00 -17.54 -15.54
CA PHE C 52 -25.17 -17.33 -14.68
C PHE C 52 -25.98 -18.61 -14.49
N VAL C 53 -26.89 -18.62 -13.53
CA VAL C 53 -27.86 -19.73 -13.36
C VAL C 53 -29.19 -19.05 -13.05
N LYS C 54 -30.23 -19.36 -13.80
CA LYS C 54 -31.58 -18.78 -13.55
C LYS C 54 -32.55 -19.92 -13.34
N ARG C 55 -33.65 -19.72 -12.56
CA ARG C 55 -34.72 -20.67 -12.33
C ARG C 55 -35.79 -20.53 -13.41
N HIS C 56 -36.15 -21.65 -14.04
CA HIS C 56 -37.13 -21.69 -15.11
C HIS C 56 -38.40 -22.34 -14.53
N GLY C 57 -39.28 -21.52 -13.98
CA GLY C 57 -40.47 -22.07 -13.33
C GLY C 57 -40.22 -22.21 -11.85
N ASP C 58 -40.39 -23.40 -11.30
CA ASP C 58 -40.07 -23.62 -9.87
C ASP C 58 -39.42 -25.00 -9.72
N ASP C 59 -39.39 -25.76 -10.81
CA ASP C 59 -38.82 -27.13 -10.73
C ASP C 59 -37.79 -27.31 -11.85
N SER C 60 -37.20 -26.22 -12.33
CA SER C 60 -36.15 -26.36 -13.37
C SER C 60 -35.19 -25.17 -13.32
N ALA C 61 -33.95 -25.40 -13.74
CA ALA C 61 -32.92 -24.36 -13.75
C ALA C 61 -32.09 -24.50 -15.02
N PHE C 62 -31.43 -23.43 -15.45
CA PHE C 62 -30.65 -23.43 -16.71
C PHE C 62 -29.64 -22.30 -16.66
N GLY C 63 -28.59 -22.40 -17.47
CA GLY C 63 -27.59 -21.35 -17.48
C GLY C 63 -26.53 -21.65 -18.50
N ALA C 64 -25.54 -20.76 -18.55
CA ALA C 64 -24.38 -20.92 -19.43
C ALA C 64 -23.17 -20.30 -18.76
N TYR C 65 -21.99 -20.74 -19.19
CA TYR C 65 -20.73 -20.30 -18.61
C TYR C 65 -19.69 -20.11 -19.70
N PHE C 66 -18.92 -19.04 -19.59
CA PHE C 66 -17.88 -18.70 -20.57
C PHE C 66 -16.51 -18.99 -20.01
N GLY C 67 -15.66 -19.66 -20.80
CA GLY C 67 -14.25 -19.68 -20.56
C GLY C 67 -13.71 -20.76 -19.64
N ARG C 68 -14.52 -21.73 -19.23
CA ARG C 68 -14.02 -22.78 -18.36
C ARG C 68 -13.07 -23.69 -19.12
N ARG C 69 -11.87 -23.88 -18.57
CA ARG C 69 -10.86 -24.76 -19.15
C ARG C 69 -10.65 -25.97 -18.24
N SER C 70 -10.54 -27.14 -18.84
CA SER C 70 -10.41 -28.37 -18.09
C SER C 70 -9.05 -28.45 -17.40
N ALA C 71 -8.94 -29.38 -16.45
CA ALA C 71 -7.67 -29.66 -15.81
C ALA C 71 -6.89 -30.74 -16.55
N ASP C 72 -7.58 -31.79 -16.99
CA ASP C 72 -6.92 -32.85 -17.75
C ASP C 72 -6.40 -32.34 -19.09
N PHE C 73 -7.21 -31.54 -19.79
CA PHE C 73 -6.78 -31.00 -21.07
C PHE C 73 -5.56 -30.10 -20.90
N SER C 74 -5.63 -29.17 -19.94
CA SER C 74 -4.51 -28.26 -19.72
C SER C 74 -3.26 -29.02 -19.30
N GLU C 75 -3.41 -30.02 -18.44
CA GLU C 75 -2.25 -30.81 -18.00
C GLU C 75 -1.62 -31.55 -19.17
N ALA C 76 -2.44 -32.25 -19.96
CA ALA C 76 -1.92 -33.04 -21.07
C ALA C 76 -1.24 -32.15 -22.11
N VAL C 77 -1.80 -30.97 -22.36
CA VAL C 77 -1.14 -30.04 -23.27
C VAL C 77 0.15 -29.51 -22.65
N GLN C 78 0.16 -29.29 -21.34
CA GLN C 78 1.32 -28.69 -20.70
C GLN C 78 2.52 -29.64 -20.69
N THR C 79 2.29 -30.93 -20.44
CA THR C 79 3.41 -31.86 -20.44
C THR C 79 4.12 -31.88 -21.78
N VAL C 80 3.36 -31.88 -22.87
CA VAL C 80 3.96 -31.78 -24.20
C VAL C 80 4.53 -30.39 -24.43
N ARG C 81 3.88 -29.36 -23.89
CA ARG C 81 4.31 -27.99 -24.15
C ARG C 81 5.71 -27.72 -23.62
N ASP C 82 5.98 -28.17 -22.39
CA ASP C 82 7.28 -27.83 -21.75
C ASP C 82 8.36 -28.88 -22.10
N ALA C 83 8.10 -29.77 -23.06
CA ALA C 83 9.14 -30.71 -23.51
C ALA C 83 10.20 -29.96 -24.32
N ASN C 95 15.19 -24.43 -25.92
CA ASN C 95 14.55 -24.51 -27.23
C ASN C 95 13.11 -24.97 -27.10
N PRO C 96 12.20 -24.03 -26.84
CA PRO C 96 10.76 -24.37 -26.74
C PRO C 96 10.12 -24.55 -28.12
N ALA C 97 10.50 -25.65 -28.78
CA ALA C 97 10.01 -25.91 -30.12
C ALA C 97 8.51 -26.19 -30.16
N PHE C 98 7.93 -26.62 -29.04
CA PHE C 98 6.52 -26.99 -28.98
C PHE C 98 5.70 -26.00 -28.15
N ALA C 99 6.19 -24.78 -28.00
CA ALA C 99 5.56 -23.79 -27.12
C ALA C 99 4.26 -23.23 -27.67
N ASP C 100 3.86 -23.66 -28.87
CA ASP C 100 2.64 -23.07 -29.47
C ASP C 100 1.44 -24.00 -29.25
N LEU C 101 1.65 -25.20 -28.72
CA LEU C 101 0.50 -26.14 -28.60
C LEU C 101 -0.64 -25.39 -27.92
N MET C 102 -1.84 -25.44 -28.48
CA MET C 102 -2.97 -24.62 -27.96
C MET C 102 -3.71 -25.36 -26.87
N PHE C 103 -4.23 -24.64 -25.87
CA PHE C 103 -5.08 -25.25 -24.84
C PHE C 103 -6.51 -25.14 -25.36
N GLU C 104 -7.52 -25.26 -24.51
CA GLU C 104 -8.92 -25.04 -24.97
C GLU C 104 -9.02 -23.58 -25.37
N GLN C 105 -9.71 -23.27 -26.49
CA GLN C 105 -9.72 -21.90 -26.98
C GLN C 105 -10.89 -21.10 -26.43
N ASN C 106 -12.12 -21.50 -26.75
CA ASN C 106 -13.31 -20.74 -26.35
C ASN C 106 -14.27 -21.69 -25.65
N GLY C 107 -14.26 -21.66 -24.32
CA GLY C 107 -15.10 -22.56 -23.55
C GLY C 107 -16.55 -22.13 -23.55
N LEU C 108 -17.45 -23.11 -23.50
CA LEU C 108 -18.88 -22.86 -23.43
C LEU C 108 -19.54 -24.03 -22.72
N ASN C 109 -20.30 -23.74 -21.67
CA ASN C 109 -21.02 -24.73 -20.89
C ASN C 109 -22.50 -24.43 -20.93
N LEU C 110 -23.32 -25.47 -21.09
CA LEU C 110 -24.77 -25.35 -21.06
C LEU C 110 -25.32 -26.39 -20.10
N PHE C 111 -25.93 -25.94 -19.01
CA PHE C 111 -26.40 -26.87 -18.00
C PHE C 111 -27.88 -26.69 -17.74
N TYR C 112 -28.54 -27.80 -17.45
CA TYR C 112 -29.95 -27.85 -17.15
C TYR C 112 -30.15 -28.74 -15.92
N ALA C 113 -31.17 -28.43 -15.12
CA ALA C 113 -31.44 -29.20 -13.92
C ALA C 113 -32.94 -29.20 -13.65
N SER C 114 -33.47 -30.36 -13.29
CA SER C 114 -34.89 -30.51 -13.02
C SER C 114 -35.10 -31.38 -11.79
N LYS C 115 -36.21 -31.16 -11.10
CA LYS C 115 -36.58 -31.93 -9.91
C LYS C 115 -37.70 -32.89 -10.29
N MET C 116 -37.33 -34.12 -10.65
CA MET C 116 -38.29 -35.14 -11.05
C MET C 116 -38.68 -35.91 -9.81
N GLY C 117 -39.83 -35.55 -9.23
CA GLY C 117 -40.29 -36.16 -8.00
C GLY C 117 -39.43 -35.80 -6.81
N GLU C 118 -38.75 -36.78 -6.24
CA GLU C 118 -37.81 -36.55 -5.16
C GLU C 118 -36.36 -36.56 -5.63
N TRP C 119 -36.10 -36.95 -6.87
CA TRP C 119 -34.76 -37.05 -7.40
C TRP C 119 -34.47 -35.80 -8.23
N THR C 120 -33.44 -35.06 -7.82
CA THR C 120 -32.92 -33.98 -8.66
C THR C 120 -31.96 -34.56 -9.68
N TRP C 121 -32.02 -34.05 -10.91
CA TRP C 121 -31.15 -34.52 -11.98
C TRP C 121 -30.67 -33.32 -12.77
N GLY C 122 -29.49 -33.47 -13.39
CA GLY C 122 -28.91 -32.37 -14.13
C GLY C 122 -27.87 -32.84 -15.11
N VAL C 123 -27.69 -32.05 -16.17
CA VAL C 123 -26.75 -32.34 -17.24
C VAL C 123 -25.93 -31.09 -17.51
N THR C 124 -24.64 -31.28 -17.73
CA THR C 124 -23.73 -30.20 -18.13
C THR C 124 -23.01 -30.61 -19.40
N ALA C 125 -23.00 -29.73 -20.40
CA ALA C 125 -22.34 -29.99 -21.67
C ALA C 125 -21.19 -29.01 -21.84
N LYS C 126 -20.11 -29.48 -22.44
CA LYS C 126 -18.93 -28.66 -22.64
C LYS C 126 -18.53 -28.68 -24.11
N TYR C 127 -18.29 -27.51 -24.68
N TYR C 127 -18.34 -27.49 -24.69
CA TYR C 127 -17.83 -27.39 -26.05
CA TYR C 127 -17.88 -27.37 -26.10
C TYR C 127 -16.68 -26.39 -26.12
C TYR C 127 -16.73 -26.37 -26.17
N SER C 128 -15.75 -26.63 -27.03
CA SER C 128 -14.60 -25.77 -27.22
C SER C 128 -14.06 -25.97 -28.62
N ASN C 129 -13.63 -24.89 -29.26
CA ASN C 129 -13.09 -24.96 -30.61
C ASN C 129 -12.28 -23.72 -30.89
N GLY C 130 -11.19 -23.88 -31.62
CA GLY C 130 -10.36 -22.77 -32.01
C GLY C 130 -9.28 -23.24 -32.96
N LYS C 131 -8.73 -22.29 -33.71
CA LYS C 131 -7.72 -22.63 -34.70
C LYS C 131 -6.90 -21.39 -35.04
N ASN C 132 -5.72 -21.64 -35.60
CA ASN C 132 -4.85 -20.61 -36.15
C ASN C 132 -4.21 -21.21 -37.39
N GLU C 133 -4.60 -20.71 -38.56
CA GLU C 133 -4.17 -21.31 -39.82
C GLU C 133 -2.98 -20.60 -40.44
N ASP C 134 -2.34 -19.72 -39.70
CA ASP C 134 -1.10 -19.10 -40.17
C ASP C 134 -0.07 -20.20 -40.43
N PRO C 135 0.63 -20.17 -41.57
CA PRO C 135 1.69 -21.17 -41.79
C PRO C 135 2.72 -21.22 -40.69
N THR C 136 3.05 -20.09 -40.07
CA THR C 136 3.99 -20.08 -38.96
C THR C 136 3.42 -20.82 -37.75
N VAL C 137 2.13 -20.65 -37.47
CA VAL C 137 1.49 -21.23 -36.30
C VAL C 137 0.30 -22.05 -36.80
N GLY C 138 0.52 -23.33 -37.06
CA GLY C 138 -0.54 -24.21 -37.53
C GLY C 138 -1.24 -25.00 -36.44
N THR C 139 -2.06 -24.34 -35.61
CA THR C 139 -2.61 -24.95 -34.41
C THR C 139 -4.13 -25.11 -34.50
N LYS C 140 -4.62 -26.24 -34.02
CA LYS C 140 -6.05 -26.49 -33.86
C LYS C 140 -6.31 -27.12 -32.50
N ALA C 141 -7.51 -26.95 -31.98
CA ALA C 141 -7.86 -27.49 -30.66
C ALA C 141 -9.36 -27.64 -30.56
N THR C 142 -9.80 -28.84 -30.17
CA THR C 142 -11.22 -29.16 -30.04
C THR C 142 -11.39 -30.01 -28.78
N SER C 143 -12.58 -29.91 -28.17
CA SER C 143 -12.87 -30.70 -26.98
C SER C 143 -14.37 -30.72 -26.73
N ALA C 144 -14.88 -31.87 -26.29
CA ALA C 144 -16.30 -32.03 -26.02
C ALA C 144 -16.50 -33.09 -24.95
N GLY C 145 -17.53 -32.90 -24.13
CA GLY C 145 -17.84 -33.86 -23.08
C GLY C 145 -19.13 -33.49 -22.40
N VAL C 146 -19.62 -34.42 -21.56
CA VAL C 146 -20.87 -34.24 -20.83
C VAL C 146 -20.69 -34.71 -19.40
N ALA C 147 -21.58 -34.25 -18.53
CA ALA C 147 -21.60 -34.66 -17.13
C ALA C 147 -23.04 -34.84 -16.69
N VAL C 148 -23.38 -36.04 -16.24
CA VAL C 148 -24.72 -36.40 -15.81
C VAL C 148 -24.67 -36.75 -14.34
N ALA C 149 -25.67 -36.30 -13.58
CA ALA C 149 -25.73 -36.64 -12.17
C ALA C 149 -27.16 -36.56 -11.68
N ALA C 150 -27.42 -37.32 -10.61
CA ALA C 150 -28.71 -37.33 -9.93
C ALA C 150 -28.48 -37.42 -8.43
N SER C 151 -29.48 -37.00 -7.67
CA SER C 151 -29.35 -37.01 -6.22
C SER C 151 -30.71 -37.29 -5.59
N ASN C 152 -30.70 -38.05 -4.51
CA ASN C 152 -31.90 -38.36 -3.73
C ASN C 152 -32.03 -37.49 -2.50
N GLY C 153 -30.95 -36.81 -2.09
CA GLY C 153 -30.83 -36.22 -0.77
C GLY C 153 -29.96 -37.05 0.15
N THR C 154 -30.02 -38.37 0.03
CA THR C 154 -29.15 -39.29 0.74
C THR C 154 -28.23 -40.08 -0.18
N TRP C 155 -28.60 -40.24 -1.44
CA TRP C 155 -27.80 -40.97 -2.43
C TRP C 155 -27.44 -40.03 -3.56
N ASP C 156 -26.16 -40.03 -3.95
CA ASP C 156 -25.69 -39.24 -5.08
C ASP C 156 -25.07 -40.17 -6.11
N PHE C 157 -25.28 -39.84 -7.39
CA PHE C 157 -24.70 -40.59 -8.49
C PHE C 157 -24.23 -39.58 -9.53
N GLU C 158 -22.93 -39.56 -9.82
CA GLU C 158 -22.36 -38.60 -10.74
C GLU C 158 -21.47 -39.32 -11.74
N LEU C 159 -21.65 -38.99 -13.02
CA LEU C 159 -20.91 -39.61 -14.11
C LEU C 159 -20.38 -38.51 -15.02
N VAL C 160 -19.09 -38.58 -15.36
CA VAL C 160 -18.47 -37.61 -16.24
C VAL C 160 -17.81 -38.36 -17.39
N GLN C 161 -18.09 -37.93 -18.62
CA GLN C 161 -17.57 -38.58 -19.80
C GLN C 161 -16.92 -37.53 -20.71
N GLY C 162 -15.79 -37.88 -21.29
CA GLY C 162 -15.12 -37.02 -22.24
C GLY C 162 -15.28 -37.56 -23.65
N PHE C 163 -16.14 -36.92 -24.44
CA PHE C 163 -16.43 -37.41 -25.78
C PHE C 163 -15.20 -37.34 -26.67
N THR C 164 -14.49 -36.21 -26.64
CA THR C 164 -13.30 -36.03 -27.45
C THR C 164 -12.45 -34.93 -26.83
N GLY C 165 -11.19 -34.91 -27.24
CA GLY C 165 -10.26 -33.86 -26.86
C GLY C 165 -9.00 -34.00 -27.68
N LYS C 166 -8.54 -32.91 -28.30
CA LYS C 166 -7.40 -33.02 -29.19
C LYS C 166 -6.82 -31.63 -29.43
N SER C 167 -5.49 -31.55 -29.43
CA SER C 167 -4.78 -30.31 -29.69
C SER C 167 -3.67 -30.61 -30.68
N GLU C 168 -3.65 -29.90 -31.80
CA GLU C 168 -2.72 -30.16 -32.89
C GLU C 168 -1.80 -28.98 -33.12
N LEU C 169 -0.67 -29.26 -33.76
CA LEU C 169 0.30 -28.22 -34.09
C LEU C 169 1.18 -28.72 -35.23
N ASP C 170 1.15 -28.01 -36.36
CA ASP C 170 1.91 -28.38 -37.55
C ASP C 170 2.57 -27.12 -38.12
N ASN C 171 3.78 -26.83 -37.65
CA ASN C 171 4.54 -25.72 -38.19
C ASN C 171 5.17 -26.11 -39.52
N GLY C 172 6.10 -25.27 -39.97
CA GLY C 172 6.90 -25.61 -41.13
C GLY C 172 7.96 -26.64 -40.81
N THR C 173 8.29 -26.79 -39.52
CA THR C 173 9.35 -27.68 -39.07
C THR C 173 8.83 -28.82 -38.22
N VAL C 174 8.09 -28.53 -37.15
CA VAL C 174 7.74 -29.53 -36.16
C VAL C 174 6.32 -30.03 -36.39
N THR C 175 5.97 -31.11 -35.70
CA THR C 175 4.65 -31.72 -35.80
C THR C 175 4.35 -32.43 -34.49
N ALA C 176 3.29 -32.00 -33.80
CA ALA C 176 2.98 -32.55 -32.49
C ALA C 176 1.51 -32.40 -32.13
N GLU C 177 0.85 -33.49 -31.79
CA GLU C 177 -0.53 -33.46 -31.35
C GLU C 177 -0.74 -34.37 -30.14
N VAL C 178 -1.70 -33.98 -29.30
CA VAL C 178 -2.15 -34.78 -28.17
C VAL C 178 -3.61 -35.13 -28.41
N GLU C 179 -4.03 -36.24 -27.81
CA GLU C 179 -5.39 -36.70 -28.04
C GLU C 179 -5.82 -37.60 -26.88
N SER C 180 -7.00 -37.35 -26.36
CA SER C 180 -7.57 -38.15 -25.29
C SER C 180 -8.37 -39.31 -25.86
N LYS C 181 -8.07 -40.52 -25.41
CA LYS C 181 -8.74 -41.74 -25.84
C LYS C 181 -9.65 -42.28 -24.74
N GLY C 182 -10.31 -41.39 -24.00
CA GLY C 182 -11.21 -41.81 -22.95
C GLY C 182 -10.99 -41.07 -21.66
N LEU C 183 -12.05 -40.78 -20.94
CA LEU C 183 -11.95 -40.09 -19.63
C LEU C 183 -13.22 -40.37 -18.83
N THR C 184 -13.21 -41.38 -18.00
CA THR C 184 -14.39 -41.72 -17.15
C THR C 184 -14.18 -41.15 -15.74
N ASN C 185 -15.26 -40.94 -15.01
CA ASN C 185 -15.17 -40.42 -13.63
C ASN C 185 -16.49 -40.73 -12.93
N VAL C 186 -16.68 -41.97 -12.50
CA VAL C 186 -17.91 -42.36 -11.74
C VAL C 186 -17.73 -41.96 -10.27
N THR C 187 -18.80 -41.52 -9.62
CA THR C 187 -18.73 -41.09 -8.20
C THR C 187 -20.06 -41.39 -7.50
N VAL C 188 -20.00 -41.97 -6.30
CA VAL C 188 -21.21 -42.28 -5.51
C VAL C 188 -21.09 -41.52 -4.18
N GLY C 189 -22.20 -41.29 -3.52
CA GLY C 189 -22.22 -40.58 -2.25
C GLY C 189 -23.42 -40.91 -1.39
N TYR C 190 -23.19 -41.19 -0.12
CA TYR C 190 -24.25 -41.52 0.82
C TYR C 190 -24.24 -40.52 1.98
N HIS C 191 -25.41 -40.10 2.41
CA HIS C 191 -25.50 -39.12 3.51
C HIS C 191 -26.27 -39.77 4.65
N MET C 192 -25.57 -40.17 5.72
CA MET C 192 -26.22 -40.80 6.90
C MET C 192 -26.81 -39.69 7.76
N SER C 193 -26.26 -38.49 7.67
CA SER C 193 -26.70 -37.36 8.51
C SER C 193 -26.41 -36.07 7.76
N PRO C 194 -27.02 -34.93 8.13
CA PRO C 194 -26.69 -33.65 7.50
C PRO C 194 -25.25 -33.22 7.78
N GLU C 195 -24.50 -33.99 8.57
CA GLU C 195 -23.08 -33.69 8.86
C GLU C 195 -22.18 -34.83 8.39
N MET C 196 -22.68 -36.06 8.42
CA MET C 196 -21.89 -37.25 8.04
C MET C 196 -22.20 -37.68 6.61
N GLU C 197 -21.17 -37.82 5.77
CA GLU C 197 -21.31 -38.30 4.40
C GLU C 197 -20.05 -39.03 3.98
N VAL C 198 -20.24 -40.08 3.17
CA VAL C 198 -19.15 -40.89 2.64
C VAL C 198 -19.30 -40.96 1.13
N TYR C 199 -18.18 -41.19 0.45
CA TYR C 199 -18.18 -41.17 -1.02
C TYR C 199 -17.04 -42.02 -1.56
N GLY C 200 -17.19 -42.43 -2.81
CA GLY C 200 -16.15 -43.17 -3.50
C GLY C 200 -16.08 -42.74 -4.94
N ASN C 201 -14.88 -42.85 -5.52
CA ASN C 201 -14.63 -42.31 -6.84
C ASN C 201 -13.66 -43.20 -7.60
N VAL C 202 -13.99 -43.51 -8.85
CA VAL C 202 -13.14 -44.27 -9.76
C VAL C 202 -12.91 -43.42 -11.00
N LYS C 203 -11.65 -43.32 -11.44
CA LYS C 203 -11.31 -42.44 -12.54
C LYS C 203 -10.32 -43.12 -13.47
N MET C 204 -10.57 -43.04 -14.78
CA MET C 204 -9.68 -43.59 -15.80
C MET C 204 -9.42 -42.52 -16.86
N SER C 205 -8.23 -42.55 -17.44
CA SER C 205 -7.85 -41.52 -18.40
C SER C 205 -6.70 -42.03 -19.25
N LYS C 206 -6.93 -42.14 -20.55
CA LYS C 206 -5.89 -42.48 -21.52
C LYS C 206 -5.55 -41.24 -22.33
N VAL C 207 -4.27 -40.98 -22.48
CA VAL C 207 -3.79 -39.84 -23.27
C VAL C 207 -2.67 -40.33 -24.17
N GLU C 208 -2.75 -39.97 -25.45
CA GLU C 208 -1.73 -40.33 -26.41
C GLU C 208 -1.20 -39.06 -27.07
N ALA C 209 0.12 -39.02 -27.27
CA ALA C 209 0.77 -37.86 -27.87
C ALA C 209 1.74 -38.33 -28.94
N ASP C 210 1.98 -37.44 -29.90
CA ASP C 210 2.92 -37.67 -30.98
C ASP C 210 3.95 -36.55 -30.99
N LEU C 211 5.23 -36.92 -31.02
CA LEU C 211 6.33 -35.96 -30.98
C LEU C 211 7.26 -36.27 -32.15
N ASN C 212 6.94 -35.73 -33.33
CA ASN C 212 7.71 -35.95 -34.55
C ASN C 212 7.87 -37.44 -34.85
N GLY C 213 6.80 -38.19 -34.62
CA GLY C 213 6.78 -39.60 -34.94
C GLY C 213 7.09 -40.54 -33.79
N THR C 214 7.23 -40.04 -32.57
CA THR C 214 7.49 -40.88 -31.41
C THR C 214 6.27 -40.89 -30.49
N PRO C 215 5.48 -41.96 -30.47
CA PRO C 215 4.27 -41.97 -29.65
C PRO C 215 4.57 -41.95 -28.15
N ILE C 216 3.77 -41.20 -27.41
CA ILE C 216 3.78 -41.17 -25.95
C ILE C 216 2.40 -41.62 -25.47
N GLU C 217 2.37 -42.54 -24.52
CA GLU C 217 1.13 -43.02 -23.95
C GLU C 217 1.12 -42.80 -22.45
N VAL C 218 -0.03 -42.37 -21.92
CA VAL C 218 -0.21 -42.13 -20.49
C VAL C 218 -1.55 -42.72 -20.08
N GLU C 219 -1.52 -43.74 -19.22
CA GLU C 219 -2.72 -44.29 -18.61
C GLU C 219 -2.68 -44.03 -17.13
N THR C 220 -3.77 -43.49 -16.59
CA THR C 220 -3.83 -43.13 -15.18
C THR C 220 -5.13 -43.66 -14.59
N THR C 221 -5.02 -44.50 -13.56
CA THR C 221 -6.17 -45.04 -12.86
C THR C 221 -6.15 -44.53 -11.43
N SER C 222 -7.33 -44.20 -10.90
CA SER C 222 -7.43 -43.63 -9.57
C SER C 222 -8.58 -44.30 -8.83
N TYR C 223 -8.45 -44.38 -7.52
CA TYR C 223 -9.51 -44.82 -6.63
C TYR C 223 -9.50 -43.93 -5.40
N LYS C 224 -10.67 -43.55 -4.92
CA LYS C 224 -10.77 -42.71 -3.75
C LYS C 224 -11.97 -43.12 -2.92
N VAL C 225 -11.74 -43.22 -1.61
CA VAL C 225 -12.82 -43.38 -0.63
C VAL C 225 -12.56 -42.37 0.48
N GLY C 226 -13.60 -41.68 0.93
CA GLY C 226 -13.40 -40.77 2.07
C GLY C 226 -14.67 -40.43 2.81
N MET C 227 -14.56 -39.62 3.87
CA MET C 227 -15.75 -39.15 4.62
C MET C 227 -15.57 -37.66 4.93
N VAL C 228 -16.66 -36.95 5.21
CA VAL C 228 -16.60 -35.52 5.61
C VAL C 228 -17.52 -35.40 6.82
N ASN C 229 -17.07 -34.81 7.94
CA ASN C 229 -17.92 -34.74 9.15
C ASN C 229 -17.77 -33.38 9.81
N THR C 230 -18.46 -33.17 10.94
CA THR C 230 -18.44 -31.87 11.67
C THR C 230 -17.92 -32.05 13.10
N LEU C 231 -16.93 -31.21 13.50
CA LEU C 231 -16.39 -31.25 14.89
C LEU C 231 -17.06 -30.17 15.75
N ALA C 232 -17.58 -29.11 15.14
CA ALA C 232 -18.25 -28.01 15.87
C ALA C 232 -19.41 -27.42 15.05
N LYS C 233 -20.60 -27.33 15.63
CA LYS C 233 -21.79 -26.82 14.90
C LYS C 233 -22.22 -25.47 15.46
N SER C 234 -22.27 -24.44 14.62
CA SER C 234 -22.78 -23.11 15.05
C SER C 234 -23.77 -22.60 14.00
N GLU C 235 -24.03 -21.30 13.97
CA GLU C 235 -24.94 -20.70 12.96
C GLU C 235 -24.16 -19.60 12.25
N GLU C 236 -23.11 -19.11 12.90
CA GLU C 236 -22.23 -18.10 12.25
C GLU C 236 -21.20 -18.86 11.42
N GLY C 237 -20.94 -20.11 11.77
CA GLY C 237 -19.99 -20.92 11.01
C GLY C 237 -19.74 -22.28 11.61
N ASN C 238 -19.94 -23.34 10.82
CA ASN C 238 -19.67 -24.72 11.31
C ASN C 238 -18.18 -25.04 11.20
N PHE C 239 -17.83 -26.30 11.44
CA PHE C 239 -16.44 -26.74 11.48
C PHE C 239 -16.37 -28.17 10.95
N PHE C 240 -15.68 -28.35 9.83
CA PHE C 240 -15.65 -29.63 9.13
C PHE C 240 -14.25 -30.24 9.15
N TYR C 241 -14.21 -31.54 8.85
CA TYR C 241 -12.96 -32.27 8.69
C TYR C 241 -13.23 -33.48 7.82
N GLY C 242 -12.16 -34.04 7.27
CA GLY C 242 -12.30 -35.16 6.35
C GLY C 242 -11.07 -36.02 6.31
N VAL C 243 -11.29 -37.31 6.01
CA VAL C 243 -10.24 -38.30 5.86
C VAL C 243 -10.49 -39.05 4.56
N GLU C 244 -9.43 -39.22 3.76
CA GLU C 244 -9.56 -39.80 2.43
C GLU C 244 -8.43 -40.77 2.16
N VAL C 245 -8.71 -41.83 1.41
CA VAL C 245 -7.72 -42.80 0.95
C VAL C 245 -7.64 -42.68 -0.57
N ALA C 246 -6.46 -42.37 -1.08
CA ALA C 246 -6.27 -42.12 -2.51
C ALA C 246 -5.19 -43.02 -3.06
N SER C 247 -5.57 -43.88 -4.03
CA SER C 247 -4.61 -44.78 -4.71
C SER C 247 -4.48 -44.39 -6.19
N THR C 248 -3.24 -44.26 -6.71
CA THR C 248 -3.01 -43.84 -8.12
C THR C 248 -2.01 -44.77 -8.78
N LYS C 249 -2.21 -45.10 -10.05
CA LYS C 249 -1.29 -46.01 -10.78
C LYS C 249 -1.05 -45.52 -12.21
N VAL C 250 0.00 -44.73 -12.43
CA VAL C 250 0.35 -44.31 -13.83
C VAL C 250 1.03 -45.50 -14.49
N LYS C 251 0.43 -46.05 -15.55
CA LYS C 251 0.98 -47.28 -16.18
C LYS C 251 2.48 -47.12 -16.45
N ASP C 252 3.30 -48.09 -16.01
CA ASP C 252 4.76 -48.08 -16.30
C ASP C 252 5.38 -46.72 -15.97
N ASP C 253 5.11 -46.18 -14.77
CA ASP C 253 5.77 -44.91 -14.37
C ASP C 253 5.82 -44.82 -12.84
N SER C 254 4.66 -44.80 -12.17
CA SER C 254 4.66 -44.61 -10.70
C SER C 254 3.41 -45.22 -10.07
N GLU C 255 3.40 -45.37 -8.74
CA GLU C 255 2.22 -45.90 -8.01
C GLU C 255 2.15 -45.14 -6.69
N SER C 256 0.95 -44.75 -6.25
CA SER C 256 0.86 -43.91 -5.03
C SER C 256 -0.35 -44.26 -4.16
N LEU C 257 -0.16 -44.28 -2.84
CA LEU C 257 -1.30 -44.49 -1.91
C LEU C 257 -1.14 -43.39 -0.86
N LEU C 258 -2.17 -42.57 -0.66
CA LEU C 258 -2.04 -41.41 0.27
C LEU C 258 -3.25 -41.35 1.18
N LEU C 259 -3.10 -40.74 2.36
CA LEU C 259 -4.20 -40.56 3.30
C LEU C 259 -4.27 -39.09 3.69
N PRO C 260 -4.80 -38.23 2.81
CA PRO C 260 -4.94 -36.82 3.17
C PRO C 260 -6.02 -36.62 4.23
N VAL C 261 -5.71 -35.82 5.23
CA VAL C 261 -6.64 -35.46 6.31
C VAL C 261 -6.69 -33.95 6.40
N TYR C 262 -7.89 -33.38 6.30
CA TYR C 262 -8.04 -31.95 6.30
C TYR C 262 -9.03 -31.50 7.36
N MET C 263 -8.94 -30.21 7.68
CA MET C 263 -9.75 -29.54 8.69
C MET C 263 -9.81 -28.05 8.40
N GLY C 264 -11.01 -27.47 8.47
CA GLY C 264 -11.19 -26.08 8.13
C GLY C 264 -12.49 -25.53 8.65
N VAL C 265 -12.73 -24.25 8.34
CA VAL C 265 -13.84 -23.50 8.91
C VAL C 265 -14.25 -22.39 7.96
N GLU C 266 -15.55 -22.12 7.90
CA GLU C 266 -16.09 -20.92 7.26
C GLU C 266 -16.93 -20.17 8.29
N HIS C 267 -16.59 -18.92 8.55
CA HIS C 267 -17.21 -18.14 9.61
C HIS C 267 -17.75 -16.83 9.07
N ASN C 268 -19.00 -16.51 9.40
CA ASN C 268 -19.59 -15.21 9.11
C ASN C 268 -19.11 -14.22 10.16
N ALA C 269 -17.89 -13.72 9.95
CA ALA C 269 -17.23 -12.91 10.96
C ALA C 269 -18.01 -11.64 11.27
N ALA C 270 -18.54 -10.98 10.25
CA ALA C 270 -19.33 -9.77 10.44
C ALA C 270 -20.47 -9.77 9.44
N SER C 271 -21.13 -8.62 9.30
CA SER C 271 -22.13 -8.44 8.27
C SER C 271 -21.51 -8.09 6.92
N TRP C 272 -20.21 -7.87 6.88
CA TRP C 272 -19.49 -7.54 5.65
C TRP C 272 -18.28 -8.45 5.46
N LEU C 273 -18.16 -9.53 6.23
CA LEU C 273 -16.97 -10.36 6.21
C LEU C 273 -17.34 -11.83 6.32
N VAL C 274 -16.63 -12.66 5.58
CA VAL C 274 -16.66 -14.12 5.73
C VAL C 274 -15.22 -14.60 5.69
N LEU C 275 -14.79 -15.33 6.71
CA LEU C 275 -13.43 -15.81 6.82
C LEU C 275 -13.40 -17.31 6.65
N ARG C 276 -12.52 -17.79 5.77
CA ARG C 276 -12.34 -19.22 5.52
C ARG C 276 -10.87 -19.57 5.65
N ALA C 277 -10.59 -20.72 6.26
CA ALA C 277 -9.23 -21.21 6.40
C ALA C 277 -9.26 -22.73 6.51
N SER C 278 -8.15 -23.37 6.14
CA SER C 278 -8.09 -24.82 6.18
C SER C 278 -6.63 -25.26 6.20
N VAL C 279 -6.41 -26.53 6.60
CA VAL C 279 -5.08 -27.12 6.64
C VAL C 279 -5.23 -28.62 6.41
N ALA C 280 -4.24 -29.22 5.77
CA ALA C 280 -4.29 -30.64 5.47
C ALA C 280 -2.90 -31.24 5.49
N GLN C 281 -2.84 -32.57 5.53
CA GLN C 281 -1.59 -33.32 5.52
C GLN C 281 -1.91 -34.79 5.30
N ASN C 282 -0.99 -35.48 4.60
CA ASN C 282 -1.09 -36.93 4.42
C ASN C 282 -0.51 -37.63 5.64
N VAL C 283 -1.38 -38.13 6.52
CA VAL C 283 -0.93 -38.77 7.75
C VAL C 283 -0.59 -40.24 7.48
N ILE C 284 0.60 -40.64 7.94
CA ILE C 284 1.01 -42.05 7.97
C ILE C 284 1.18 -42.62 6.56
N LEU C 285 0.14 -42.52 5.73
CA LEU C 285 0.12 -43.24 4.47
C LEU C 285 0.74 -42.48 3.31
N ASN C 286 1.36 -41.34 3.54
CA ASN C 286 2.16 -40.66 2.51
C ASN C 286 3.19 -41.61 1.92
N GLU C 287 3.07 -41.91 0.63
CA GLU C 287 4.00 -42.82 -0.03
C GLU C 287 3.83 -42.80 -1.55
N THR C 288 4.92 -42.62 -2.29
CA THR C 288 4.92 -42.65 -3.75
C THR C 288 6.09 -43.50 -4.21
N LYS C 289 5.82 -44.52 -5.03
CA LYS C 289 6.88 -45.47 -5.46
C LYS C 289 7.11 -45.39 -6.97
N ASP C 290 8.36 -45.43 -7.41
CA ASP C 290 8.67 -45.46 -8.87
C ASP C 290 8.49 -46.91 -9.33
N ASP C 291 8.41 -47.15 -10.63
CA ASP C 291 8.08 -48.52 -11.10
C ASP C 291 9.34 -49.34 -11.38
N ALA C 292 10.30 -48.80 -12.15
CA ALA C 292 11.51 -49.58 -12.52
C ALA C 292 12.48 -49.65 -11.34
N THR C 293 12.87 -48.49 -10.81
CA THR C 293 13.85 -48.44 -9.70
C THR C 293 13.25 -49.08 -8.45
N GLY C 294 11.97 -48.87 -8.19
CA GLY C 294 11.33 -49.41 -6.98
C GLY C 294 11.53 -48.46 -5.82
N ASN C 295 12.06 -47.26 -6.08
CA ASN C 295 12.36 -46.34 -4.99
C ASN C 295 11.07 -45.82 -4.37
N LYS C 296 11.21 -45.02 -3.31
CA LYS C 296 10.06 -44.48 -2.62
C LYS C 296 10.36 -43.04 -2.21
N THR C 297 9.29 -42.25 -2.05
CA THR C 297 9.43 -40.84 -1.60
C THR C 297 8.31 -40.53 -0.62
N ASP C 298 8.63 -39.92 0.52
CA ASP C 298 7.62 -39.58 1.56
C ASP C 298 8.06 -38.25 2.17
N GLU C 299 7.87 -37.14 1.46
CA GLU C 299 8.33 -35.81 1.95
C GLU C 299 7.19 -35.05 2.65
N ASP C 300 7.42 -33.78 3.01
CA ASP C 300 6.43 -32.99 3.79
C ASP C 300 5.20 -32.65 2.95
N SER C 301 4.01 -32.59 3.56
CA SER C 301 2.79 -32.37 2.81
C SER C 301 1.81 -31.49 3.56
N THR C 302 2.30 -30.59 4.40
CA THR C 302 1.42 -29.72 5.18
C THR C 302 1.12 -28.47 4.38
N ARG C 303 -0.15 -28.27 4.05
CA ARG C 303 -0.61 -27.14 3.26
C ARG C 303 -1.73 -26.44 3.99
N MET C 304 -1.81 -25.11 3.81
CA MET C 304 -2.89 -24.32 4.37
C MET C 304 -3.45 -23.40 3.29
N ALA C 305 -4.73 -23.04 3.47
CA ALA C 305 -5.42 -22.16 2.54
C ALA C 305 -6.30 -21.20 3.32
N ALA C 306 -6.28 -19.92 2.92
CA ALA C 306 -7.07 -18.89 3.57
C ALA C 306 -7.70 -17.99 2.52
N GLY C 307 -8.83 -17.38 2.88
CA GLY C 307 -9.49 -16.45 1.99
C GLY C 307 -10.60 -15.70 2.70
N ALA C 308 -11.04 -14.63 2.06
CA ALA C 308 -12.09 -13.78 2.61
C ALA C 308 -13.13 -13.46 1.55
N GLY C 309 -14.37 -13.27 2.00
CA GLY C 309 -15.44 -12.81 1.12
C GLY C 309 -16.13 -11.57 1.63
N ILE C 310 -15.99 -10.46 0.91
CA ILE C 310 -16.55 -9.17 1.33
C ILE C 310 -17.99 -9.09 0.83
N LYS C 311 -18.93 -9.00 1.76
CA LYS C 311 -20.35 -9.01 1.45
C LYS C 311 -20.88 -7.60 1.42
N PHE C 312 -21.61 -7.25 0.36
CA PHE C 312 -22.19 -5.93 0.18
C PHE C 312 -23.69 -6.02 -0.04
N GLY C 313 -24.34 -7.00 0.57
CA GLY C 313 -25.74 -7.27 0.31
C GLY C 313 -25.93 -8.35 -0.77
N LYS C 314 -26.33 -7.94 -1.96
CA LYS C 314 -26.48 -8.85 -3.07
C LYS C 314 -25.19 -9.09 -3.84
N SER C 315 -24.14 -8.34 -3.55
CA SER C 315 -22.85 -8.49 -4.21
C SER C 315 -21.83 -8.98 -3.19
N VAL C 316 -21.07 -10.00 -3.58
CA VAL C 316 -20.00 -10.53 -2.75
C VAL C 316 -18.74 -10.62 -3.61
N ILE C 317 -17.64 -10.09 -3.10
CA ILE C 317 -16.33 -10.24 -3.73
C ILE C 317 -15.58 -11.32 -2.97
N ASP C 318 -15.25 -12.41 -3.65
CA ASP C 318 -14.53 -13.53 -3.05
C ASP C 318 -13.09 -13.52 -3.54
N ALA C 319 -12.15 -13.60 -2.60
CA ALA C 319 -10.74 -13.59 -2.93
C ALA C 319 -10.04 -14.64 -2.07
N SER C 320 -8.74 -14.78 -2.31
CA SER C 320 -7.87 -15.57 -1.46
C SER C 320 -6.74 -14.68 -0.98
N PHE C 321 -6.40 -14.80 0.29
CA PHE C 321 -5.31 -14.01 0.84
C PHE C 321 -4.01 -14.35 0.13
N ALA C 322 -3.39 -13.35 -0.50
CA ALA C 322 -2.18 -13.60 -1.28
C ALA C 322 -0.97 -13.91 -0.41
N GLY C 323 -1.04 -13.63 0.89
CA GLY C 323 0.06 -13.87 1.79
C GLY C 323 -0.04 -15.18 2.53
N SER C 324 -0.85 -16.09 2.00
CA SER C 324 -1.09 -17.36 2.67
C SER C 324 0.18 -18.22 2.73
N THR C 325 0.97 -18.23 1.66
CA THR C 325 2.19 -19.02 1.65
C THR C 325 3.36 -18.31 2.31
N THR C 326 3.15 -17.14 2.89
CA THR C 326 4.28 -16.38 3.49
C THR C 326 3.89 -15.82 4.87
N GLY C 327 2.61 -15.87 5.25
CA GLY C 327 2.14 -15.37 6.55
C GLY C 327 2.21 -13.86 6.65
N VAL C 328 1.81 -13.14 5.59
CA VAL C 328 1.96 -11.66 5.55
C VAL C 328 0.70 -10.99 4.99
N ILE C 329 -0.15 -10.41 5.83
CA ILE C 329 -1.29 -9.59 5.34
C ILE C 329 -0.80 -8.14 5.19
N ASN C 330 0.00 -7.84 4.17
CA ASN C 330 0.44 -6.44 3.89
C ASN C 330 -0.53 -5.82 2.90
N ALA C 331 -0.16 -4.73 2.22
CA ALA C 331 -1.03 -4.15 1.17
C ALA C 331 -0.52 -4.56 -0.21
N ASN C 332 0.78 -4.69 -0.37
CA ASN C 332 1.32 -5.22 -1.65
C ASN C 332 0.85 -6.67 -1.80
N ASN C 333 0.24 -7.27 -0.78
CA ASN C 333 -0.22 -8.70 -0.79
C ASN C 333 -1.47 -8.83 0.08
N LEU C 334 -2.63 -8.43 -0.43
CA LEU C 334 -3.89 -8.48 0.35
C LEU C 334 -4.86 -9.45 -0.30
N PHE C 335 -5.23 -9.22 -1.55
CA PHE C 335 -6.28 -10.06 -2.17
C PHE C 335 -5.85 -10.54 -3.55
N SER C 336 -6.08 -11.80 -3.86
CA SER C 336 -5.75 -12.43 -5.13
C SER C 336 -6.85 -13.42 -5.46
N GLN C 337 -6.87 -13.86 -6.72
CA GLN C 337 -7.89 -14.79 -7.20
C GLN C 337 -9.30 -14.25 -6.97
N VAL C 338 -9.47 -12.95 -7.25
CA VAL C 338 -10.73 -12.27 -6.99
C VAL C 338 -11.81 -12.78 -7.93
N ALA C 339 -13.05 -12.80 -7.42
CA ALA C 339 -14.23 -13.10 -8.22
C ALA C 339 -15.37 -12.24 -7.72
N TYR C 340 -16.39 -12.04 -8.55
CA TYR C 340 -17.58 -11.22 -8.18
C TYR C 340 -18.84 -12.04 -8.40
N THR C 341 -19.74 -12.06 -7.42
CA THR C 341 -20.99 -12.84 -7.53
C THR C 341 -22.19 -11.97 -7.21
N TYR C 342 -23.14 -11.90 -8.14
CA TYR C 342 -24.39 -11.14 -7.92
C TYR C 342 -25.52 -12.13 -7.74
N THR C 343 -26.05 -12.16 -6.54
CA THR C 343 -27.14 -13.07 -6.21
C THR C 343 -28.44 -12.29 -6.32
N PHE C 344 -29.40 -12.85 -7.06
CA PHE C 344 -30.63 -12.10 -7.34
C PHE C 344 -31.59 -12.28 -6.15
N SER D 1 -1.19 -18.41 19.32
CA SER D 1 -0.39 -18.45 18.11
C SER D 1 1.07 -18.17 18.43
N LYS D 2 1.93 -18.42 17.45
CA LYS D 2 3.38 -18.26 17.64
C LYS D 2 3.73 -16.78 17.69
N ALA D 3 2.78 -15.91 17.38
CA ALA D 3 3.01 -14.45 17.37
C ALA D 3 2.49 -13.84 18.65
N ARG D 4 1.37 -14.43 19.19
CA ARG D 4 0.88 -13.94 20.50
C ARG D 4 1.95 -14.26 21.52
N VAL D 5 2.56 -15.40 21.50
CA VAL D 5 3.50 -15.72 22.56
C VAL D 5 4.84 -15.03 22.32
N GLU D 6 5.21 -14.82 21.06
CA GLU D 6 6.45 -14.12 20.78
C GLU D 6 6.37 -12.65 21.15
N ALA D 7 5.21 -12.03 20.91
CA ALA D 7 5.02 -10.64 21.30
C ALA D 7 5.01 -10.45 22.81
N LEU D 8 4.69 -11.49 23.57
CA LEU D 8 4.66 -11.43 25.02
C LEU D 8 5.90 -12.02 25.66
N ALA D 9 7.03 -11.99 24.96
CA ALA D 9 8.34 -12.33 25.48
C ALA D 9 8.43 -13.79 25.94
N ASN D 10 7.56 -14.66 25.43
CA ASN D 10 7.56 -16.08 25.77
C ASN D 10 7.52 -16.28 27.29
N SER D 11 6.63 -15.54 27.93
CA SER D 11 6.49 -15.61 29.37
C SER D 11 5.92 -16.95 29.80
N ARG D 12 6.10 -17.26 31.09
CA ARG D 12 5.53 -18.46 31.67
C ARG D 12 4.14 -18.25 32.25
N HIS D 13 3.66 -17.01 32.29
CA HIS D 13 2.30 -16.73 32.73
C HIS D 13 1.28 -16.78 31.61
N VAL D 14 1.73 -16.87 30.36
CA VAL D 14 0.83 -16.86 29.21
C VAL D 14 0.26 -18.25 28.99
N LEU D 15 -1.06 -18.36 28.76
CA LEU D 15 -1.70 -19.67 28.46
C LEU D 15 -2.18 -19.64 27.00
N ASP D 16 -1.46 -20.28 26.09
CA ASP D 16 -1.90 -20.36 24.68
C ASP D 16 -2.01 -21.81 24.21
N PHE D 17 -2.17 -22.03 22.91
CA PHE D 17 -2.20 -23.40 22.35
C PHE D 17 -0.75 -23.75 22.03
N GLN D 18 0.08 -22.75 21.80
CA GLN D 18 1.51 -23.00 21.42
C GLN D 18 2.33 -23.27 22.66
N THR D 19 1.80 -22.97 23.84
CA THR D 19 2.52 -23.17 25.12
C THR D 19 2.07 -24.48 25.75
N ALA D 20 0.94 -25.01 25.31
CA ALA D 20 0.38 -26.21 25.94
C ALA D 20 1.01 -27.48 25.43
N PHE D 21 1.88 -27.41 24.42
CA PHE D 21 2.53 -28.61 23.92
C PHE D 21 3.49 -29.19 24.95
N ASP D 22 4.25 -28.33 25.62
CA ASP D 22 5.17 -28.74 26.67
C ASP D 22 4.54 -28.65 28.06
N ARG D 23 3.32 -28.14 28.17
CA ARG D 23 2.55 -28.13 29.42
C ARG D 23 1.21 -28.76 29.15
N PRO D 24 1.17 -30.08 28.91
CA PRO D 24 -0.08 -30.72 28.46
C PRO D 24 -1.23 -30.59 29.42
N TYR D 25 -0.99 -30.26 30.68
CA TYR D 25 -2.11 -30.00 31.59
C TYR D 25 -2.89 -28.75 31.20
N GLN D 26 -2.34 -27.94 30.29
CA GLN D 26 -2.97 -26.64 29.92
C GLN D 26 -4.02 -26.85 28.82
N PHE D 27 -4.12 -28.05 28.26
CA PHE D 27 -5.15 -28.31 27.25
C PHE D 27 -6.52 -28.44 27.88
N MET D 28 -6.61 -28.75 29.17
CA MET D 28 -7.89 -28.80 29.86
C MET D 28 -8.40 -27.41 30.20
N ALA D 29 -7.50 -26.46 30.47
CA ALA D 29 -7.89 -25.09 30.75
C ALA D 29 -8.06 -24.24 29.50
N LEU D 30 -7.56 -24.69 28.37
CA LEU D 30 -7.75 -23.97 27.12
C LEU D 30 -9.18 -24.09 26.65
N SER D 31 -9.71 -23.00 26.07
CA SER D 31 -11.01 -23.04 25.44
C SER D 31 -10.96 -23.91 24.19
N GLU D 32 -12.09 -24.55 23.89
CA GLU D 32 -12.21 -25.33 22.66
C GLU D 32 -11.95 -24.44 21.45
N GLN D 33 -10.88 -24.71 20.70
CA GLN D 33 -10.51 -23.82 19.61
C GLN D 33 -9.76 -24.60 18.56
N ALA D 34 -9.74 -24.04 17.36
CA ALA D 34 -8.97 -24.56 16.24
C ALA D 34 -8.07 -23.45 15.73
N THR D 35 -6.84 -23.81 15.40
CA THR D 35 -5.83 -22.81 14.99
C THR D 35 -5.24 -23.19 13.66
N ILE D 36 -4.92 -22.23 12.81
CA ILE D 36 -4.18 -22.52 11.55
C ILE D 36 -3.05 -21.50 11.47
N GLU D 37 -1.82 -21.96 11.38
CA GLU D 37 -0.64 -21.10 11.19
C GLU D 37 -0.39 -21.01 9.69
N TRP D 38 -0.27 -19.80 9.16
CA TRP D 38 -0.14 -19.62 7.70
C TRP D 38 1.30 -19.88 7.28
N GLY D 39 1.50 -20.50 6.12
CA GLY D 39 2.85 -20.77 5.63
C GLY D 39 2.87 -21.69 4.43
N ASN D 40 4.06 -22.11 4.02
CA ASN D 40 4.23 -22.99 2.83
C ASN D 40 4.75 -24.37 3.22
N THR D 41 4.45 -25.39 2.40
CA THR D 41 4.93 -26.77 2.62
C THR D 41 6.44 -26.85 2.39
N GLY D 42 7.14 -27.71 3.12
CA GLY D 42 8.57 -27.92 2.85
C GLY D 42 9.46 -27.15 3.80
N ASP D 43 10.73 -26.99 3.43
CA ASP D 43 11.69 -26.26 4.29
C ASP D 43 11.42 -24.77 4.12
N ALA D 44 10.29 -24.30 4.65
CA ALA D 44 9.91 -22.89 4.46
C ALA D 44 9.77 -22.22 5.82
N ASN D 45 10.04 -20.92 5.91
CA ASN D 45 9.79 -20.20 7.17
C ASN D 45 8.95 -18.95 6.84
N PRO D 46 7.68 -18.84 7.29
CA PRO D 46 7.08 -19.76 8.27
C PRO D 46 6.48 -21.01 7.64
N HIS D 47 6.44 -22.09 8.40
CA HIS D 47 5.84 -23.33 7.97
C HIS D 47 4.34 -23.32 8.24
N ALA D 48 3.63 -24.24 7.59
CA ALA D 48 2.19 -24.36 7.74
C ALA D 48 1.86 -25.39 8.80
N GLU D 49 0.91 -25.07 9.67
CA GLU D 49 0.55 -25.91 10.81
C GLU D 49 -0.89 -25.65 11.18
N GLY D 50 -1.46 -26.57 11.95
CA GLY D 50 -2.81 -26.37 12.46
C GLY D 50 -3.31 -27.57 13.23
N GLY D 51 -4.27 -27.31 14.09
CA GLY D 51 -4.84 -28.35 14.93
C GLY D 51 -6.04 -27.87 15.68
N PHE D 52 -6.46 -28.65 16.67
CA PHE D 52 -7.66 -28.37 17.45
C PHE D 52 -7.52 -28.94 18.85
N VAL D 53 -8.51 -28.68 19.69
CA VAL D 53 -8.65 -29.32 20.99
C VAL D 53 -10.13 -29.31 21.37
N LYS D 54 -10.64 -30.46 21.79
CA LYS D 54 -12.05 -30.63 22.08
C LYS D 54 -12.21 -31.33 23.42
N ARG D 55 -13.33 -31.03 24.10
CA ARG D 55 -13.57 -31.58 25.45
C ARG D 55 -14.43 -32.83 25.35
N HIS D 56 -13.90 -33.97 25.82
CA HIS D 56 -14.60 -35.26 25.73
C HIS D 56 -15.25 -35.55 27.08
N GLY D 57 -16.30 -34.82 27.40
CA GLY D 57 -16.99 -35.01 28.69
C GLY D 57 -17.00 -33.72 29.48
N ASP D 58 -16.87 -33.81 30.80
CA ASP D 58 -16.84 -32.61 31.67
C ASP D 58 -15.44 -32.46 32.28
N ASP D 59 -14.64 -33.52 32.20
CA ASP D 59 -13.30 -33.50 32.85
C ASP D 59 -12.23 -34.02 31.89
N SER D 60 -12.33 -33.74 30.59
CA SER D 60 -11.33 -34.31 29.71
C SER D 60 -11.18 -33.44 28.47
N ALA D 61 -10.06 -33.63 27.77
CA ALA D 61 -9.77 -32.88 26.56
C ALA D 61 -8.83 -33.69 25.69
N PHE D 62 -8.94 -33.50 24.37
CA PHE D 62 -8.13 -34.23 23.41
C PHE D 62 -8.03 -33.42 22.13
N GLY D 63 -7.07 -33.79 21.30
CA GLY D 63 -6.87 -33.08 20.04
C GLY D 63 -5.63 -33.57 19.33
N ALA D 64 -5.36 -32.93 18.20
CA ALA D 64 -4.22 -33.28 17.35
C ALA D 64 -3.70 -32.02 16.67
N TYR D 65 -2.48 -32.11 16.16
CA TYR D 65 -1.82 -30.99 15.51
C TYR D 65 -1.06 -31.48 14.29
N PHE D 66 -0.86 -30.57 13.34
CA PHE D 66 -0.25 -30.90 12.06
C PHE D 66 0.98 -30.02 11.84
N GLY D 67 2.09 -30.65 11.47
CA GLY D 67 3.25 -29.95 10.95
C GLY D 67 4.17 -29.30 11.96
N ARG D 68 3.94 -29.49 13.25
CA ARG D 68 4.82 -28.92 14.25
C ARG D 68 6.21 -29.53 14.16
N ARG D 69 7.24 -28.69 14.31
CA ARG D 69 8.62 -29.11 14.20
C ARG D 69 9.38 -28.81 15.47
N SER D 70 10.41 -29.60 15.74
CA SER D 70 11.20 -29.50 16.96
C SER D 70 12.31 -28.47 16.79
N ALA D 71 12.53 -27.67 17.83
CA ALA D 71 13.57 -26.64 17.77
C ALA D 71 14.96 -27.26 17.83
N ASP D 72 15.15 -28.28 18.67
CA ASP D 72 16.46 -28.91 18.80
C ASP D 72 16.82 -29.69 17.54
N PHE D 73 15.86 -30.43 16.99
CA PHE D 73 16.09 -31.14 15.73
C PHE D 73 16.46 -30.17 14.62
N SER D 74 15.71 -29.07 14.50
CA SER D 74 16.00 -28.08 13.46
C SER D 74 17.36 -27.45 13.68
N GLU D 75 17.71 -27.13 14.93
CA GLU D 75 19.00 -26.52 15.21
C GLU D 75 20.15 -27.45 14.85
N ALA D 76 20.04 -28.73 15.23
CA ALA D 76 21.10 -29.68 14.90
C ALA D 76 21.23 -29.86 13.39
N VAL D 77 20.10 -30.01 12.70
CA VAL D 77 20.14 -30.20 11.26
C VAL D 77 20.71 -28.97 10.56
N GLN D 78 20.35 -27.78 11.04
CA GLN D 78 20.88 -26.56 10.44
C GLN D 78 22.38 -26.43 10.69
N THR D 79 22.84 -26.75 11.91
CA THR D 79 24.27 -26.64 12.19
C THR D 79 25.07 -27.67 11.41
N VAL D 80 24.45 -28.79 11.05
CA VAL D 80 25.15 -29.75 10.20
C VAL D 80 25.10 -29.32 8.73
N ARG D 81 24.02 -28.66 8.32
CA ARG D 81 23.90 -28.20 6.95
C ARG D 81 25.01 -27.21 6.60
N ASP D 82 25.27 -26.30 7.54
CA ASP D 82 26.34 -25.29 7.34
C ASP D 82 27.69 -25.89 7.75
N ALA D 83 28.18 -26.86 6.97
CA ALA D 83 29.46 -27.51 7.24
C ALA D 83 30.47 -27.16 6.15
N PRO D 96 27.57 -26.96 1.28
CA PRO D 96 26.68 -27.29 0.16
C PRO D 96 26.68 -28.78 -0.15
N ALA D 97 27.70 -29.50 0.33
CA ALA D 97 27.73 -30.97 0.13
C ALA D 97 26.56 -31.60 0.89
N PHE D 98 26.17 -31.02 2.03
CA PHE D 98 25.12 -31.63 2.87
C PHE D 98 23.95 -30.68 3.09
N ALA D 99 23.55 -29.93 2.05
CA ALA D 99 22.37 -29.05 2.18
C ALA D 99 21.11 -29.80 1.76
N ASP D 100 21.09 -31.12 1.96
CA ASP D 100 19.88 -31.93 1.65
C ASP D 100 19.49 -32.67 2.93
N LEU D 101 20.23 -32.56 3.97
CA LEU D 101 19.88 -33.22 5.25
C LEU D 101 18.44 -32.80 5.53
N MET D 102 17.56 -33.82 5.74
CA MET D 102 16.12 -33.49 5.85
C MET D 102 15.76 -32.96 7.23
N PHE D 103 14.64 -32.20 7.28
CA PHE D 103 14.06 -31.76 8.54
C PHE D 103 13.06 -32.81 9.03
N GLU D 104 12.26 -32.46 10.02
CA GLU D 104 11.18 -33.33 10.47
C GLU D 104 10.04 -33.32 9.45
N GLN D 105 10.03 -34.30 8.55
CA GLN D 105 9.00 -34.37 7.52
C GLN D 105 7.66 -34.73 8.12
N ASN D 106 6.60 -34.17 7.54
CA ASN D 106 5.24 -34.35 8.03
C ASN D 106 5.21 -33.86 9.46
N GLY D 107 4.91 -34.70 10.44
CA GLY D 107 4.88 -34.28 11.82
C GLY D 107 3.49 -34.36 12.41
N LEU D 108 3.26 -35.40 13.21
CA LEU D 108 1.97 -35.65 13.83
C LEU D 108 2.11 -35.42 15.32
N ASN D 109 1.05 -34.89 15.93
CA ASN D 109 1.08 -34.49 17.32
C ASN D 109 -0.27 -34.83 17.93
N LEU D 110 -0.28 -35.72 18.91
CA LEU D 110 -1.49 -36.07 19.64
C LEU D 110 -1.32 -35.68 21.10
N PHE D 111 -2.41 -35.27 21.72
CA PHE D 111 -2.36 -34.90 23.13
C PHE D 111 -3.70 -35.24 23.79
N TYR D 112 -3.66 -35.29 25.11
CA TYR D 112 -4.82 -35.67 25.93
C TYR D 112 -4.61 -35.11 27.33
N ALA D 113 -5.71 -34.73 27.97
CA ALA D 113 -5.64 -34.17 29.31
C ALA D 113 -6.89 -34.56 30.08
N SER D 114 -6.79 -34.57 31.42
CA SER D 114 -7.93 -34.96 32.27
C SER D 114 -7.85 -34.33 33.66
N LYS D 115 -8.85 -34.50 34.49
CA LYS D 115 -8.87 -33.97 35.88
C LYS D 115 -9.05 -35.11 36.88
N MET D 116 -7.92 -35.56 37.50
CA MET D 116 -8.00 -36.62 38.54
C MET D 116 -8.16 -35.97 39.93
N GLY D 117 -9.42 -35.63 40.32
CA GLY D 117 -9.57 -34.89 41.58
C GLY D 117 -9.09 -33.45 41.46
N GLU D 118 -8.16 -33.03 42.33
CA GLU D 118 -7.69 -31.62 42.33
C GLU D 118 -6.43 -31.50 41.46
N TRP D 119 -5.91 -32.63 40.99
CA TRP D 119 -4.74 -32.56 40.08
C TRP D 119 -5.16 -32.82 38.63
N THR D 120 -4.84 -31.91 37.72
CA THR D 120 -5.05 -32.10 36.29
C THR D 120 -3.72 -32.43 35.64
N TRP D 121 -3.74 -33.40 34.72
CA TRP D 121 -2.54 -33.91 34.09
C TRP D 121 -2.78 -34.05 32.59
N GLY D 122 -1.70 -34.19 31.83
CA GLY D 122 -1.82 -34.34 30.40
C GLY D 122 -0.60 -34.96 29.77
N VAL D 123 -0.79 -35.49 28.56
CA VAL D 123 0.26 -36.12 27.78
C VAL D 123 0.31 -35.47 26.41
N THR D 124 1.47 -35.57 25.76
CA THR D 124 1.64 -35.10 24.39
C THR D 124 2.63 -36.01 23.69
N ALA D 125 2.23 -36.57 22.55
CA ALA D 125 3.07 -37.47 21.79
C ALA D 125 3.42 -36.83 20.44
N LYS D 126 4.67 -37.00 20.02
CA LYS D 126 5.18 -36.42 18.78
C LYS D 126 5.77 -37.52 17.91
N TYR D 127 5.50 -37.44 16.61
CA TYR D 127 6.00 -38.43 15.66
C TYR D 127 6.35 -37.73 14.34
N SER D 128 7.29 -38.32 13.61
CA SER D 128 7.70 -37.80 12.31
C SER D 128 8.43 -38.89 11.55
N ASN D 129 8.24 -38.89 10.22
CA ASN D 129 8.86 -39.90 9.36
C ASN D 129 8.92 -39.38 7.94
N GLY D 130 10.13 -39.31 7.38
CA GLY D 130 10.30 -38.85 6.02
C GLY D 130 11.33 -39.71 5.31
N LYS D 131 11.24 -39.70 3.97
CA LYS D 131 12.05 -40.61 3.18
C LYS D 131 12.17 -40.08 1.75
N ASN D 132 13.35 -40.26 1.17
CA ASN D 132 13.60 -39.86 -0.23
C ASN D 132 14.67 -40.81 -0.76
N GLU D 133 14.24 -41.90 -1.39
CA GLU D 133 15.15 -42.98 -1.76
C GLU D 133 15.79 -42.81 -3.13
N ASP D 134 15.56 -41.66 -3.77
CA ASP D 134 16.22 -41.41 -5.07
C ASP D 134 17.73 -41.60 -4.91
N PRO D 135 18.43 -42.24 -5.87
CA PRO D 135 19.86 -42.51 -5.71
C PRO D 135 20.72 -41.26 -5.51
N THR D 136 20.20 -40.07 -5.73
CA THR D 136 21.05 -38.85 -5.66
C THR D 136 20.65 -37.98 -4.46
N VAL D 137 19.95 -38.50 -3.50
CA VAL D 137 19.50 -37.73 -2.29
C VAL D 137 19.67 -38.65 -1.06
N GLY D 138 19.26 -39.95 -1.21
CA GLY D 138 19.47 -40.92 -0.11
C GLY D 138 19.13 -40.32 1.24
N THR D 139 18.06 -39.62 1.39
CA THR D 139 17.76 -38.95 2.68
C THR D 139 16.71 -39.73 3.45
N LYS D 140 16.74 -39.67 4.76
CA LYS D 140 15.75 -40.34 5.63
C LYS D 140 15.78 -39.58 6.95
N ALA D 141 14.67 -39.41 7.60
CA ALA D 141 14.60 -38.60 8.84
C ALA D 141 13.40 -39.03 9.66
N THR D 142 13.59 -39.25 10.96
CA THR D 142 12.53 -39.72 11.83
C THR D 142 12.69 -39.08 13.20
N SER D 143 11.61 -39.12 13.98
CA SER D 143 11.61 -38.50 15.30
C SER D 143 10.46 -39.06 16.12
N ALA D 144 10.61 -38.97 17.44
CA ALA D 144 9.55 -39.36 18.36
C ALA D 144 9.84 -38.73 19.71
N GLY D 145 8.80 -38.65 20.54
CA GLY D 145 8.96 -38.06 21.85
C GLY D 145 7.64 -38.07 22.61
N VAL D 146 7.71 -37.60 23.85
CA VAL D 146 6.53 -37.51 24.70
C VAL D 146 6.79 -36.44 25.75
N ALA D 147 5.71 -35.86 26.27
CA ALA D 147 5.79 -34.84 27.32
C ALA D 147 4.66 -35.06 28.30
N VAL D 148 4.99 -35.22 29.57
CA VAL D 148 4.01 -35.46 30.62
C VAL D 148 4.09 -34.32 31.62
N ALA D 149 2.92 -33.86 32.07
CA ALA D 149 2.87 -32.79 33.05
C ALA D 149 1.62 -32.92 33.89
N ALA D 150 1.72 -32.48 35.13
CA ALA D 150 0.59 -32.43 36.05
C ALA D 150 0.63 -31.10 36.80
N SER D 151 -0.59 -30.65 37.22
CA SER D 151 -0.64 -29.33 37.89
C SER D 151 -1.85 -29.13 38.81
N ASN D 152 -1.56 -28.75 40.11
CA ASN D 152 -2.69 -28.31 40.96
C ASN D 152 -2.57 -26.80 40.86
N GLY D 153 -3.51 -26.02 41.38
CA GLY D 153 -3.38 -24.57 41.17
C GLY D 153 -2.07 -24.02 41.69
N THR D 154 -1.40 -24.78 42.59
CA THR D 154 -0.18 -24.25 43.25
C THR D 154 1.08 -24.91 42.67
N TRP D 155 1.09 -26.21 42.54
CA TRP D 155 2.33 -26.93 42.12
C TRP D 155 2.27 -27.38 40.66
N ASP D 156 3.34 -27.14 39.90
CA ASP D 156 3.38 -27.48 38.45
C ASP D 156 4.64 -28.29 38.15
N PHE D 157 4.48 -29.48 37.59
CA PHE D 157 5.59 -30.35 37.25
C PHE D 157 5.52 -30.68 35.77
N GLU D 158 6.65 -30.61 35.08
CA GLU D 158 6.72 -30.86 33.64
C GLU D 158 7.97 -31.66 33.32
N LEU D 159 7.79 -32.75 32.57
CA LEU D 159 8.90 -33.57 32.11
C LEU D 159 8.76 -33.81 30.61
N VAL D 160 9.83 -33.56 29.87
CA VAL D 160 9.85 -33.71 28.42
C VAL D 160 10.98 -34.68 28.06
N GLN D 161 10.63 -35.74 27.31
CA GLN D 161 11.59 -36.78 26.96
C GLN D 161 11.49 -37.08 25.48
N GLY D 162 12.58 -36.90 24.75
CA GLY D 162 12.61 -37.22 23.34
C GLY D 162 13.29 -38.54 23.06
N PHE D 163 12.51 -39.54 22.59
CA PHE D 163 13.04 -40.89 22.44
C PHE D 163 14.11 -40.95 21.35
N THR D 164 13.81 -40.42 20.17
CA THR D 164 14.70 -40.60 19.04
C THR D 164 14.60 -39.41 18.10
N GLY D 165 15.60 -39.30 17.25
CA GLY D 165 15.64 -38.32 16.18
C GLY D 165 16.86 -38.56 15.33
N LYS D 166 16.69 -38.62 14.01
CA LYS D 166 17.80 -38.96 13.13
C LYS D 166 17.64 -38.22 11.80
N SER D 167 18.76 -38.09 11.09
CA SER D 167 18.76 -37.43 9.80
C SER D 167 19.99 -37.93 9.04
N GLU D 168 19.77 -38.85 8.10
CA GLU D 168 20.84 -39.48 7.35
C GLU D 168 20.80 -39.07 5.88
N LEU D 169 21.98 -38.91 5.30
CA LEU D 169 22.13 -38.52 3.91
C LEU D 169 23.16 -39.43 3.26
N ASP D 170 22.83 -39.99 2.10
CA ASP D 170 23.73 -40.87 1.37
C ASP D 170 23.38 -40.79 -0.12
N ASN D 171 24.15 -40.01 -0.86
CA ASN D 171 23.91 -39.82 -2.29
C ASN D 171 25.02 -40.42 -3.15
N GLY D 172 25.81 -41.35 -2.59
CA GLY D 172 26.87 -41.99 -3.33
C GLY D 172 28.15 -41.20 -3.42
N THR D 173 28.19 -40.00 -2.86
CA THR D 173 29.39 -39.17 -2.85
C THR D 173 29.84 -38.80 -1.45
N VAL D 174 28.91 -38.42 -0.58
CA VAL D 174 29.19 -38.05 0.80
C VAL D 174 28.26 -38.83 1.72
N THR D 175 28.33 -38.52 3.01
CA THR D 175 27.45 -39.13 4.00
C THR D 175 27.42 -38.25 5.23
N ALA D 176 26.22 -38.04 5.77
CA ALA D 176 26.05 -37.23 6.97
C ALA D 176 24.88 -37.77 7.78
N GLU D 177 25.12 -38.02 9.06
CA GLU D 177 24.07 -38.45 9.98
C GLU D 177 24.11 -37.61 11.24
N VAL D 178 22.93 -37.26 11.75
CA VAL D 178 22.78 -36.58 13.03
C VAL D 178 21.85 -37.44 13.89
N GLU D 179 22.25 -37.71 15.12
CA GLU D 179 21.51 -38.59 16.00
C GLU D 179 21.30 -37.93 17.35
N SER D 180 20.13 -38.17 17.94
CA SER D 180 19.82 -37.71 19.28
C SER D 180 20.20 -38.79 20.29
N LYS D 181 21.17 -38.48 21.15
CA LYS D 181 21.61 -39.41 22.18
C LYS D 181 20.97 -39.14 23.53
N GLY D 182 19.96 -38.28 23.58
CA GLY D 182 19.28 -37.98 24.83
C GLY D 182 18.78 -36.54 24.89
N LEU D 183 17.55 -36.38 25.38
CA LEU D 183 16.96 -35.06 25.54
C LEU D 183 15.89 -35.15 26.62
N THR D 184 16.18 -34.56 27.79
CA THR D 184 15.25 -34.54 28.91
C THR D 184 15.13 -33.12 29.44
N ASN D 185 13.92 -32.76 29.88
CA ASN D 185 13.61 -31.41 30.32
C ASN D 185 12.62 -31.50 31.46
N VAL D 186 13.03 -31.08 32.66
CA VAL D 186 12.22 -31.14 33.86
C VAL D 186 12.04 -29.72 34.38
N THR D 187 10.81 -29.34 34.71
CA THR D 187 10.49 -27.99 35.18
C THR D 187 9.61 -28.08 36.43
N VAL D 188 9.87 -27.19 37.38
CA VAL D 188 9.07 -27.07 38.61
C VAL D 188 8.51 -25.66 38.66
N GLY D 189 7.22 -25.54 38.97
CA GLY D 189 6.58 -24.24 39.07
C GLY D 189 5.73 -24.09 40.32
N TYR D 190 5.90 -22.98 41.02
CA TYR D 190 5.19 -22.70 42.26
C TYR D 190 4.43 -21.38 42.14
N HIS D 191 3.21 -21.37 42.66
CA HIS D 191 2.30 -20.21 42.58
C HIS D 191 1.95 -19.77 43.99
N MET D 192 2.57 -18.68 44.47
CA MET D 192 2.20 -18.15 45.77
C MET D 192 0.89 -17.39 45.70
N SER D 193 0.85 -16.36 44.88
CA SER D 193 -0.30 -15.51 44.58
C SER D 193 -0.85 -15.87 43.21
N PRO D 194 -2.11 -15.55 42.92
CA PRO D 194 -2.61 -15.77 41.56
C PRO D 194 -1.97 -14.82 40.55
N GLU D 195 -1.11 -13.93 41.03
CA GLU D 195 -0.40 -12.97 40.18
C GLU D 195 1.12 -13.08 40.31
N MET D 196 1.61 -14.01 41.12
CA MET D 196 3.08 -14.20 41.27
C MET D 196 3.43 -15.68 41.17
N GLU D 197 4.58 -15.97 40.58
CA GLU D 197 4.99 -17.35 40.37
C GLU D 197 6.50 -17.41 40.25
N VAL D 198 7.06 -18.58 40.56
CA VAL D 198 8.48 -18.87 40.43
C VAL D 198 8.62 -20.21 39.74
N TYR D 199 9.73 -20.40 39.03
CA TYR D 199 9.95 -21.64 38.28
C TYR D 199 11.45 -21.91 38.17
N GLY D 200 11.76 -23.16 37.83
CA GLY D 200 13.13 -23.55 37.54
C GLY D 200 13.12 -24.81 36.72
N ASN D 201 14.18 -25.00 35.93
CA ASN D 201 14.23 -26.17 35.07
C ASN D 201 15.66 -26.56 34.75
N VAL D 202 15.83 -27.83 34.36
CA VAL D 202 17.11 -28.37 33.91
C VAL D 202 16.91 -28.95 32.51
N LYS D 203 17.85 -28.65 31.62
CA LYS D 203 17.79 -29.08 30.22
C LYS D 203 19.07 -29.83 29.88
N MET D 204 18.96 -31.10 29.50
CA MET D 204 20.14 -31.91 29.10
C MET D 204 19.93 -32.43 27.67
N SER D 205 20.93 -32.33 26.83
CA SER D 205 20.84 -32.71 25.43
C SER D 205 22.20 -33.14 24.90
N LYS D 206 22.23 -34.26 24.19
CA LYS D 206 23.48 -34.76 23.53
C LYS D 206 23.16 -35.09 22.07
N VAL D 207 23.97 -34.62 21.15
CA VAL D 207 23.79 -34.79 19.71
C VAL D 207 25.05 -35.38 19.12
N GLU D 208 24.91 -36.48 18.39
CA GLU D 208 26.02 -37.17 17.75
C GLU D 208 25.90 -37.04 16.23
N ALA D 209 27.00 -36.63 15.59
CA ALA D 209 26.99 -36.38 14.14
C ALA D 209 28.22 -36.98 13.47
N ASP D 210 28.20 -37.13 12.14
CA ASP D 210 29.31 -37.77 11.39
C ASP D 210 29.36 -37.18 9.98
N LEU D 211 30.29 -36.25 9.74
CA LEU D 211 30.33 -35.55 8.43
C LEU D 211 31.38 -36.21 7.52
N ASN D 212 30.97 -37.21 6.73
CA ASN D 212 31.89 -37.92 5.81
C ASN D 212 33.09 -38.46 6.60
N GLY D 213 32.82 -39.27 7.62
CA GLY D 213 33.90 -39.88 8.40
C GLY D 213 34.60 -38.89 9.32
N THR D 214 33.88 -37.91 9.86
CA THR D 214 34.47 -36.95 10.83
C THR D 214 33.58 -36.92 12.07
N PRO D 215 33.53 -37.98 12.90
CA PRO D 215 32.60 -38.03 14.04
C PRO D 215 32.66 -36.79 14.94
N ILE D 216 31.50 -36.19 15.23
CA ILE D 216 31.44 -34.95 16.08
C ILE D 216 30.52 -35.21 17.27
N GLU D 217 30.86 -34.68 18.45
CA GLU D 217 29.99 -34.81 19.60
C GLU D 217 29.63 -33.41 20.11
N VAL D 218 28.35 -33.18 20.35
CA VAL D 218 27.86 -31.91 20.88
C VAL D 218 26.98 -32.21 22.09
N GLU D 219 27.32 -31.61 23.23
CA GLU D 219 26.59 -31.82 24.47
C GLU D 219 26.28 -30.48 25.12
N THR D 220 25.05 -30.32 25.59
CA THR D 220 24.57 -29.07 26.17
C THR D 220 23.79 -29.36 27.44
N THR D 221 24.07 -28.61 28.50
CA THR D 221 23.31 -28.67 29.74
C THR D 221 22.97 -27.25 30.19
N SER D 222 21.72 -27.06 30.62
CA SER D 222 21.20 -25.73 30.91
C SER D 222 20.48 -25.72 32.25
N TYR D 223 20.56 -24.58 32.93
CA TYR D 223 19.86 -24.32 34.17
C TYR D 223 19.20 -22.95 34.08
N LYS D 224 18.03 -22.80 34.70
CA LYS D 224 17.37 -21.50 34.70
C LYS D 224 16.41 -21.43 35.88
N VAL D 225 16.43 -20.31 36.60
CA VAL D 225 15.47 -20.09 37.73
C VAL D 225 14.81 -18.75 37.44
N GLY D 226 13.58 -18.52 37.93
CA GLY D 226 12.98 -17.27 37.53
C GLY D 226 11.71 -16.95 38.27
N MET D 227 11.24 -15.69 37.97
CA MET D 227 9.98 -15.17 38.59
C MET D 227 9.19 -14.45 37.49
N VAL D 228 7.83 -14.48 37.60
CA VAL D 228 6.96 -13.69 36.67
C VAL D 228 5.88 -13.02 37.53
N ASN D 229 5.98 -11.70 37.74
CA ASN D 229 5.06 -10.92 38.55
C ASN D 229 4.16 -10.12 37.62
N THR D 230 2.85 -10.30 37.76
CA THR D 230 1.88 -9.58 36.94
C THR D 230 1.22 -8.50 37.80
N LEU D 231 1.89 -7.36 37.89
CA LEU D 231 1.35 -6.22 38.61
C LEU D 231 0.39 -5.44 37.71
N ALA D 232 -0.65 -4.86 38.31
CA ALA D 232 -1.63 -4.10 37.51
C ALA D 232 -2.19 -5.00 36.41
N LYS D 233 -2.80 -6.14 36.76
CA LYS D 233 -3.44 -7.03 35.75
C LYS D 233 -4.96 -6.96 35.92
N SER D 234 -5.69 -6.52 34.89
CA SER D 234 -7.16 -6.32 35.00
C SER D 234 -7.91 -7.20 34.00
N GLU D 235 -9.18 -6.90 33.74
CA GLU D 235 -9.97 -7.66 32.76
C GLU D 235 -9.86 -7.00 31.38
N GLU D 236 -9.26 -5.81 31.33
CA GLU D 236 -9.07 -5.08 30.06
C GLU D 236 -7.58 -4.96 29.77
N GLY D 237 -6.73 -5.05 30.79
CA GLY D 237 -5.28 -4.84 30.60
C GLY D 237 -4.43 -5.65 31.56
N ASN D 238 -3.31 -6.18 31.08
CA ASN D 238 -2.44 -7.05 31.92
C ASN D 238 -0.98 -6.59 31.81
N PHE D 239 -0.47 -5.89 32.83
CA PHE D 239 0.97 -5.52 32.84
C PHE D 239 1.74 -6.61 33.61
N PHE D 240 2.94 -6.96 33.15
CA PHE D 240 3.74 -7.99 33.79
C PHE D 240 5.21 -7.70 33.60
N TYR D 241 6.03 -8.36 34.40
CA TYR D 241 7.48 -8.35 34.26
C TYR D 241 8.03 -9.62 34.88
N GLY D 242 9.25 -9.95 34.52
CA GLY D 242 9.88 -11.16 35.03
C GLY D 242 11.38 -11.04 35.03
N VAL D 243 12.01 -11.72 36.00
CA VAL D 243 13.46 -11.83 36.11
C VAL D 243 13.81 -13.31 36.03
N GLU D 244 15.05 -13.59 35.61
CA GLU D 244 15.48 -14.96 35.42
C GLU D 244 17.00 -15.03 35.40
N VAL D 245 17.56 -16.07 35.99
CA VAL D 245 18.99 -16.37 35.89
C VAL D 245 19.11 -17.63 35.05
N ALA D 246 19.84 -17.53 33.95
CA ALA D 246 19.98 -18.63 33.00
C ALA D 246 21.46 -18.95 32.82
N SER D 247 21.84 -20.19 33.15
CA SER D 247 23.23 -20.67 32.91
C SER D 247 23.18 -21.79 31.87
N THR D 248 24.07 -21.76 30.87
CA THR D 248 24.08 -22.77 29.79
C THR D 248 25.54 -23.16 29.49
N LYS D 249 25.84 -24.46 29.38
CA LYS D 249 27.25 -24.92 29.22
C LYS D 249 27.38 -25.93 28.08
N VAL D 250 28.27 -25.68 27.12
CA VAL D 250 28.52 -26.66 26.03
C VAL D 250 29.77 -27.45 26.43
N LYS D 251 29.72 -28.78 26.36
CA LYS D 251 30.84 -29.63 26.87
C LYS D 251 32.19 -29.02 26.53
N ASP D 252 32.38 -28.52 25.31
CA ASP D 252 33.74 -28.05 24.94
C ASP D 252 33.93 -26.57 25.24
N ASP D 253 33.34 -25.66 24.45
CA ASP D 253 33.65 -24.22 24.64
C ASP D 253 32.40 -23.35 24.68
N SER D 254 31.79 -23.18 25.83
CA SER D 254 30.64 -22.25 25.96
C SER D 254 30.07 -22.28 27.38
N GLU D 255 30.26 -21.20 28.13
CA GLU D 255 29.61 -21.08 29.45
C GLU D 255 28.91 -19.71 29.42
N SER D 256 27.68 -19.60 29.74
CA SER D 256 26.96 -18.30 29.66
C SER D 256 26.07 -18.11 30.88
N LEU D 257 26.30 -17.15 31.68
CA LEU D 257 25.41 -16.79 32.81
C LEU D 257 24.70 -15.50 32.41
N LEU D 258 23.38 -15.52 32.31
CA LEU D 258 22.62 -14.35 31.87
C LEU D 258 21.50 -14.05 32.85
N LEU D 259 21.09 -12.78 32.87
CA LEU D 259 19.99 -12.31 33.71
C LEU D 259 18.97 -11.58 32.84
N PRO D 260 18.11 -12.33 32.14
CA PRO D 260 17.08 -11.68 31.33
C PRO D 260 15.99 -11.05 32.19
N VAL D 261 15.78 -9.75 31.96
CA VAL D 261 14.72 -8.99 32.69
C VAL D 261 13.80 -8.39 31.62
N TYR D 262 12.55 -8.82 31.58
CA TYR D 262 11.60 -8.39 30.57
C TYR D 262 10.37 -7.79 31.24
N MET D 263 9.61 -7.04 30.45
CA MET D 263 8.32 -6.50 30.86
C MET D 263 7.46 -6.35 29.62
N GLY D 264 6.15 -6.33 29.82
CA GLY D 264 5.26 -6.27 28.69
C GLY D 264 3.82 -6.14 29.11
N VAL D 265 2.88 -5.88 28.13
CA VAL D 265 1.46 -5.69 28.38
C VAL D 265 0.67 -6.32 27.24
N GLU D 266 -0.51 -6.82 27.57
CA GLU D 266 -1.52 -7.22 26.58
C GLU D 266 -2.80 -6.48 26.92
N HIS D 267 -3.19 -5.53 26.08
CA HIS D 267 -4.29 -4.63 26.36
C HIS D 267 -5.41 -4.85 25.36
N ASN D 268 -6.65 -4.82 25.85
CA ASN D 268 -7.84 -4.87 24.99
C ASN D 268 -8.12 -3.47 24.50
N ALA D 269 -7.47 -3.09 23.39
CA ALA D 269 -7.53 -1.72 22.90
C ALA D 269 -8.95 -1.33 22.52
N ALA D 270 -9.67 -2.23 21.86
CA ALA D 270 -11.03 -1.97 21.41
C ALA D 270 -11.76 -3.30 21.29
N SER D 271 -12.99 -3.24 20.80
CA SER D 271 -13.78 -4.44 20.58
C SER D 271 -13.28 -5.25 19.39
N TRP D 272 -12.39 -4.70 18.58
CA TRP D 272 -11.83 -5.38 17.43
C TRP D 272 -10.31 -5.47 17.48
N LEU D 273 -9.67 -4.94 18.51
CA LEU D 273 -8.22 -4.84 18.55
C LEU D 273 -7.71 -5.26 19.93
N VAL D 274 -6.58 -5.95 19.94
CA VAL D 274 -5.83 -6.24 21.15
C VAL D 274 -4.35 -6.00 20.84
N LEU D 275 -3.70 -5.19 21.66
CA LEU D 275 -2.33 -4.75 21.41
C LEU D 275 -1.39 -5.38 22.43
N ARG D 276 -0.29 -5.96 21.93
CA ARG D 276 0.69 -6.64 22.77
C ARG D 276 2.09 -6.12 22.46
N ALA D 277 2.86 -5.82 23.50
CA ALA D 277 4.22 -5.35 23.33
C ALA D 277 5.06 -5.77 24.51
N SER D 278 6.38 -5.83 24.30
CA SER D 278 7.30 -6.25 25.35
C SER D 278 8.70 -5.73 25.04
N VAL D 279 9.50 -5.55 26.10
CA VAL D 279 10.89 -5.17 25.97
C VAL D 279 11.72 -6.01 26.95
N ALA D 280 12.94 -6.33 26.55
CA ALA D 280 13.78 -7.22 27.34
C ALA D 280 15.24 -6.81 27.24
N GLN D 281 16.02 -7.18 28.25
CA GLN D 281 17.45 -6.90 28.32
C GLN D 281 18.11 -7.93 29.23
N ASN D 282 19.43 -8.00 29.14
CA ASN D 282 20.26 -8.81 30.04
C ASN D 282 20.91 -7.84 31.03
N VAL D 283 20.36 -7.76 32.24
CA VAL D 283 20.79 -6.73 33.22
C VAL D 283 22.00 -7.14 34.07
N ILE D 284 23.15 -6.52 33.86
CA ILE D 284 24.42 -6.83 34.60
C ILE D 284 25.01 -8.15 34.09
N LEU D 285 24.33 -9.27 34.34
CA LEU D 285 24.81 -10.61 33.92
C LEU D 285 24.49 -10.83 32.44
N ASN D 286 25.42 -10.49 31.56
CA ASN D 286 25.32 -10.62 30.10
C ASN D 286 26.61 -11.16 29.54
N GLU D 287 27.18 -12.15 30.20
CA GLU D 287 28.54 -12.62 29.91
C GLU D 287 28.51 -14.01 29.31
N THR D 288 29.25 -14.21 28.22
CA THR D 288 29.39 -15.53 27.57
C THR D 288 30.87 -15.84 27.36
N LYS D 289 31.40 -16.81 28.09
CA LYS D 289 32.85 -17.10 27.99
C LYS D 289 33.06 -18.24 26.99
N ASP D 290 34.19 -18.23 26.26
CA ASP D 290 34.55 -19.35 25.36
C ASP D 290 35.59 -20.18 26.11
N ASP D 291 35.49 -21.52 26.15
CA ASP D 291 36.40 -22.34 26.99
C ASP D 291 37.83 -22.42 26.48
N ALA D 292 38.05 -22.45 25.16
CA ALA D 292 39.43 -22.63 24.62
C ALA D 292 40.36 -21.62 25.29
N THR D 293 40.01 -20.34 25.25
CA THR D 293 40.82 -19.28 25.91
C THR D 293 39.99 -18.67 27.03
N GLY D 294 40.29 -17.43 27.42
CA GLY D 294 39.39 -16.78 28.38
C GLY D 294 38.75 -15.55 27.76
N ASN D 295 38.33 -15.67 26.51
CA ASN D 295 37.74 -14.52 25.78
C ASN D 295 36.29 -14.34 26.23
N LYS D 296 35.98 -13.21 26.85
CA LYS D 296 34.59 -12.93 27.29
C LYS D 296 33.96 -11.86 26.38
N THR D 297 32.67 -11.98 26.09
CA THR D 297 31.92 -11.10 25.15
C THR D 297 30.70 -10.51 25.87
N ASP D 298 30.56 -9.18 25.84
CA ASP D 298 29.42 -8.52 26.48
C ASP D 298 28.90 -7.49 25.48
N GLU D 299 27.99 -7.93 24.61
CA GLU D 299 27.48 -7.10 23.53
C GLU D 299 26.06 -6.64 23.84
N ASP D 300 25.45 -5.97 22.87
CA ASP D 300 24.16 -5.34 23.08
C ASP D 300 23.08 -6.41 23.23
N SER D 301 22.08 -6.12 24.05
CA SER D 301 21.07 -7.14 24.36
C SER D 301 19.65 -6.60 24.41
N THR D 302 19.41 -5.33 24.12
CA THR D 302 18.06 -4.77 24.18
C THR D 302 17.26 -5.25 22.99
N ARG D 303 16.06 -5.77 23.25
CA ARG D 303 15.18 -6.20 22.17
C ARG D 303 13.74 -5.89 22.54
N MET D 304 12.87 -5.85 21.53
CA MET D 304 11.45 -5.61 21.75
C MET D 304 10.66 -6.41 20.74
N ALA D 305 9.36 -6.58 21.03
CA ALA D 305 8.45 -7.27 20.14
C ALA D 305 7.06 -6.67 20.29
N ALA D 306 6.32 -6.60 19.19
CA ALA D 306 4.98 -6.06 19.17
C ALA D 306 4.11 -6.91 18.27
N GLY D 307 2.81 -6.88 18.53
CA GLY D 307 1.87 -7.65 17.76
C GLY D 307 0.46 -7.18 18.01
N ALA D 308 -0.47 -7.75 17.25
CA ALA D 308 -1.88 -7.38 17.38
C ALA D 308 -2.75 -8.58 17.02
N GLY D 309 -3.99 -8.52 17.49
CA GLY D 309 -4.96 -9.52 17.14
C GLY D 309 -6.30 -8.91 16.80
N ILE D 310 -6.78 -9.15 15.59
CA ILE D 310 -8.04 -8.57 15.12
C ILE D 310 -9.16 -9.53 15.49
N LYS D 311 -10.10 -9.05 16.31
CA LYS D 311 -11.16 -9.88 16.86
C LYS D 311 -12.44 -9.68 16.06
N PHE D 312 -12.97 -10.78 15.52
CA PHE D 312 -14.22 -10.76 14.79
C PHE D 312 -15.23 -11.68 15.47
N GLY D 313 -15.33 -11.59 16.79
CA GLY D 313 -16.19 -12.48 17.54
C GLY D 313 -15.50 -13.79 17.87
N LYS D 314 -15.98 -14.88 17.28
CA LYS D 314 -15.37 -16.18 17.47
C LYS D 314 -14.17 -16.41 16.56
N SER D 315 -13.83 -15.45 15.71
CA SER D 315 -12.65 -15.52 14.86
C SER D 315 -11.67 -14.45 15.30
N VAL D 316 -10.42 -14.85 15.48
CA VAL D 316 -9.33 -13.92 15.81
C VAL D 316 -8.19 -14.18 14.85
N ILE D 317 -7.60 -13.12 14.33
CA ILE D 317 -6.42 -13.20 13.49
C ILE D 317 -5.28 -12.52 14.25
N ASP D 318 -4.28 -13.31 14.64
CA ASP D 318 -3.13 -12.80 15.37
C ASP D 318 -1.93 -12.68 14.44
N ALA D 319 -1.20 -11.58 14.56
CA ALA D 319 -0.03 -11.34 13.75
C ALA D 319 0.99 -10.57 14.57
N SER D 320 2.16 -10.39 13.99
CA SER D 320 3.21 -9.58 14.59
C SER D 320 3.51 -8.42 13.66
N PHE D 321 3.62 -7.22 14.21
CA PHE D 321 3.96 -6.04 13.41
C PHE D 321 5.30 -6.26 12.71
N ALA D 322 5.27 -6.34 11.39
CA ALA D 322 6.48 -6.66 10.64
C ALA D 322 7.51 -5.56 10.72
N GLY D 323 7.08 -4.32 10.87
CA GLY D 323 8.00 -3.20 10.95
C GLY D 323 8.52 -2.91 12.33
N SER D 324 8.36 -3.84 13.27
CA SER D 324 8.79 -3.60 14.64
C SER D 324 10.30 -3.42 14.72
N THR D 325 11.07 -4.25 14.02
CA THR D 325 12.53 -4.15 14.07
C THR D 325 13.05 -2.91 13.35
N THR D 326 12.24 -2.26 12.52
CA THR D 326 12.59 -1.00 11.91
C THR D 326 11.79 0.18 12.43
N GLY D 327 10.75 -0.07 13.24
CA GLY D 327 9.93 0.99 13.78
C GLY D 327 9.10 1.72 12.76
N VAL D 328 8.46 1.01 11.84
CA VAL D 328 7.62 1.60 10.81
C VAL D 328 6.30 0.85 10.76
N ILE D 329 5.21 1.58 10.66
CA ILE D 329 3.89 1.03 10.37
C ILE D 329 3.45 1.66 9.06
N ASN D 330 3.63 0.94 7.96
CA ASN D 330 3.08 1.34 6.68
C ASN D 330 2.33 0.14 6.12
N ALA D 331 1.74 0.31 4.94
CA ALA D 331 1.04 -0.80 4.32
C ALA D 331 1.97 -1.79 3.64
N ASN D 332 3.21 -1.41 3.36
CA ASN D 332 4.18 -2.34 2.82
C ASN D 332 4.72 -3.27 3.90
N ASN D 333 4.74 -2.83 5.15
CA ASN D 333 5.18 -3.61 6.31
C ASN D 333 4.09 -3.48 7.37
N LEU D 334 3.07 -4.31 7.31
CA LEU D 334 1.99 -4.24 8.29
C LEU D 334 1.93 -5.48 9.18
N PHE D 335 1.73 -6.67 8.61
CA PHE D 335 1.52 -7.86 9.41
C PHE D 335 2.43 -8.97 8.94
N SER D 336 2.83 -9.81 9.89
CA SER D 336 3.67 -10.98 9.63
C SER D 336 3.29 -12.05 10.64
N GLN D 337 3.68 -13.29 10.34
CA GLN D 337 3.45 -14.41 11.24
C GLN D 337 1.97 -14.55 11.57
N VAL D 338 1.14 -14.49 10.54
CA VAL D 338 -0.31 -14.48 10.72
C VAL D 338 -0.80 -15.89 11.06
N ALA D 339 -1.72 -15.98 12.01
CA ALA D 339 -2.38 -17.21 12.36
C ALA D 339 -3.86 -16.93 12.59
N TYR D 340 -4.69 -17.92 12.29
CA TYR D 340 -6.13 -17.79 12.41
C TYR D 340 -6.65 -18.75 13.47
N THR D 341 -7.39 -18.23 14.43
CA THR D 341 -7.93 -19.02 15.53
C THR D 341 -9.45 -18.92 15.54
N TYR D 342 -10.11 -20.05 15.73
CA TYR D 342 -11.56 -20.11 15.76
C TYR D 342 -12.03 -20.80 17.02
N THR D 343 -12.67 -20.06 17.91
CA THR D 343 -13.14 -20.59 19.18
C THR D 343 -14.55 -21.13 19.01
N PHE D 344 -14.67 -22.43 19.27
CA PHE D 344 -15.97 -23.10 19.03
C PHE D 344 -16.97 -22.58 20.06
N SER E 1 6.75 9.97 23.96
CA SER E 1 7.50 9.27 22.92
C SER E 1 8.52 10.18 22.25
N LYS E 2 9.52 9.59 21.60
CA LYS E 2 10.50 10.38 20.87
C LYS E 2 9.85 11.15 19.73
N ALA E 3 8.95 10.51 19.00
CA ALA E 3 8.27 11.16 17.88
C ALA E 3 7.41 12.32 18.37
N ARG E 4 6.74 12.14 19.51
CA ARG E 4 5.92 13.22 20.06
C ARG E 4 6.77 14.44 20.40
N VAL E 5 7.93 14.21 21.01
CA VAL E 5 8.79 15.33 21.38
C VAL E 5 9.40 15.97 20.13
N GLU E 6 9.67 15.18 19.10
CA GLU E 6 10.27 15.73 17.89
C GLU E 6 9.26 16.55 17.08
N ALA E 7 8.02 16.07 16.98
CA ALA E 7 7.01 16.80 16.22
C ALA E 7 6.71 18.16 16.82
N LEU E 8 6.92 18.32 18.11
CA LEU E 8 6.75 19.61 18.78
C LEU E 8 8.05 20.39 18.89
N ALA E 9 9.10 19.93 18.21
CA ALA E 9 10.35 20.69 18.04
C ALA E 9 11.09 20.93 19.35
N ASN E 10 10.97 19.98 20.29
CA ASN E 10 11.60 20.10 21.61
C ASN E 10 11.24 21.42 22.26
N SER E 11 9.94 21.59 22.48
CA SER E 11 9.38 22.89 22.82
C SER E 11 9.76 23.38 24.21
N ARG E 12 10.33 22.53 25.07
CA ARG E 12 10.79 22.89 26.41
C ARG E 12 9.62 23.13 27.34
N HIS E 13 8.41 23.17 26.80
CA HIS E 13 7.19 23.21 27.59
C HIS E 13 6.46 21.87 27.59
N VAL E 14 6.99 20.88 26.91
CA VAL E 14 6.34 19.59 26.72
C VAL E 14 6.70 18.69 27.90
N LEU E 15 5.68 18.06 28.49
CA LEU E 15 5.86 17.11 29.58
C LEU E 15 5.70 15.70 29.02
N ASP E 16 6.79 14.95 28.98
CA ASP E 16 6.78 13.62 28.40
C ASP E 16 7.79 12.74 29.15
N PHE E 17 7.67 11.43 28.91
CA PHE E 17 8.63 10.50 29.49
C PHE E 17 10.05 10.80 29.01
N GLN E 18 10.22 11.08 27.72
CA GLN E 18 11.54 11.28 27.16
C GLN E 18 12.17 12.61 27.55
N THR E 19 11.38 13.50 28.13
CA THR E 19 11.90 14.84 28.50
C THR E 19 12.17 14.91 30.01
N ALA E 20 12.00 13.81 30.73
CA ALA E 20 12.11 13.83 32.20
C ALA E 20 13.40 13.16 32.65
N PHE E 21 14.15 12.56 31.72
CA PHE E 21 15.43 11.91 32.07
C PHE E 21 16.46 12.99 32.41
N ASP E 22 16.18 14.24 32.06
CA ASP E 22 17.10 15.39 32.32
C ASP E 22 16.40 16.33 33.26
N ARG E 23 15.12 16.12 33.48
CA ARG E 23 14.34 16.91 34.44
C ARG E 23 13.57 15.95 35.33
N PRO E 24 14.24 15.28 36.27
CA PRO E 24 13.59 14.18 36.99
C PRO E 24 12.45 14.60 37.90
N TYR E 25 12.30 15.89 38.22
CA TYR E 25 11.13 16.32 38.97
C TYR E 25 9.85 16.12 38.18
N GLN E 26 9.96 15.96 36.86
CA GLN E 26 8.80 15.72 36.01
C GLN E 26 8.25 14.33 36.17
N PHE E 27 9.04 13.39 36.70
CA PHE E 27 8.52 12.05 36.96
C PHE E 27 7.43 12.06 38.04
N MET E 28 7.42 13.08 38.89
CA MET E 28 6.34 13.24 39.85
C MET E 28 5.10 13.84 39.21
N ALA E 29 5.29 14.73 38.22
CA ALA E 29 4.15 15.35 37.54
C ALA E 29 3.58 14.50 36.42
N LEU E 30 4.32 13.49 35.97
CA LEU E 30 3.80 12.57 34.96
C LEU E 30 2.75 11.66 35.57
N SER E 31 2.21 10.78 34.75
CA SER E 31 1.32 9.72 35.21
C SER E 31 2.05 8.39 35.16
N GLU E 32 1.47 7.40 35.81
CA GLU E 32 2.04 6.05 35.79
C GLU E 32 1.96 5.48 34.38
N GLN E 33 3.09 5.25 33.74
CA GLN E 33 3.03 4.80 32.34
C GLN E 33 4.09 3.74 32.06
N ALA E 34 3.83 2.87 31.10
CA ALA E 34 4.86 1.94 30.62
C ALA E 34 5.10 2.38 29.16
N THR E 35 6.33 2.41 28.69
CA THR E 35 6.62 2.94 27.32
C THR E 35 7.58 2.00 26.58
N ILE E 36 7.33 1.70 25.31
CA ILE E 36 8.27 0.88 24.49
C ILE E 36 8.52 1.59 23.15
N GLU E 37 9.78 1.75 22.74
CA GLU E 37 10.14 2.37 21.44
C GLU E 37 10.56 1.26 20.50
N TRP E 38 9.93 1.17 19.33
CA TRP E 38 10.18 0.06 18.37
C TRP E 38 11.57 0.20 17.75
N GLY E 39 12.25 -0.92 17.50
CA GLY E 39 13.62 -0.83 17.02
C GLY E 39 14.36 -2.14 17.09
N ASN E 40 15.65 -2.12 16.78
CA ASN E 40 16.45 -3.33 16.65
C ASN E 40 17.47 -3.43 17.77
N THR E 41 18.12 -4.60 17.85
CA THR E 41 18.98 -4.97 18.96
C THR E 41 20.40 -4.43 18.82
N GLY E 42 20.96 -4.43 17.61
CA GLY E 42 22.35 -4.04 17.46
C GLY E 42 22.57 -2.54 17.52
N ASP E 43 23.47 -2.04 16.66
CA ASP E 43 23.69 -0.60 16.51
C ASP E 43 22.86 -0.07 15.33
N ALA E 44 21.55 -0.19 15.48
CA ALA E 44 20.60 0.18 14.44
C ALA E 44 19.76 1.36 14.88
N ASN E 45 19.27 2.12 13.89
CA ASN E 45 18.38 3.24 14.14
C ASN E 45 17.02 2.94 13.54
N PRO E 46 15.95 2.95 14.33
CA PRO E 46 15.88 3.22 15.76
C PRO E 46 16.33 2.03 16.62
N HIS E 47 16.77 2.29 17.84
CA HIS E 47 17.15 1.26 18.78
C HIS E 47 15.97 0.91 19.67
N ALA E 48 15.92 -0.35 20.11
CA ALA E 48 14.88 -0.78 21.02
C ALA E 48 15.08 -0.17 22.40
N GLU E 49 14.01 0.34 22.98
CA GLU E 49 14.04 0.97 24.28
C GLU E 49 12.73 0.68 24.99
N GLY E 50 12.73 0.84 26.31
CA GLY E 50 11.52 0.63 27.07
C GLY E 50 11.78 0.87 28.54
N GLY E 51 10.68 1.12 29.25
CA GLY E 51 10.78 1.42 30.66
C GLY E 51 9.40 1.59 31.26
N PHE E 52 9.40 2.07 32.51
CA PHE E 52 8.17 2.26 33.25
C PHE E 52 8.41 3.32 34.33
N VAL E 53 7.31 3.88 34.83
CA VAL E 53 7.34 4.76 35.99
C VAL E 53 6.12 4.46 36.84
N LYS E 54 6.33 4.35 38.15
CA LYS E 54 5.22 4.02 39.06
C LYS E 54 5.30 4.94 40.26
N ARG E 55 4.22 5.06 41.01
CA ARG E 55 4.12 5.89 42.19
C ARG E 55 4.25 5.03 43.43
N HIS E 56 5.09 5.46 44.37
CA HIS E 56 5.24 4.79 45.67
C HIS E 56 4.41 5.57 46.68
N GLY E 57 3.14 5.20 46.79
CA GLY E 57 2.23 5.91 47.67
C GLY E 57 1.61 7.10 46.96
N ASP E 58 1.80 8.29 47.53
CA ASP E 58 1.22 9.50 46.97
C ASP E 58 2.23 10.65 46.92
N ASP E 59 3.50 10.40 47.22
CA ASP E 59 4.49 11.46 47.21
C ASP E 59 5.83 11.02 46.63
N SER E 60 5.91 9.80 46.08
CA SER E 60 7.16 9.30 45.55
C SER E 60 6.90 8.60 44.22
N ALA E 61 7.94 8.55 43.38
CA ALA E 61 7.84 7.89 42.10
C ALA E 61 9.17 7.25 41.76
N PHE E 62 9.12 6.01 41.27
CA PHE E 62 10.31 5.26 40.90
C PHE E 62 10.08 4.56 39.56
N GLY E 63 11.18 4.25 38.89
CA GLY E 63 11.08 3.55 37.62
C GLY E 63 12.45 3.29 37.04
N ALA E 64 12.46 2.56 35.93
CA ALA E 64 13.68 2.16 35.25
C ALA E 64 13.47 2.23 33.74
N TYR E 65 14.58 2.12 33.01
CA TYR E 65 14.53 2.24 31.53
C TYR E 65 15.69 1.47 30.91
N PHE E 66 15.37 0.69 29.81
CA PHE E 66 16.33 -0.19 29.14
C PHE E 66 16.68 0.39 27.78
N GLY E 67 17.96 0.49 27.50
CA GLY E 67 18.43 0.74 26.15
C GLY E 67 18.63 2.17 25.75
N ARG E 68 18.54 3.13 26.67
CA ARG E 68 18.76 4.52 26.31
C ARG E 68 20.24 4.76 26.01
N ARG E 69 20.49 5.55 24.97
CA ARG E 69 21.85 5.85 24.52
C ARG E 69 22.05 7.36 24.52
N SER E 70 23.31 7.65 25.06
CA SER E 70 23.47 9.13 25.19
C SER E 70 23.64 9.74 23.79
N ALA E 71 23.63 11.07 23.71
CA ALA E 71 23.85 11.74 22.41
C ALA E 71 25.30 12.19 22.33
N ASP E 72 25.81 12.71 23.53
CA ASP E 72 27.19 13.24 23.56
C ASP E 72 28.18 12.09 23.36
N PHE E 73 27.85 10.90 23.75
CA PHE E 73 28.73 9.72 23.62
C PHE E 73 28.62 9.17 22.21
N SER E 74 27.39 8.89 21.78
CA SER E 74 27.20 8.27 20.44
C SER E 74 27.77 9.21 19.37
N GLU E 75 27.61 10.52 19.55
CA GLU E 75 28.09 11.46 18.54
C GLU E 75 29.61 11.44 18.45
N ALA E 76 30.31 11.44 19.59
CA ALA E 76 31.77 11.37 19.57
C ALA E 76 32.26 10.04 19.00
N VAL E 77 31.62 8.95 19.38
CA VAL E 77 32.01 7.64 18.85
C VAL E 77 31.81 7.60 17.34
N GLN E 78 30.70 8.16 16.85
CA GLN E 78 30.47 8.22 15.41
C GLN E 78 31.52 9.07 14.72
N THR E 79 31.88 10.20 15.33
CA THR E 79 32.90 11.07 14.75
C THR E 79 34.22 10.34 14.60
N VAL E 80 34.63 9.61 15.64
CA VAL E 80 35.89 8.85 15.54
C VAL E 80 35.74 7.66 14.60
N ARG E 81 34.53 7.13 14.45
CA ARG E 81 34.33 5.89 13.68
C ARG E 81 34.72 6.07 12.22
N ASP E 82 34.26 7.14 11.58
CA ASP E 82 34.55 7.38 10.17
C ASP E 82 35.68 8.39 10.08
N ALA E 83 36.89 7.93 10.35
CA ALA E 83 38.07 8.77 10.30
C ALA E 83 39.32 7.92 10.04
N PHE E 98 38.35 0.09 12.92
CA PHE E 98 38.10 1.51 13.26
C PHE E 98 36.60 1.79 13.24
N ALA E 99 35.85 0.99 12.47
CA ALA E 99 34.39 1.13 12.42
C ALA E 99 33.77 0.09 13.37
N ASP E 100 34.58 -0.48 14.25
CA ASP E 100 34.06 -1.44 15.24
C ASP E 100 34.08 -0.82 16.64
N LEU E 101 34.44 0.45 16.78
CA LEU E 101 34.37 1.11 18.11
C LEU E 101 32.93 0.94 18.60
N MET E 102 32.66 1.00 19.86
CA MET E 102 31.34 0.59 20.42
C MET E 102 30.51 1.77 20.96
N PHE E 103 29.18 1.69 20.90
CA PHE E 103 28.27 2.63 21.52
C PHE E 103 28.00 2.21 22.96
N GLU E 104 27.02 2.83 23.60
CA GLU E 104 26.54 2.38 24.89
C GLU E 104 25.89 1.01 24.72
N GLN E 105 26.38 0.02 25.46
CA GLN E 105 25.89 -1.33 25.24
C GLN E 105 24.60 -1.59 26.00
N ASN E 106 24.65 -1.70 27.32
CA ASN E 106 23.45 -2.03 28.08
C ASN E 106 23.10 -0.81 28.92
N GLY E 107 22.43 0.14 28.30
CA GLY E 107 22.03 1.35 29.01
C GLY E 107 21.02 1.03 30.08
N LEU E 108 21.31 1.44 31.30
CA LEU E 108 20.43 1.20 32.44
C LEU E 108 20.15 2.53 33.12
N ASN E 109 18.87 2.88 33.22
CA ASN E 109 18.49 4.18 33.82
C ASN E 109 17.57 3.88 34.99
N LEU E 110 18.02 4.28 36.13
CA LEU E 110 17.12 4.32 37.27
C LEU E 110 16.85 5.76 37.64
N PHE E 111 15.64 6.03 38.13
CA PHE E 111 15.28 7.36 38.54
C PHE E 111 14.29 7.30 39.69
N TYR E 112 14.17 8.42 40.40
CA TYR E 112 13.32 8.54 41.57
C TYR E 112 12.99 10.00 41.77
N ALA E 113 11.79 10.27 42.29
CA ALA E 113 11.36 11.64 42.51
C ALA E 113 10.44 11.67 43.73
N SER E 114 10.52 12.77 44.52
CA SER E 114 9.67 12.91 45.72
C SER E 114 9.17 14.34 45.84
N LYS E 115 8.18 14.60 46.69
CA LYS E 115 7.65 15.98 46.91
C LYS E 115 7.90 16.41 48.36
N MET E 116 8.95 17.29 48.54
CA MET E 116 9.31 17.80 49.89
C MET E 116 8.58 19.12 50.17
N GLY E 117 7.22 19.04 50.38
CA GLY E 117 6.48 20.28 50.65
C GLY E 117 5.96 20.92 49.39
N GLU E 118 6.47 22.10 49.04
CA GLU E 118 6.07 22.76 47.77
C GLU E 118 7.11 22.46 46.69
N TRP E 119 8.28 21.94 47.10
CA TRP E 119 9.38 21.67 46.13
C TRP E 119 9.37 20.20 45.72
N THR E 120 9.39 19.93 44.42
CA THR E 120 9.54 18.55 43.95
C THR E 120 10.98 18.42 43.46
N TRP E 121 11.62 17.29 43.74
CA TRP E 121 12.99 17.02 43.34
C TRP E 121 13.10 15.59 42.83
N GLY E 122 14.09 15.35 41.97
CA GLY E 122 14.30 14.04 41.40
C GLY E 122 15.74 13.83 41.01
N VAL E 123 16.07 12.57 40.74
CA VAL E 123 17.42 12.18 40.35
C VAL E 123 17.33 10.98 39.42
N THR E 124 18.12 11.00 38.35
CA THR E 124 18.24 9.87 37.45
C THR E 124 19.70 9.45 37.33
N ALA E 125 19.92 8.15 37.24
CA ALA E 125 21.26 7.59 37.15
C ALA E 125 21.35 6.71 35.90
N LYS E 126 22.48 6.77 35.23
CA LYS E 126 22.71 6.05 33.98
C LYS E 126 23.97 5.19 34.12
N TYR E 127 23.86 3.93 33.71
CA TYR E 127 25.01 3.04 33.70
C TYR E 127 24.98 2.19 32.44
N SER E 128 26.17 1.90 31.90
CA SER E 128 26.30 1.09 30.69
C SER E 128 27.65 0.40 30.70
N ASN E 129 27.68 -0.84 30.21
CA ASN E 129 28.93 -1.60 30.15
C ASN E 129 28.80 -2.72 29.14
N GLY E 130 29.84 -2.90 28.34
CA GLY E 130 29.88 -3.97 27.37
C GLY E 130 31.27 -4.11 26.78
N LYS E 131 31.59 -5.33 26.34
CA LYS E 131 32.95 -5.63 25.91
C LYS E 131 32.94 -6.78 24.92
N ASN E 132 34.04 -6.87 24.15
CA ASN E 132 34.27 -7.98 23.23
C ASN E 132 35.76 -8.27 23.25
N GLU E 133 36.15 -9.46 23.71
CA GLU E 133 37.54 -9.82 23.92
C GLU E 133 38.09 -10.71 22.82
N ASP E 134 37.37 -10.84 21.70
CA ASP E 134 37.88 -11.61 20.57
C ASP E 134 39.14 -10.95 20.03
N PRO E 135 40.19 -11.68 19.58
CA PRO E 135 41.39 -11.00 19.08
C PRO E 135 41.12 -10.07 17.89
N THR E 136 40.21 -10.43 16.99
CA THR E 136 39.90 -9.56 15.87
C THR E 136 38.93 -8.44 16.20
N VAL E 137 38.30 -8.47 17.38
CA VAL E 137 37.40 -7.41 17.84
C VAL E 137 37.80 -7.08 19.28
N GLY E 138 38.63 -6.06 19.45
CA GLY E 138 39.05 -5.65 20.79
C GLY E 138 38.30 -4.46 21.36
N THR E 139 37.00 -4.60 21.58
CA THR E 139 36.15 -3.47 21.95
C THR E 139 35.65 -3.57 23.39
N LYS E 140 35.48 -2.41 24.02
CA LYS E 140 34.85 -2.29 25.33
C LYS E 140 34.33 -0.87 25.49
N ALA E 141 33.26 -0.72 26.26
CA ALA E 141 32.63 0.58 26.43
C ALA E 141 31.97 0.68 27.80
N THR E 142 32.20 1.80 28.48
CA THR E 142 31.70 2.02 29.83
C THR E 142 31.16 3.44 29.94
N SER E 143 29.98 3.60 30.56
CA SER E 143 29.36 4.91 30.71
C SER E 143 28.68 5.01 32.07
N ALA E 144 28.66 6.21 32.62
CA ALA E 144 28.03 6.47 33.91
C ALA E 144 27.79 7.96 34.07
N GLY E 145 26.66 8.32 34.67
CA GLY E 145 26.34 9.71 34.91
C GLY E 145 25.08 9.84 35.74
N VAL E 146 24.87 11.05 36.26
CA VAL E 146 23.72 11.34 37.10
C VAL E 146 23.10 12.66 36.65
N ALA E 147 21.83 12.85 37.02
CA ALA E 147 21.11 14.09 36.75
C ALA E 147 20.22 14.40 37.93
N VAL E 148 20.36 15.61 38.49
CA VAL E 148 19.61 16.03 39.66
C VAL E 148 18.86 17.31 39.29
N ALA E 149 17.59 17.38 39.69
CA ALA E 149 16.79 18.56 39.41
C ALA E 149 15.76 18.77 40.51
N ALA E 150 15.48 20.03 40.79
CA ALA E 150 14.46 20.43 41.75
C ALA E 150 13.58 21.48 41.13
N SER E 151 12.31 21.51 41.53
CA SER E 151 11.36 22.45 40.97
C SER E 151 10.40 22.93 42.05
N ASN E 152 9.77 24.06 41.75
CA ASN E 152 8.83 24.71 42.64
C ASN E 152 7.46 24.93 42.00
N GLY E 153 7.37 24.92 40.67
CA GLY E 153 6.21 25.34 39.94
C GLY E 153 6.36 26.72 39.33
N THR E 154 7.09 27.60 40.00
CA THR E 154 7.46 28.92 39.51
C THR E 154 8.94 29.02 39.18
N TRP E 155 9.80 28.39 39.96
CA TRP E 155 11.23 28.31 39.68
C TRP E 155 11.59 26.90 39.26
N ASP E 156 12.74 26.77 38.62
CA ASP E 156 13.15 25.49 38.05
C ASP E 156 14.66 25.41 38.02
N PHE E 157 15.21 24.28 38.47
CA PHE E 157 16.66 24.07 38.48
C PHE E 157 16.96 22.64 38.07
N GLU E 158 17.98 22.48 37.24
CA GLU E 158 18.38 21.18 36.73
C GLU E 158 19.91 21.09 36.68
N LEU E 159 20.42 19.87 36.69
CA LEU E 159 21.86 19.65 36.64
C LEU E 159 22.11 18.26 36.08
N VAL E 160 23.00 18.17 35.09
CA VAL E 160 23.36 16.90 34.46
C VAL E 160 24.88 16.77 34.55
N GLN E 161 25.34 15.64 35.07
CA GLN E 161 26.76 15.39 35.29
C GLN E 161 27.12 14.04 34.69
N GLY E 162 28.22 13.99 33.95
CA GLY E 162 28.73 12.75 33.41
C GLY E 162 30.00 12.31 34.11
N PHE E 163 30.00 11.10 34.67
CA PHE E 163 31.13 10.63 35.46
C PHE E 163 32.22 10.02 34.58
N THR E 164 31.89 8.97 33.84
CA THR E 164 32.85 8.26 33.00
C THR E 164 32.27 8.03 31.62
N GLY E 165 33.15 7.99 30.62
CA GLY E 165 32.81 7.59 29.28
C GLY E 165 34.04 7.13 28.53
N LYS E 166 33.99 5.93 27.95
CA LYS E 166 35.20 5.35 27.37
C LYS E 166 34.81 4.36 26.29
N SER E 167 35.67 4.26 25.28
CA SER E 167 35.50 3.28 24.20
C SER E 167 36.85 3.04 23.56
N GLU E 168 37.31 1.71 23.67
CA GLU E 168 38.67 1.40 23.18
C GLU E 168 38.62 0.27 22.14
N LEU E 169 39.50 0.28 21.16
CA LEU E 169 39.58 -0.83 20.16
C LEU E 169 41.04 -1.21 19.96
N ASP E 170 41.50 -2.27 20.62
CA ASP E 170 42.89 -2.80 20.46
C ASP E 170 42.85 -4.15 19.74
N ASN E 171 42.96 -4.14 18.42
CA ASN E 171 42.92 -5.40 17.64
C ASN E 171 43.84 -5.30 16.43
N GLY E 172 44.66 -6.32 16.17
CA GLY E 172 45.49 -6.36 14.95
C GLY E 172 46.24 -5.08 14.66
N THR E 173 47.05 -4.59 15.61
CA THR E 173 47.90 -3.38 15.42
C THR E 173 47.08 -2.11 15.17
N VAL E 174 45.77 -2.12 15.45
CA VAL E 174 44.96 -0.86 15.33
C VAL E 174 44.47 -0.49 16.74
N THR E 175 44.83 0.80 17.15
CA THR E 175 44.47 1.25 18.52
C THR E 175 43.62 2.52 18.43
N ALA E 176 42.42 2.53 19.15
CA ALA E 176 41.56 3.73 19.09
C ALA E 176 40.88 3.94 20.45
N GLU E 177 40.71 5.20 20.87
CA GLU E 177 40.10 5.48 22.16
C GLU E 177 39.34 6.80 22.10
N VAL E 178 38.24 6.86 22.85
CA VAL E 178 37.51 8.11 23.09
C VAL E 178 37.17 8.16 24.57
N GLU E 179 37.49 9.28 25.21
CA GLU E 179 37.30 9.42 26.65
C GLU E 179 36.64 10.75 26.97
N SER E 180 35.66 10.73 27.86
CA SER E 180 34.95 11.93 28.30
C SER E 180 35.69 12.55 29.48
N LYS E 181 36.16 13.78 29.31
CA LYS E 181 36.87 14.49 30.35
C LYS E 181 35.98 15.44 31.15
N GLY E 182 34.69 15.41 30.92
CA GLY E 182 33.75 16.26 31.64
C GLY E 182 32.50 16.49 30.82
N LEU E 183 31.38 16.62 31.54
CA LEU E 183 30.09 16.88 30.89
C LEU E 183 29.19 17.57 31.92
N THR E 184 29.06 18.88 31.79
CA THR E 184 28.24 19.69 32.67
C THR E 184 27.08 20.30 31.88
N ASN E 185 25.93 20.43 32.55
CA ASN E 185 24.72 20.90 31.87
C ASN E 185 23.79 21.49 32.94
N VAL E 186 23.76 22.81 33.03
CA VAL E 186 23.00 23.53 34.06
C VAL E 186 21.87 24.30 33.40
N THR E 187 20.66 24.15 33.93
CA THR E 187 19.48 24.80 33.37
C THR E 187 18.70 25.49 34.48
N VAL E 188 18.26 26.71 34.23
CA VAL E 188 17.44 27.49 35.15
C VAL E 188 16.19 27.92 34.39
N GLY E 189 15.03 27.75 35.02
CA GLY E 189 13.77 28.11 34.39
C GLY E 189 12.89 28.92 35.32
N TYR E 190 12.17 29.86 34.74
CA TYR E 190 11.24 30.72 35.48
C TYR E 190 9.92 30.76 34.75
N HIS E 191 8.83 30.65 35.48
CA HIS E 191 7.48 30.66 34.91
C HIS E 191 6.78 31.93 35.37
N MET E 192 6.75 32.94 34.50
CA MET E 192 6.06 34.18 34.83
C MET E 192 4.55 34.00 34.85
N SER E 193 4.04 32.93 34.27
CA SER E 193 2.61 32.66 34.13
C SER E 193 2.47 31.23 33.67
N PRO E 194 1.29 30.60 33.77
CA PRO E 194 1.11 29.26 33.25
C PRO E 194 1.04 29.17 31.72
N GLU E 195 1.33 30.27 31.03
CA GLU E 195 1.42 30.32 29.58
C GLU E 195 2.80 30.67 29.06
N MET E 196 3.54 31.52 29.78
CA MET E 196 4.82 32.04 29.32
C MET E 196 5.92 31.66 30.31
N GLU E 197 7.09 31.30 29.77
CA GLU E 197 8.23 30.91 30.60
C GLU E 197 9.52 31.30 29.91
N VAL E 198 10.55 31.54 30.73
CA VAL E 198 11.88 31.93 30.26
C VAL E 198 12.89 31.00 30.91
N TYR E 199 13.91 30.61 30.14
CA TYR E 199 14.89 29.65 30.62
C TYR E 199 16.28 30.03 30.13
N GLY E 200 17.30 29.41 30.72
CA GLY E 200 18.70 29.65 30.32
C GLY E 200 19.51 28.38 30.52
N ASN E 201 20.60 28.20 29.78
CA ASN E 201 21.36 26.93 29.87
C ASN E 201 22.82 27.14 29.51
N VAL E 202 23.72 26.44 30.30
CA VAL E 202 25.18 26.46 29.98
C VAL E 202 25.63 25.01 29.91
N LYS E 203 26.35 24.65 28.80
CA LYS E 203 26.79 23.24 28.67
C LYS E 203 28.26 23.20 28.24
N MET E 204 29.13 22.59 29.07
CA MET E 204 30.54 22.41 28.66
C MET E 204 30.78 20.93 28.38
N SER E 205 31.58 20.62 27.36
CA SER E 205 31.93 19.22 27.04
C SER E 205 33.35 19.17 26.47
N LYS E 206 34.28 18.56 27.20
CA LYS E 206 35.67 18.37 26.75
C LYS E 206 35.89 16.88 26.56
N VAL E 207 36.20 16.45 25.34
CA VAL E 207 36.47 15.00 25.06
C VAL E 207 37.86 14.88 24.41
N GLU E 208 38.59 13.83 24.63
CA GLU E 208 39.93 13.63 24.04
C GLU E 208 39.99 12.21 23.47
N ALA E 209 40.55 12.02 22.30
CA ALA E 209 40.55 10.71 21.63
C ALA E 209 41.91 10.40 21.01
N ASP E 210 42.23 9.11 20.79
CA ASP E 210 43.49 8.72 20.11
C ASP E 210 43.14 7.81 18.94
N LEU E 211 43.33 8.21 17.71
CA LEU E 211 42.91 7.41 16.53
C LEU E 211 43.91 6.28 16.29
N ASN E 212 45.19 6.50 16.43
CA ASN E 212 46.23 5.44 16.33
C ASN E 212 47.53 6.12 16.70
N GLY E 213 47.61 6.68 17.88
CA GLY E 213 48.79 7.43 18.32
C GLY E 213 48.54 8.90 18.06
N THR E 214 47.54 9.21 17.23
CA THR E 214 47.21 10.62 16.91
C THR E 214 46.24 11.15 17.97
N PRO E 215 46.66 12.09 18.85
CA PRO E 215 45.78 12.65 19.86
C PRO E 215 44.91 13.79 19.31
N ILE E 216 43.61 13.76 19.55
CA ILE E 216 42.72 14.90 19.13
C ILE E 216 41.90 15.34 20.35
N GLU E 217 41.71 16.65 20.56
CA GLU E 217 40.89 17.09 21.67
C GLU E 217 39.90 18.13 21.19
N VAL E 218 38.64 18.00 21.64
CA VAL E 218 37.60 18.98 21.33
C VAL E 218 37.07 19.55 22.63
N GLU E 219 36.53 20.75 22.55
CA GLU E 219 36.03 21.46 23.73
C GLU E 219 34.87 22.34 23.29
N THR E 220 33.66 21.95 23.70
CA THR E 220 32.43 22.60 23.25
C THR E 220 31.81 23.40 24.39
N THR E 221 31.47 24.65 24.10
CA THR E 221 30.79 25.52 25.04
C THR E 221 29.51 26.05 24.41
N SER E 222 28.41 25.95 25.13
CA SER E 222 27.11 26.36 24.62
C SER E 222 26.40 27.25 25.62
N TYR E 223 25.73 28.28 25.13
CA TYR E 223 24.85 29.11 25.93
C TYR E 223 23.48 29.16 25.28
N LYS E 224 22.45 29.36 26.09
CA LYS E 224 21.07 29.27 25.62
C LYS E 224 20.20 30.16 26.48
N VAL E 225 19.48 31.08 25.84
CA VAL E 225 18.44 31.87 26.49
C VAL E 225 17.20 31.77 25.62
N GLY E 226 16.06 31.52 26.24
CA GLY E 226 14.86 31.32 25.44
C GLY E 226 13.57 31.79 26.09
N MET E 227 12.46 31.46 25.44
CA MET E 227 11.12 31.83 25.93
C MET E 227 10.11 30.97 25.20
N VAL E 228 9.05 30.54 25.87
CA VAL E 228 7.96 29.80 25.20
C VAL E 228 6.67 30.49 25.66
N ASN E 229 5.79 30.84 24.72
CA ASN E 229 4.47 31.45 25.06
C ASN E 229 3.37 30.73 24.29
N THR E 230 2.14 31.23 24.38
CA THR E 230 1.00 30.65 23.61
C THR E 230 0.32 31.75 22.80
N LEU E 231 0.20 31.57 21.48
CA LEU E 231 -0.51 32.55 20.60
C LEU E 231 -2.01 32.29 20.72
N ALA E 232 -2.44 31.07 20.43
CA ALA E 232 -3.87 30.71 20.59
C ALA E 232 -4.06 30.07 21.96
N LYS E 233 -4.94 30.63 22.79
CA LYS E 233 -5.21 30.05 24.13
C LYS E 233 -6.53 29.28 24.02
N SER E 234 -6.46 27.97 23.76
CA SER E 234 -7.71 27.21 23.52
C SER E 234 -7.64 25.80 24.08
N GLU E 235 -8.77 25.11 24.09
CA GLU E 235 -8.77 23.68 24.49
C GLU E 235 -8.67 22.88 23.21
N GLU E 236 -8.75 21.54 23.27
CA GLU E 236 -8.54 20.71 22.06
C GLU E 236 -7.05 20.80 21.70
N GLY E 237 -6.49 22.00 21.70
CA GLY E 237 -5.05 22.19 21.44
C GLY E 237 -4.59 23.58 21.77
N ASN E 238 -3.27 23.75 21.95
CA ASN E 238 -2.72 25.11 22.16
C ASN E 238 -1.70 25.38 21.05
N PHE E 239 -1.77 26.57 20.44
CA PHE E 239 -0.77 26.94 19.42
C PHE E 239 0.36 27.60 20.20
N PHE E 240 1.53 26.98 20.23
CA PHE E 240 2.67 27.51 21.01
C PHE E 240 3.68 28.17 20.08
N TYR E 241 4.47 29.09 20.61
CA TYR E 241 5.53 29.75 19.82
C TYR E 241 6.74 29.96 20.74
N GLY E 242 7.95 29.94 20.19
CA GLY E 242 9.11 30.18 21.01
C GLY E 242 10.29 30.82 20.32
N VAL E 243 10.90 31.79 20.99
CA VAL E 243 12.11 32.45 20.54
C VAL E 243 13.27 31.94 21.38
N GLU E 244 14.47 32.03 20.82
CA GLU E 244 15.64 31.46 21.48
C GLU E 244 16.90 32.01 20.86
N VAL E 245 17.91 32.26 21.69
CA VAL E 245 19.23 32.69 21.24
C VAL E 245 20.23 31.63 21.69
N ALA E 246 21.03 31.14 20.74
CA ALA E 246 22.00 30.09 21.03
C ALA E 246 23.35 30.44 20.44
N SER E 247 24.39 30.39 21.26
CA SER E 247 25.76 30.58 20.79
C SER E 247 26.59 29.38 21.20
N THR E 248 27.23 28.75 20.21
CA THR E 248 28.03 27.56 20.42
C THR E 248 29.45 27.81 19.95
N LYS E 249 30.42 27.59 20.83
CA LYS E 249 31.82 27.79 20.53
C LYS E 249 32.57 26.48 20.68
N VAL E 250 33.17 26.01 19.59
CA VAL E 250 34.03 24.84 19.59
C VAL E 250 35.45 25.36 19.44
N LYS E 251 36.31 25.07 20.41
CA LYS E 251 37.64 25.66 20.47
C LYS E 251 38.45 25.30 19.24
N ASP E 252 38.94 26.34 18.55
CA ASP E 252 39.86 26.21 17.42
C ASP E 252 39.22 25.47 16.24
N ASP E 253 37.89 25.41 16.24
CA ASP E 253 37.22 24.77 15.12
C ASP E 253 36.18 25.65 14.44
N SER E 254 35.35 26.33 15.23
CA SER E 254 34.21 27.05 14.69
C SER E 254 33.53 27.84 15.79
N GLU E 255 32.58 28.68 15.40
CA GLU E 255 31.81 29.49 16.33
C GLU E 255 30.48 29.83 15.70
N SER E 256 29.38 29.57 16.42
CA SER E 256 28.04 29.76 15.91
C SER E 256 27.28 30.77 16.76
N LEU E 257 26.19 31.28 16.18
CA LEU E 257 25.27 32.15 16.89
C LEU E 257 23.95 32.14 16.12
N LEU E 258 22.90 31.59 16.72
CA LEU E 258 21.65 31.37 16.04
C LEU E 258 20.50 31.99 16.83
N LEU E 259 19.40 32.25 16.13
CA LEU E 259 18.18 32.75 16.74
C LEU E 259 17.00 31.93 16.24
N PRO E 260 16.87 30.68 16.68
CA PRO E 260 15.80 29.82 16.17
C PRO E 260 14.44 30.23 16.72
N VAL E 261 13.49 30.44 15.81
CA VAL E 261 12.11 30.75 16.16
C VAL E 261 11.24 29.62 15.64
N TYR E 262 10.40 29.08 16.51
CA TYR E 262 9.53 27.96 16.14
C TYR E 262 8.11 28.23 16.62
N MET E 263 7.16 27.66 15.90
CA MET E 263 5.74 27.73 16.24
C MET E 263 5.08 26.42 15.84
N GLY E 264 4.11 26.01 16.65
CA GLY E 264 3.47 24.73 16.40
C GLY E 264 2.28 24.52 17.30
N VAL E 265 1.59 23.41 17.08
CA VAL E 265 0.37 23.10 17.80
C VAL E 265 0.30 21.60 18.04
N GLU E 266 -0.41 21.22 19.11
CA GLU E 266 -0.73 19.80 19.39
C GLU E 266 -2.24 19.80 19.50
N HIS E 267 -2.95 19.01 18.68
CA HIS E 267 -4.43 19.09 18.67
C HIS E 267 -5.09 17.72 18.81
N ASN E 268 -6.15 17.64 19.62
CA ASN E 268 -6.94 16.40 19.73
C ASN E 268 -7.93 16.42 18.57
N ALA E 269 -7.47 16.06 17.37
CA ALA E 269 -8.32 16.14 16.18
C ALA E 269 -9.59 15.33 16.39
N ALA E 270 -9.46 14.06 16.77
CA ALA E 270 -10.62 13.16 16.96
C ALA E 270 -10.58 12.55 18.36
N SER E 271 -11.38 11.52 18.63
CA SER E 271 -11.31 10.80 19.93
C SER E 271 -10.25 9.71 19.78
N TRP E 272 -9.66 9.62 18.60
CA TRP E 272 -8.67 8.60 18.33
C TRP E 272 -7.41 9.16 17.69
N LEU E 273 -7.29 10.48 17.57
CA LEU E 273 -6.21 11.07 16.80
C LEU E 273 -5.67 12.30 17.51
N VAL E 274 -4.35 12.44 17.50
CA VAL E 274 -3.68 13.67 17.94
C VAL E 274 -2.71 14.08 16.85
N LEU E 275 -2.83 15.32 16.39
CA LEU E 275 -2.01 15.83 15.30
C LEU E 275 -1.00 16.83 15.83
N ARG E 276 0.26 16.66 15.45
CA ARG E 276 1.34 17.52 15.90
C ARG E 276 2.10 18.04 14.69
N ALA E 277 2.37 19.33 14.68
CA ALA E 277 3.11 19.95 13.58
C ALA E 277 3.83 21.19 14.09
N SER E 278 4.95 21.51 13.47
CA SER E 278 5.71 22.70 13.82
C SER E 278 6.62 23.08 12.64
N VAL E 279 7.04 24.34 12.64
CA VAL E 279 7.96 24.88 11.65
C VAL E 279 8.97 25.77 12.37
N ALA E 280 10.23 25.71 11.95
CA ALA E 280 11.27 26.50 12.58
C ALA E 280 12.21 27.07 11.53
N GLN E 281 12.84 28.18 11.86
CA GLN E 281 13.81 28.84 11.00
C GLN E 281 14.62 29.81 11.83
N ASN E 282 15.92 29.91 11.54
CA ASN E 282 16.78 30.88 12.21
C ASN E 282 16.54 32.25 11.61
N VAL E 283 15.95 33.15 12.38
CA VAL E 283 15.54 34.46 11.88
C VAL E 283 16.68 35.45 12.11
N ILE E 284 17.16 36.06 11.02
CA ILE E 284 18.19 37.10 11.04
C ILE E 284 19.54 36.52 11.44
N LEU E 285 19.60 35.82 12.56
CA LEU E 285 20.85 35.27 13.09
C LEU E 285 20.96 33.81 12.69
N ASN E 286 21.79 33.53 11.68
CA ASN E 286 22.02 32.15 11.25
C ASN E 286 23.47 31.91 10.85
N GLU E 287 24.37 32.77 11.30
CA GLU E 287 25.78 32.70 10.86
C GLU E 287 26.63 31.75 11.69
N THR E 288 27.37 30.86 11.04
CA THR E 288 28.29 29.96 11.71
C THR E 288 29.69 30.23 11.17
N LYS E 289 30.37 31.19 11.78
CA LYS E 289 31.72 31.55 11.36
C LYS E 289 32.69 30.41 11.62
N ASP E 290 33.59 30.15 10.68
CA ASP E 290 34.57 29.09 10.80
C ASP E 290 35.92 29.70 11.17
N ASP E 291 36.50 29.23 12.27
CA ASP E 291 37.74 29.80 12.76
C ASP E 291 38.91 29.42 11.86
N ALA E 292 39.99 30.22 11.97
CA ALA E 292 41.23 30.04 11.23
C ALA E 292 41.07 30.36 9.74
N THR E 293 39.86 30.69 9.32
CA THR E 293 39.61 31.13 7.95
C THR E 293 38.85 32.44 7.88
N GLY E 294 37.90 32.66 8.78
CA GLY E 294 37.05 33.84 8.73
C GLY E 294 35.82 33.71 7.85
N ASN E 295 35.68 32.60 7.14
CA ASN E 295 34.56 32.43 6.23
C ASN E 295 33.30 32.04 6.99
N LYS E 296 32.19 32.68 6.65
CA LYS E 296 30.91 32.43 7.27
C LYS E 296 30.08 31.46 6.42
N THR E 297 28.89 31.15 6.90
CA THR E 297 27.98 30.26 6.18
C THR E 297 26.56 30.56 6.64
N ASP E 298 25.71 30.96 5.70
CA ASP E 298 24.32 31.33 5.98
C ASP E 298 23.44 30.66 4.92
N GLU E 299 23.00 29.44 5.19
CA GLU E 299 22.17 28.70 4.26
C GLU E 299 20.72 28.70 4.72
N ASP E 300 19.86 28.08 3.92
CA ASP E 300 18.46 27.96 4.28
C ASP E 300 18.31 27.01 5.47
N SER E 301 17.43 27.37 6.40
CA SER E 301 17.27 26.62 7.63
C SER E 301 15.81 26.34 7.98
N THR E 302 14.88 26.57 7.08
CA THR E 302 13.47 26.29 7.38
C THR E 302 13.23 24.79 7.40
N ARG E 303 12.57 24.31 8.44
CA ARG E 303 12.38 22.89 8.65
C ARG E 303 11.04 22.67 9.32
N MET E 304 10.49 21.47 9.16
CA MET E 304 9.22 21.14 9.75
C MET E 304 9.25 19.71 10.27
N ALA E 305 8.33 19.42 11.20
CA ALA E 305 8.12 18.08 11.72
C ALA E 305 6.63 17.85 11.90
N ALA E 306 6.18 16.65 11.52
CA ALA E 306 4.78 16.27 11.63
C ALA E 306 4.68 14.89 12.25
N GLY E 307 3.62 14.67 13.02
CA GLY E 307 3.42 13.40 13.68
C GLY E 307 1.98 13.19 14.10
N ALA E 308 1.67 11.94 14.43
CA ALA E 308 0.33 11.55 14.82
C ALA E 308 0.37 10.65 16.05
N GLY E 309 -0.69 10.72 16.85
CA GLY E 309 -0.87 9.79 17.96
C GLY E 309 -2.22 9.11 17.94
N ILE E 310 -2.24 7.81 17.72
CA ILE E 310 -3.48 7.03 17.63
C ILE E 310 -3.83 6.52 19.03
N LYS E 311 -5.04 6.84 19.49
CA LYS E 311 -5.46 6.58 20.86
C LYS E 311 -6.48 5.46 20.90
N PHE E 312 -6.23 4.46 21.74
CA PHE E 312 -7.21 3.42 22.06
C PHE E 312 -7.31 3.37 23.58
N GLY E 313 -8.08 4.29 24.15
CA GLY E 313 -8.19 4.35 25.59
C GLY E 313 -6.86 4.56 26.29
N LYS E 314 -6.38 3.52 26.96
CA LYS E 314 -5.12 3.55 27.69
C LYS E 314 -3.92 3.19 26.84
N SER E 315 -4.12 2.86 25.56
CA SER E 315 -3.05 2.57 24.63
C SER E 315 -2.92 3.71 23.65
N VAL E 316 -1.69 4.19 23.44
CA VAL E 316 -1.42 5.24 22.47
C VAL E 316 -0.23 4.81 21.63
N ILE E 317 -0.36 4.90 20.32
CA ILE E 317 0.74 4.62 19.38
C ILE E 317 1.17 5.95 18.80
N ASP E 318 2.19 6.57 19.38
CA ASP E 318 2.78 7.76 18.81
C ASP E 318 3.69 7.40 17.64
N ALA E 319 3.69 8.25 16.63
CA ALA E 319 4.54 8.04 15.46
C ALA E 319 4.76 9.39 14.81
N SER E 320 5.65 9.39 13.81
CA SER E 320 5.89 10.55 12.97
C SER E 320 5.56 10.18 11.54
N PHE E 321 5.07 11.16 10.79
CA PHE E 321 4.74 10.93 9.38
C PHE E 321 6.02 10.72 8.59
N ALA E 322 6.16 9.52 8.00
CA ALA E 322 7.41 9.15 7.34
C ALA E 322 7.68 10.03 6.13
N GLY E 323 6.64 10.49 5.45
CA GLY E 323 6.79 11.24 4.23
C GLY E 323 6.72 12.74 4.35
N SER E 324 6.84 13.30 5.56
CA SER E 324 6.71 14.75 5.70
C SER E 324 7.83 15.48 4.98
N THR E 325 9.02 14.90 4.95
CA THR E 325 10.17 15.57 4.31
C THR E 325 9.93 15.78 2.81
N THR E 326 9.40 14.77 2.13
CA THR E 326 9.06 14.89 0.73
C THR E 326 7.66 15.47 0.50
N GLY E 327 6.91 15.73 1.56
CA GLY E 327 5.56 16.26 1.45
C GLY E 327 4.52 15.24 1.07
N VAL E 328 4.91 14.01 0.83
CA VAL E 328 4.02 12.97 0.31
C VAL E 328 3.63 12.05 1.46
N ILE E 329 2.35 11.74 1.58
CA ILE E 329 1.93 10.71 2.53
C ILE E 329 1.01 9.72 1.84
N ASN E 330 1.42 8.46 1.83
CA ASN E 330 0.67 7.41 1.18
C ASN E 330 0.87 6.11 1.93
N ALA E 331 0.55 4.98 1.32
CA ALA E 331 0.71 3.70 1.99
C ALA E 331 2.18 3.36 2.23
N ASN E 332 3.05 3.66 1.27
CA ASN E 332 4.46 3.32 1.41
C ASN E 332 5.18 4.21 2.42
N ASN E 333 4.65 5.41 2.70
CA ASN E 333 5.20 6.33 3.70
C ASN E 333 4.06 6.79 4.59
N LEU E 334 3.78 6.04 5.65
CA LEU E 334 2.73 6.43 6.58
C LEU E 334 3.26 6.75 7.96
N PHE E 335 3.91 5.80 8.64
CA PHE E 335 4.31 5.98 10.03
C PHE E 335 5.73 5.45 10.22
N SER E 336 6.56 6.25 10.86
CA SER E 336 7.92 5.85 11.23
C SER E 336 8.21 6.39 12.61
N GLN E 337 9.24 5.85 13.25
CA GLN E 337 9.60 6.22 14.62
C GLN E 337 8.44 5.94 15.58
N VAL E 338 8.04 4.68 15.61
CA VAL E 338 6.84 4.28 16.34
C VAL E 338 7.16 4.03 17.80
N ALA E 339 6.22 4.37 18.67
CA ALA E 339 6.33 4.09 20.09
C ALA E 339 4.97 3.68 20.62
N TYR E 340 4.98 2.84 21.65
CA TYR E 340 3.77 2.36 22.30
C TYR E 340 3.81 2.76 23.76
N THR E 341 2.69 3.26 24.28
CA THR E 341 2.62 3.69 25.70
C THR E 341 1.36 3.14 26.35
N TYR E 342 1.48 2.53 27.52
CA TYR E 342 0.29 2.02 28.27
C TYR E 342 0.19 2.79 29.59
N THR E 343 -0.93 3.49 29.78
CA THR E 343 -1.08 4.32 31.01
C THR E 343 -1.96 3.56 32.00
N PHE E 344 -1.34 2.92 33.01
CA PHE E 344 -2.10 2.18 34.04
C PHE E 344 -3.21 3.07 34.61
#